data_6CED
# 
_entry.id   6CED 
# 
_audit_conform.dict_name       mmcif_pdbx.dic 
_audit_conform.dict_version    5.379 
_audit_conform.dict_location   http://mmcif.pdb.org/dictionaries/ascii/mmcif_pdbx.dic 
# 
loop_
_database_2.database_id 
_database_2.database_code 
_database_2.pdbx_database_accession 
_database_2.pdbx_DOI 
PDB   6CED         pdb_00006ced 10.2210/pdb6ced/pdb 
WWPDB D_1000232615 ?            ?                   
# 
_pdbx_database_status.status_code                     REL 
_pdbx_database_status.status_code_sf                  REL 
_pdbx_database_status.status_code_mr                  ? 
_pdbx_database_status.entry_id                        6CED 
_pdbx_database_status.recvd_initial_deposition_date   2018-02-11 
_pdbx_database_status.SG_entry                        Y 
_pdbx_database_status.deposit_site                    RCSB 
_pdbx_database_status.process_site                    RCSB 
_pdbx_database_status.status_code_cs                  ? 
_pdbx_database_status.methods_development_category    ? 
_pdbx_database_status.pdb_format_compatible           Y 
_pdbx_database_status.status_code_nmr_data            ? 
# 
loop_
_audit_author.name 
_audit_author.pdbx_ordinal 
_audit_author.identifier_ORCID 
'Harding, R.J.'                        1  ? 
'Halabelian, L.'                       2  ? 
'Ferreira de Freitas, R.'              3  ? 
'Franzoni, I.'                         4  ? 
'Ravichandran, M.'                     5  ? 
'Lautens, M.'                          6  ? 
'Santhakumar, V.'                      7  ? 
'Schapira, M.'                         8  ? 
'Bountra, C.'                          9  ? 
'Edwards, A.M.'                        10 ? 
'Arrowsmith, C.M.'                     11 ? 
'Structural Genomics Consortium (SGC)' 12 ? 
# 
_citation.abstract                  ? 
_citation.abstract_id_CAS           ? 
_citation.book_id_ISBN              ? 
_citation.book_publisher            ? 
_citation.book_publisher_city       ? 
_citation.book_title                ? 
_citation.coordinate_linkage        ? 
_citation.country                   US 
_citation.database_id_Medline       ? 
_citation.details                   ? 
_citation.id                        primary 
_citation.journal_abbrev            'J. Med. Chem.' 
_citation.journal_id_ASTM           JMCMAR 
_citation.journal_id_CSD            0151 
_citation.journal_id_ISSN           1520-4804 
_citation.journal_full              ? 
_citation.journal_issue             ? 
_citation.journal_volume            61 
_citation.language                  ? 
_citation.page_first                4517 
_citation.page_last                 4527 
_citation.title                     
'Identification and Structure-Activity Relationship of HDAC6 Zinc-Finger Ubiquitin Binding Domain Inhibitors.' 
_citation.year                      2018 
_citation.database_id_CSD           ? 
_citation.pdbx_database_id_DOI      10.1021/acs.jmedchem.8b00258 
_citation.pdbx_database_id_PubMed   29741882 
_citation.unpublished_flag          ? 
# 
loop_
_citation_author.citation_id 
_citation_author.name 
_citation_author.ordinal 
_citation_author.identifier_ORCID 
primary 'Ferreira de Freitas, R.' 1  ? 
primary 'Harding, R.J.'           2  ? 
primary 'Franzoni, I.'            3  ? 
primary 'Ravichandran, M.'        4  ? 
primary 'Mann, M.K.'              5  ? 
primary 'Ouyang, H.'              6  ? 
primary 'Lautens, M.'             7  ? 
primary 'Santhakumar, V.'         8  ? 
primary 'Arrowsmith, C.H.'        9  ? 
primary 'Schapira, M.'            10 ? 
# 
_cell.length_a           40.720 
_cell.length_b           44.430 
_cell.length_c           55.710 
_cell.angle_alpha        90.000 
_cell.angle_beta         90.000 
_cell.angle_gamma        90.000 
_cell.entry_id           6CED 
_cell.Z_PDB              4 
_cell.pdbx_unique_axis   ? 
# 
_symmetry.space_group_name_H-M             'P 21 21 21' 
_symmetry.entry_id                         6CED 
_symmetry.Int_Tables_number                19 
_symmetry.pdbx_full_space_group_name_H-M   ? 
_symmetry.cell_setting                     ? 
# 
loop_
_entity.id 
_entity.type 
_entity.src_method 
_entity.pdbx_description 
_entity.formula_weight 
_entity.pdbx_number_of_molecules 
_entity.pdbx_ec 
_entity.pdbx_mutation 
_entity.pdbx_fragment 
_entity.details 
1 polymer     man 'Histone deacetylase 6'                                       11932.607 1  3.5.1.98 ? ? ? 
2 non-polymer syn 'ZINC ION'                                                    65.409    3  ?        ? ? ? 
3 non-polymer syn '3-(3-methyl-4-oxo-3,4-dihydroquinazolin-2-yl)propanoic acid' 232.235   1  ?        ? ? ? 
4 non-polymer syn 'UNKNOWN ATOM OR ION'                                         ?         1  ?        ? ? ? 
5 water       nat water                                                         18.015    72 ?        ? ? ? 
# 
_entity_name_com.entity_id   1 
_entity_name_com.name        HD6 
# 
_entity_poly.entity_id                      1 
_entity_poly.type                           'polypeptide(L)' 
_entity_poly.nstd_linkage                   no 
_entity_poly.nstd_monomer                   no 
_entity_poly.pdbx_seq_one_letter_code       
;GSPLPWCPHLVAVCPIPAAGLDVTQPCGDCGTIQENWVCLSCYQVYCGRYINGHMLQHHGNSGHPLVLSYIDLSAWCYYC
QAYVHHQALLDVKNIAHQNKFGEDMPH
;
_entity_poly.pdbx_seq_one_letter_code_can   
;GSPLPWCPHLVAVCPIPAAGLDVTQPCGDCGTIQENWVCLSCYQVYCGRYINGHMLQHHGNSGHPLVLSYIDLSAWCYYC
QAYVHHQALLDVKNIAHQNKFGEDMPH
;
_entity_poly.pdbx_strand_id                 A 
_entity_poly.pdbx_target_identifier         ? 
# 
loop_
_entity_poly_seq.entity_id 
_entity_poly_seq.num 
_entity_poly_seq.mon_id 
_entity_poly_seq.hetero 
1 1   GLY n 
1 2   SER n 
1 3   PRO n 
1 4   LEU n 
1 5   PRO n 
1 6   TRP n 
1 7   CYS n 
1 8   PRO n 
1 9   HIS n 
1 10  LEU n 
1 11  VAL n 
1 12  ALA n 
1 13  VAL n 
1 14  CYS n 
1 15  PRO n 
1 16  ILE n 
1 17  PRO n 
1 18  ALA n 
1 19  ALA n 
1 20  GLY n 
1 21  LEU n 
1 22  ASP n 
1 23  VAL n 
1 24  THR n 
1 25  GLN n 
1 26  PRO n 
1 27  CYS n 
1 28  GLY n 
1 29  ASP n 
1 30  CYS n 
1 31  GLY n 
1 32  THR n 
1 33  ILE n 
1 34  GLN n 
1 35  GLU n 
1 36  ASN n 
1 37  TRP n 
1 38  VAL n 
1 39  CYS n 
1 40  LEU n 
1 41  SER n 
1 42  CYS n 
1 43  TYR n 
1 44  GLN n 
1 45  VAL n 
1 46  TYR n 
1 47  CYS n 
1 48  GLY n 
1 49  ARG n 
1 50  TYR n 
1 51  ILE n 
1 52  ASN n 
1 53  GLY n 
1 54  HIS n 
1 55  MET n 
1 56  LEU n 
1 57  GLN n 
1 58  HIS n 
1 59  HIS n 
1 60  GLY n 
1 61  ASN n 
1 62  SER n 
1 63  GLY n 
1 64  HIS n 
1 65  PRO n 
1 66  LEU n 
1 67  VAL n 
1 68  LEU n 
1 69  SER n 
1 70  TYR n 
1 71  ILE n 
1 72  ASP n 
1 73  LEU n 
1 74  SER n 
1 75  ALA n 
1 76  TRP n 
1 77  CYS n 
1 78  TYR n 
1 79  TYR n 
1 80  CYS n 
1 81  GLN n 
1 82  ALA n 
1 83  TYR n 
1 84  VAL n 
1 85  HIS n 
1 86  HIS n 
1 87  GLN n 
1 88  ALA n 
1 89  LEU n 
1 90  LEU n 
1 91  ASP n 
1 92  VAL n 
1 93  LYS n 
1 94  ASN n 
1 95  ILE n 
1 96  ALA n 
1 97  HIS n 
1 98  GLN n 
1 99  ASN n 
1 100 LYS n 
1 101 PHE n 
1 102 GLY n 
1 103 GLU n 
1 104 ASP n 
1 105 MET n 
1 106 PRO n 
1 107 HIS n 
# 
_entity_src_gen.entity_id                          1 
_entity_src_gen.pdbx_src_id                        1 
_entity_src_gen.pdbx_alt_source_flag               sample 
_entity_src_gen.pdbx_seq_type                      'Biological sequence' 
_entity_src_gen.pdbx_beg_seq_num                   1 
_entity_src_gen.pdbx_end_seq_num                   107 
_entity_src_gen.gene_src_common_name               Human 
_entity_src_gen.gene_src_genus                     ? 
_entity_src_gen.pdbx_gene_src_gene                 'HDAC6, KIAA0901, JM21' 
_entity_src_gen.gene_src_species                   ? 
_entity_src_gen.gene_src_strain                    ? 
_entity_src_gen.gene_src_tissue                    ? 
_entity_src_gen.gene_src_tissue_fraction           ? 
_entity_src_gen.gene_src_details                   ? 
_entity_src_gen.pdbx_gene_src_fragment             ? 
_entity_src_gen.pdbx_gene_src_scientific_name      'Homo sapiens' 
_entity_src_gen.pdbx_gene_src_ncbi_taxonomy_id     9606 
_entity_src_gen.pdbx_gene_src_variant              ? 
_entity_src_gen.pdbx_gene_src_cell_line            ? 
_entity_src_gen.pdbx_gene_src_atcc                 ? 
_entity_src_gen.pdbx_gene_src_organ                ? 
_entity_src_gen.pdbx_gene_src_organelle            ? 
_entity_src_gen.pdbx_gene_src_cell                 ? 
_entity_src_gen.pdbx_gene_src_cellular_location    ? 
_entity_src_gen.host_org_common_name               ? 
_entity_src_gen.pdbx_host_org_scientific_name      'Escherichia coli' 
_entity_src_gen.pdbx_host_org_ncbi_taxonomy_id     469008 
_entity_src_gen.host_org_genus                     ? 
_entity_src_gen.pdbx_host_org_gene                 ? 
_entity_src_gen.pdbx_host_org_organ                ? 
_entity_src_gen.host_org_species                   ? 
_entity_src_gen.pdbx_host_org_tissue               ? 
_entity_src_gen.pdbx_host_org_tissue_fraction      ? 
_entity_src_gen.pdbx_host_org_strain               'BL21 (DE3) codon plus' 
_entity_src_gen.pdbx_host_org_variant              ? 
_entity_src_gen.pdbx_host_org_cell_line            ? 
_entity_src_gen.pdbx_host_org_atcc                 ? 
_entity_src_gen.pdbx_host_org_culture_collection   ? 
_entity_src_gen.pdbx_host_org_cell                 ? 
_entity_src_gen.pdbx_host_org_organelle            ? 
_entity_src_gen.pdbx_host_org_cellular_location    ? 
_entity_src_gen.pdbx_host_org_vector_type          ? 
_entity_src_gen.pdbx_host_org_vector               ? 
_entity_src_gen.host_org_details                   ? 
_entity_src_gen.expression_system_id               ? 
_entity_src_gen.plasmid_name                       pET28-lic 
_entity_src_gen.plasmid_details                    ? 
_entity_src_gen.pdbx_description                   ? 
# 
_struct_ref.id                         1 
_struct_ref.db_name                    UNP 
_struct_ref.db_code                    HDAC6_HUMAN 
_struct_ref.pdbx_db_accession          Q9UBN7 
_struct_ref.pdbx_db_isoform            ? 
_struct_ref.entity_id                  1 
_struct_ref.pdbx_seq_one_letter_code   
;PLPWCPHLVAVCPIPAAGLDVTQPCGDCGTIQENWVCLSCYQVYCGRYINGHMLQHHGNSGHPLVLSYIDLSAWCYYCQA
YVHHQALLDVKNIAHQNKFGEDMPH
;
_struct_ref.pdbx_align_begin           1109 
# 
_struct_ref_seq.align_id                      1 
_struct_ref_seq.ref_id                        1 
_struct_ref_seq.pdbx_PDB_id_code              6CED 
_struct_ref_seq.pdbx_strand_id                A 
_struct_ref_seq.seq_align_beg                 3 
_struct_ref_seq.pdbx_seq_align_beg_ins_code   ? 
_struct_ref_seq.seq_align_end                 107 
_struct_ref_seq.pdbx_seq_align_end_ins_code   ? 
_struct_ref_seq.pdbx_db_accession             Q9UBN7 
_struct_ref_seq.db_align_beg                  1109 
_struct_ref_seq.pdbx_db_align_beg_ins_code    ? 
_struct_ref_seq.db_align_end                  1213 
_struct_ref_seq.pdbx_db_align_end_ins_code    ? 
_struct_ref_seq.pdbx_auth_seq_align_beg       1109 
_struct_ref_seq.pdbx_auth_seq_align_end       1213 
# 
loop_
_struct_ref_seq_dif.align_id 
_struct_ref_seq_dif.pdbx_pdb_id_code 
_struct_ref_seq_dif.mon_id 
_struct_ref_seq_dif.pdbx_pdb_strand_id 
_struct_ref_seq_dif.seq_num 
_struct_ref_seq_dif.pdbx_pdb_ins_code 
_struct_ref_seq_dif.pdbx_seq_db_name 
_struct_ref_seq_dif.pdbx_seq_db_accession_code 
_struct_ref_seq_dif.db_mon_id 
_struct_ref_seq_dif.pdbx_seq_db_seq_num 
_struct_ref_seq_dif.details 
_struct_ref_seq_dif.pdbx_auth_seq_num 
_struct_ref_seq_dif.pdbx_ordinal 
1 6CED GLY A 1 ? UNP Q9UBN7 ? ? 'expression tag' 1107 1 
1 6CED SER A 2 ? UNP Q9UBN7 ? ? 'expression tag' 1108 2 
# 
loop_
_chem_comp.id 
_chem_comp.type 
_chem_comp.mon_nstd_flag 
_chem_comp.name 
_chem_comp.pdbx_synonyms 
_chem_comp.formula 
_chem_comp.formula_weight 
ALA 'L-peptide linking' y ALANINE                                                       ? 'C3 H7 N O2'     89.093  
ARG 'L-peptide linking' y ARGININE                                                      ? 'C6 H15 N4 O2 1' 175.209 
ASN 'L-peptide linking' y ASPARAGINE                                                    ? 'C4 H8 N2 O3'    132.118 
ASP 'L-peptide linking' y 'ASPARTIC ACID'                                               ? 'C4 H7 N O4'     133.103 
CYS 'L-peptide linking' y CYSTEINE                                                      ? 'C3 H7 N O2 S'   121.158 
EYA non-polymer         . '3-(3-methyl-4-oxo-3,4-dihydroquinazolin-2-yl)propanoic acid' ? 'C12 H12 N2 O3'  232.235 
GLN 'L-peptide linking' y GLUTAMINE                                                     ? 'C5 H10 N2 O3'   146.144 
GLU 'L-peptide linking' y 'GLUTAMIC ACID'                                               ? 'C5 H9 N O4'     147.129 
GLY 'peptide linking'   y GLYCINE                                                       ? 'C2 H5 N O2'     75.067  
HIS 'L-peptide linking' y HISTIDINE                                                     ? 'C6 H10 N3 O2 1' 156.162 
HOH non-polymer         . WATER                                                         ? 'H2 O'           18.015  
ILE 'L-peptide linking' y ISOLEUCINE                                                    ? 'C6 H13 N O2'    131.173 
LEU 'L-peptide linking' y LEUCINE                                                       ? 'C6 H13 N O2'    131.173 
LYS 'L-peptide linking' y LYSINE                                                        ? 'C6 H15 N2 O2 1' 147.195 
MET 'L-peptide linking' y METHIONINE                                                    ? 'C5 H11 N O2 S'  149.211 
PHE 'L-peptide linking' y PHENYLALANINE                                                 ? 'C9 H11 N O2'    165.189 
PRO 'L-peptide linking' y PROLINE                                                       ? 'C5 H9 N O2'     115.130 
SER 'L-peptide linking' y SERINE                                                        ? 'C3 H7 N O3'     105.093 
THR 'L-peptide linking' y THREONINE                                                     ? 'C4 H9 N O3'     119.119 
TRP 'L-peptide linking' y TRYPTOPHAN                                                    ? 'C11 H12 N2 O2'  204.225 
TYR 'L-peptide linking' y TYROSINE                                                      ? 'C9 H11 N O3'    181.189 
UNX non-polymer         . 'UNKNOWN ATOM OR ION'                                         ? ?                ?       
VAL 'L-peptide linking' y VALINE                                                        ? 'C5 H11 N O2'    117.146 
ZN  non-polymer         . 'ZINC ION'                                                    ? 'Zn 2'           65.409  
# 
_exptl.absorpt_coefficient_mu     ? 
_exptl.absorpt_correction_T_max   ? 
_exptl.absorpt_correction_T_min   ? 
_exptl.absorpt_correction_type    ? 
_exptl.absorpt_process_details    ? 
_exptl.entry_id                   6CED 
_exptl.crystals_number            1 
_exptl.details                    ? 
_exptl.method                     'X-RAY DIFFRACTION' 
_exptl.method_details             ? 
# 
_exptl_crystal.colour                      ? 
_exptl_crystal.density_diffrn              ? 
_exptl_crystal.density_Matthews            2.09 
_exptl_crystal.density_method              ? 
_exptl_crystal.density_percent_sol         41.07 
_exptl_crystal.description                 ? 
_exptl_crystal.F_000                       ? 
_exptl_crystal.id                          1 
_exptl_crystal.preparation                 ? 
_exptl_crystal.size_max                    ? 
_exptl_crystal.size_mid                    ? 
_exptl_crystal.size_min                    ? 
_exptl_crystal.size_rad                    ? 
_exptl_crystal.colour_lustre               ? 
_exptl_crystal.colour_modifier             ? 
_exptl_crystal.colour_primary              ? 
_exptl_crystal.density_meas                ? 
_exptl_crystal.density_meas_esd            ? 
_exptl_crystal.density_meas_gt             ? 
_exptl_crystal.density_meas_lt             ? 
_exptl_crystal.density_meas_temp           ? 
_exptl_crystal.density_meas_temp_esd       ? 
_exptl_crystal.density_meas_temp_gt        ? 
_exptl_crystal.density_meas_temp_lt        ? 
_exptl_crystal.pdbx_crystal_image_url      ? 
_exptl_crystal.pdbx_crystal_image_format   ? 
_exptl_crystal.pdbx_mosaicity              0.000 
_exptl_crystal.pdbx_mosaicity_esd          ? 
# 
_exptl_crystal_grow.apparatus       ? 
_exptl_crystal_grow.atmosphere      ? 
_exptl_crystal_grow.crystal_id      1 
_exptl_crystal_grow.details         ? 
_exptl_crystal_grow.method          'VAPOR DIFFUSION, SITTING DROP' 
_exptl_crystal_grow.method_ref      ? 
_exptl_crystal_grow.pH              4.6 
_exptl_crystal_grow.pressure        ? 
_exptl_crystal_grow.pressure_esd    ? 
_exptl_crystal_grow.seeding         ? 
_exptl_crystal_grow.seeding_ref     ? 
_exptl_crystal_grow.temp            291 
_exptl_crystal_grow.temp_details    ? 
_exptl_crystal_grow.temp_esd        ? 
_exptl_crystal_grow.time            ? 
_exptl_crystal_grow.pdbx_details    '2 M Na-formate, 0.2 M Na-acetate pH4.6, 5 % ethylene glycol' 
_exptl_crystal_grow.pdbx_pH_range   ? 
# 
_diffrn.ambient_environment    ? 
_diffrn.ambient_temp           100 
_diffrn.ambient_temp_details   ? 
_diffrn.ambient_temp_esd       ? 
_diffrn.crystal_id             1 
_diffrn.crystal_support        ? 
_diffrn.crystal_treatment      ? 
_diffrn.details                ? 
_diffrn.id                     1 
_diffrn.ambient_pressure       ? 
_diffrn.ambient_pressure_esd   ? 
_diffrn.ambient_pressure_gt    ? 
_diffrn.ambient_pressure_lt    ? 
_diffrn.ambient_temp_gt        ? 
_diffrn.ambient_temp_lt        ? 
# 
_diffrn_detector.details                      ? 
_diffrn_detector.detector                     CCD 
_diffrn_detector.diffrn_id                    1 
_diffrn_detector.type                         'RIGAKU SATURN A200' 
_diffrn_detector.area_resol_mean              ? 
_diffrn_detector.dtime                        ? 
_diffrn_detector.pdbx_frames_total            ? 
_diffrn_detector.pdbx_collection_time_total   ? 
_diffrn_detector.pdbx_collection_date         2017-05-18 
# 
_diffrn_radiation.collimation                      ? 
_diffrn_radiation.diffrn_id                        1 
_diffrn_radiation.filter_edge                      ? 
_diffrn_radiation.inhomogeneity                    ? 
_diffrn_radiation.monochromator                    ? 
_diffrn_radiation.polarisn_norm                    ? 
_diffrn_radiation.polarisn_ratio                   ? 
_diffrn_radiation.probe                            ? 
_diffrn_radiation.type                             ? 
_diffrn_radiation.xray_symbol                      ? 
_diffrn_radiation.wavelength_id                    1 
_diffrn_radiation.pdbx_monochromatic_or_laue_m_l   M 
_diffrn_radiation.pdbx_wavelength_list             ? 
_diffrn_radiation.pdbx_wavelength                  ? 
_diffrn_radiation.pdbx_diffrn_protocol             'SINGLE WAVELENGTH' 
_diffrn_radiation.pdbx_analyzer                    ? 
_diffrn_radiation.pdbx_scattering_type             x-ray 
# 
_diffrn_radiation_wavelength.id           1 
_diffrn_radiation_wavelength.wavelength   1.54178 
_diffrn_radiation_wavelength.wt           1.0 
# 
_diffrn_source.current                     ? 
_diffrn_source.details                     ? 
_diffrn_source.diffrn_id                   1 
_diffrn_source.power                       ? 
_diffrn_source.size                        ? 
_diffrn_source.source                      'ROTATING ANODE' 
_diffrn_source.target                      ? 
_diffrn_source.type                        'RIGAKU FR-E SUPERBRIGHT' 
_diffrn_source.voltage                     ? 
_diffrn_source.take-off_angle              ? 
_diffrn_source.pdbx_wavelength_list        1.54178 
_diffrn_source.pdbx_wavelength             ? 
_diffrn_source.pdbx_synchrotron_beamline   ? 
_diffrn_source.pdbx_synchrotron_site       ? 
# 
_reflns.entry_id                     6CED 
_reflns.pdbx_diffrn_id               1 
_reflns.pdbx_ordinal                 1 
_reflns.observed_criterion_sigma_I   ? 
_reflns.observed_criterion_sigma_F   ? 
_reflns.d_resolution_low             34.740 
_reflns.d_resolution_high            1.700 
_reflns.number_obs                   11530 
_reflns.number_all                   ? 
_reflns.percent_possible_obs         99.500 
_reflns.pdbx_Rmerge_I_obs            0.034 
_reflns.pdbx_Rsym_value              ? 
_reflns.pdbx_netI_over_sigmaI        38.800 
_reflns.B_iso_Wilson_estimate        ? 
_reflns.pdbx_redundancy              6.700 
_reflns.pdbx_Rrim_I_all              0.037 
_reflns.pdbx_Rpim_I_all              0.014 
_reflns.pdbx_CC_half                 1.000 
_reflns.pdbx_netI_over_av_sigmaI     ? 
_reflns.pdbx_number_measured_all     76686 
_reflns.pdbx_scaling_rejects         ? 
_reflns.pdbx_chi_squared             ? 
_reflns.Rmerge_F_all                 ? 
_reflns.Rmerge_F_obs                 ? 
_reflns.observed_criterion_F_max     ? 
_reflns.observed_criterion_F_min     ? 
_reflns.observed_criterion_I_max     ? 
_reflns.observed_criterion_I_min     ? 
_reflns.pdbx_d_res_high_opt          ? 
_reflns.pdbx_d_res_low_opt           ? 
_reflns.details                      ? 
# 
loop_
_reflns_shell.pdbx_diffrn_id 
_reflns_shell.pdbx_ordinal 
_reflns_shell.d_res_high 
_reflns_shell.d_res_low 
_reflns_shell.number_measured_obs 
_reflns_shell.number_measured_all 
_reflns_shell.number_unique_obs 
_reflns_shell.pdbx_rejects 
_reflns_shell.Rmerge_I_obs 
_reflns_shell.meanI_over_sigI_obs 
_reflns_shell.pdbx_Rsym_value 
_reflns_shell.pdbx_chi_squared 
_reflns_shell.pdbx_redundancy 
_reflns_shell.percent_possible_obs 
_reflns_shell.pdbx_netI_over_sigmaI_obs 
_reflns_shell.number_possible 
_reflns_shell.number_unique_all 
_reflns_shell.Rmerge_F_all 
_reflns_shell.Rmerge_F_obs 
_reflns_shell.Rmerge_I_all 
_reflns_shell.meanI_over_sigI_all 
_reflns_shell.percent_possible_all 
_reflns_shell.pdbx_Rrim_I_all 
_reflns_shell.pdbx_Rpim_I_all 
_reflns_shell.pdbx_CC_half 
1 1 1.700 1.730  ? 2466 557 ? 0.225 ? ? ? 4.400 ? 6.600  ? ? ? ? ? ? 96.400 0.255 0.116 0.970 
1 2 9.000 34.740 ? 513  99  ? 0.020 ? ? ? 5.200 ? 96.000 ? ? ? ? ? ? 99.600 0.023 0.009 1.000 
# 
_refine.entry_id                                 6CED 
_refine.pdbx_refine_id                           'X-RAY DIFFRACTION' 
_refine.ls_d_res_high                            1.7000 
_refine.ls_d_res_low                             34.7400 
_refine.pdbx_ls_sigma_F                          0.000 
_refine.pdbx_data_cutoff_high_absF               ? 
_refine.pdbx_data_cutoff_low_absF                ? 
_refine.ls_percent_reflns_obs                    99.3400 
_refine.ls_number_reflns_obs                     10981 
_refine.ls_number_reflns_all                     ? 
_refine.pdbx_ls_cross_valid_method               THROUGHOUT 
_refine.ls_matrix_type                           ? 
_refine.pdbx_R_Free_selection_details            RANDOM 
_refine.details                                  
;Users of this crystal structure: verify our intepretion of the electron density. Amplitudes and unmerged intensities are included with this deposition. Diffraction images will be deposited at a later date in a public repository. Geometry restraints for the ligand were prepared with GRADE. Additional density at Cys1148 suggests radiation damage of this residue during data collection.
;
_refine.ls_R_factor_all                          ? 
_refine.ls_R_factor_obs                          0.1547 
_refine.ls_R_factor_R_work                       0.1528 
_refine.ls_wR_factor_R_work                      ? 
_refine.ls_R_factor_R_free                       0.1908 
_refine.ls_wR_factor_R_free                      ? 
_refine.ls_percent_reflns_R_free                 4.8000 
_refine.ls_number_reflns_R_free                  549 
_refine.ls_number_reflns_R_work                  ? 
_refine.ls_R_factor_R_free_error                 ? 
_refine.B_iso_mean                               18.6460 
_refine.solvent_model_param_bsol                 ? 
_refine.solvent_model_param_ksol                 ? 
_refine.pdbx_isotropic_thermal_model             ? 
_refine.aniso_B[1][1]                            0.3300 
_refine.aniso_B[2][2]                            0.7100 
_refine.aniso_B[3][3]                            -1.0400 
_refine.aniso_B[1][2]                            0.0000 
_refine.aniso_B[1][3]                            0.0000 
_refine.aniso_B[2][3]                            -0.0000 
_refine.correlation_coeff_Fo_to_Fc               0.9690 
_refine.correlation_coeff_Fo_to_Fc_free          0.9560 
_refine.overall_SU_R_Cruickshank_DPI             ? 
_refine.pdbx_overall_SU_R_free_Cruickshank_DPI   ? 
_refine.pdbx_overall_SU_R_Blow_DPI               ? 
_refine.pdbx_overall_SU_R_free_Blow_DPI          ? 
_refine.overall_SU_R_free                        ? 
_refine.pdbx_overall_ESU_R                       0.0910 
_refine.pdbx_overall_ESU_R_Free                  0.0940 
_refine.overall_SU_ML                            0.0580 
_refine.overall_SU_B                             1.7420 
_refine.solvent_model_details                    MASK 
_refine.pdbx_solvent_vdw_probe_radii             1.2000 
_refine.pdbx_solvent_ion_probe_radii             0.8000 
_refine.pdbx_solvent_shrinkage_radii             0.8000 
_refine.ls_number_parameters                     ? 
_refine.ls_number_restraints                     ? 
_refine.pdbx_starting_model                      'pdbid 5KH3' 
_refine.pdbx_method_to_determine_struct          ? 
_refine.pdbx_stereochemistry_target_values       'MAXIMUM LIKELIHOOD' 
_refine.pdbx_stereochem_target_val_spec_case     ? 
_refine.overall_FOM_work_R_set                   ? 
_refine.B_iso_max                                56.870 
_refine.B_iso_min                                11.110 
_refine.pdbx_overall_phase_error                 ? 
_refine.occupancy_max                            ? 
_refine.occupancy_min                            ? 
_refine.pdbx_diffrn_id                           1 
_refine.pdbx_TLS_residual_ADP_flag               ? 
_refine.pdbx_ls_sigma_I                          ? 
_refine.pdbx_data_cutoff_high_rms_absF           ? 
_refine.ls_R_factor_R_free_error_details         ? 
# 
_refine_hist.cycle_id                         final 
_refine_hist.pdbx_refine_id                   'X-RAY DIFFRACTION' 
_refine_hist.d_res_high                       1.7000 
_refine_hist.d_res_low                        34.7400 
_refine_hist.pdbx_number_atoms_ligand         21 
_refine_hist.number_atoms_solvent             72 
_refine_hist.number_atoms_total               863 
_refine_hist.pdbx_number_residues_total       99 
_refine_hist.pdbx_B_iso_mean_ligand           21.42 
_refine_hist.pdbx_B_iso_mean_solvent          29.15 
_refine_hist.pdbx_number_atoms_protein        770 
_refine_hist.pdbx_number_atoms_nucleic_acid   0 
# 
loop_
_refine_ls_restr.pdbx_refine_id 
_refine_ls_restr.type 
_refine_ls_restr.number 
_refine_ls_restr.dev_ideal 
_refine_ls_restr.dev_ideal_target 
_refine_ls_restr.weight 
_refine_ls_restr.pdbx_restraint_function 
'X-RAY DIFFRACTION' r_bond_refined_d       849  0.022  0.019  ? ? 
'X-RAY DIFFRACTION' r_bond_other_d         702  0.003  0.020  ? ? 
'X-RAY DIFFRACTION' r_angle_refined_deg    1167 1.785  1.911  ? ? 
'X-RAY DIFFRACTION' r_angle_other_deg      1622 1.158  3.010  ? ? 
'X-RAY DIFFRACTION' r_dihedral_angle_1_deg 102  6.081  5.000  ? ? 
'X-RAY DIFFRACTION' r_dihedral_angle_2_deg 38   36.342 23.947 ? ? 
'X-RAY DIFFRACTION' r_dihedral_angle_3_deg 110  11.674 15.000 ? ? 
'X-RAY DIFFRACTION' r_dihedral_angle_4_deg 2    28.375 15.000 ? ? 
'X-RAY DIFFRACTION' r_chiral_restr         118  0.121  0.200  ? ? 
'X-RAY DIFFRACTION' r_gen_planes_refined   1023 0.010  0.021  ? ? 
'X-RAY DIFFRACTION' r_gen_planes_other     175  0.002  0.020  ? ? 
# 
_refine_ls_shell.d_res_high                       1.7000 
_refine_ls_shell.d_res_low                        1.7440 
_refine_ls_shell.pdbx_total_number_of_bins_used   20 
_refine_ls_shell.percent_reflns_obs               96.3900 
_refine_ls_shell.number_reflns_R_work             767 
_refine_ls_shell.R_factor_all                     ? 
_refine_ls_shell.R_factor_R_work                  0.1550 
_refine_ls_shell.R_factor_R_free                  0.2030 
_refine_ls_shell.percent_reflns_R_free            ? 
_refine_ls_shell.number_reflns_R_free             35 
_refine_ls_shell.R_factor_R_free_error            0.0000 
_refine_ls_shell.number_reflns_all                802 
_refine_ls_shell.number_reflns_obs                ? 
_refine_ls_shell.pdbx_refine_id                   'X-RAY DIFFRACTION' 
# 
_struct.entry_id                     6CED 
_struct.title                        
;Crystal structure of fragment 3-(3-Methyl-4-oxo-3,4-dihydroquinazolin-2-yl)propanoic acid bound in the ubiquitin binding pocket of the HDAC6 zinc-finger domain
;
_struct.pdbx_model_details           ? 
_struct.pdbx_formula_weight          ? 
_struct.pdbx_formula_weight_method   ? 
_struct.pdbx_model_type_details      ? 
_struct.pdbx_CASP_flag               N 
# 
_struct_keywords.entry_id        6CED 
_struct_keywords.text            'HISTONE DEACETYLASE, HDAC, HDAC6, UBIQUITIN, STRUCTURAL GENOMICS CONSORTIUM, SGC, HYDROLASE' 
_struct_keywords.pdbx_keywords   HYDROLASE 
# 
loop_
_struct_asym.id 
_struct_asym.pdbx_blank_PDB_chainid_flag 
_struct_asym.pdbx_modified 
_struct_asym.entity_id 
_struct_asym.details 
A N N 1 ? 
B N N 2 ? 
C N N 2 ? 
D N N 2 ? 
E N N 3 ? 
F N N 4 ? 
G N N 5 ? 
# 
loop_
_struct_conf.conf_type_id 
_struct_conf.id 
_struct_conf.pdbx_PDB_helix_id 
_struct_conf.beg_label_comp_id 
_struct_conf.beg_label_asym_id 
_struct_conf.beg_label_seq_id 
_struct_conf.pdbx_beg_PDB_ins_code 
_struct_conf.end_label_comp_id 
_struct_conf.end_label_asym_id 
_struct_conf.end_label_seq_id 
_struct_conf.pdbx_end_PDB_ins_code 
_struct_conf.beg_auth_comp_id 
_struct_conf.beg_auth_asym_id 
_struct_conf.beg_auth_seq_id 
_struct_conf.end_auth_comp_id 
_struct_conf.end_auth_asym_id 
_struct_conf.end_auth_seq_id 
_struct_conf.pdbx_PDB_helix_class 
_struct_conf.details 
_struct_conf.pdbx_PDB_helix_length 
HELX_P HELX_P1 AA1 HIS A 9  ? VAL A 13  ? HIS A 1115 VAL A 1119 5 ? 5  
HELX_P HELX_P2 AA2 GLY A 53 ? GLY A 63  ? GLY A 1159 GLY A 1169 1 ? 11 
HELX_P HELX_P3 AA3 HIS A 86 ? ALA A 88  ? HIS A 1192 ALA A 1194 5 ? 3  
HELX_P HELX_P4 AA4 LEU A 89 ? PHE A 101 ? LEU A 1195 PHE A 1207 1 ? 13 
# 
_struct_conf_type.id          HELX_P 
_struct_conf_type.criteria    ? 
_struct_conf_type.reference   ? 
# 
loop_
_struct_conn.id 
_struct_conn.conn_type_id 
_struct_conn.pdbx_leaving_atom_flag 
_struct_conn.pdbx_PDB_id 
_struct_conn.ptnr1_label_asym_id 
_struct_conn.ptnr1_label_comp_id 
_struct_conn.ptnr1_label_seq_id 
_struct_conn.ptnr1_label_atom_id 
_struct_conn.pdbx_ptnr1_label_alt_id 
_struct_conn.pdbx_ptnr1_PDB_ins_code 
_struct_conn.pdbx_ptnr1_standard_comp_id 
_struct_conn.ptnr1_symmetry 
_struct_conn.ptnr2_label_asym_id 
_struct_conn.ptnr2_label_comp_id 
_struct_conn.ptnr2_label_seq_id 
_struct_conn.ptnr2_label_atom_id 
_struct_conn.pdbx_ptnr2_label_alt_id 
_struct_conn.pdbx_ptnr2_PDB_ins_code 
_struct_conn.ptnr1_auth_asym_id 
_struct_conn.ptnr1_auth_comp_id 
_struct_conn.ptnr1_auth_seq_id 
_struct_conn.ptnr2_auth_asym_id 
_struct_conn.ptnr2_auth_comp_id 
_struct_conn.ptnr2_auth_seq_id 
_struct_conn.ptnr2_symmetry 
_struct_conn.pdbx_ptnr3_label_atom_id 
_struct_conn.pdbx_ptnr3_label_seq_id 
_struct_conn.pdbx_ptnr3_label_comp_id 
_struct_conn.pdbx_ptnr3_label_asym_id 
_struct_conn.pdbx_ptnr3_label_alt_id 
_struct_conn.pdbx_ptnr3_PDB_ins_code 
_struct_conn.details 
_struct_conn.pdbx_dist_value 
_struct_conn.pdbx_value_order 
_struct_conn.pdbx_role 
metalc1  metalc ? ? A CYS 7  SG  ? ? ? 1_555 D ZN . ZN ? ? A CYS 1113 A ZN 1303 1_555 ? ? ? ? ? ? ? 2.314 ? ? 
metalc2  metalc ? ? A HIS 9  ND1 ? ? ? 1_555 D ZN . ZN ? ? A HIS 1115 A ZN 1303 1_555 ? ? ? ? ? ? ? 2.083 ? ? 
metalc3  metalc ? ? A CYS 27 SG  ? ? ? 1_555 C ZN . ZN ? ? A CYS 1133 A ZN 1302 1_555 ? ? ? ? ? ? ? 2.347 ? ? 
metalc4  metalc ? ? A CYS 30 SG  ? ? ? 1_555 C ZN . ZN ? ? A CYS 1136 A ZN 1302 1_555 ? ? ? ? ? ? ? 2.304 ? ? 
metalc5  metalc ? ? A CYS 39 SG  ? ? ? 1_555 B ZN . ZN ? ? A CYS 1145 A ZN 1301 1_555 ? ? ? ? ? ? ? 2.370 ? ? 
metalc6  metalc ? ? A CYS 42 SG  ? ? ? 1_555 B ZN . ZN ? ? A CYS 1148 A ZN 1301 1_555 ? ? ? ? ? ? ? 2.738 ? ? 
metalc7  metalc ? ? A CYS 47 SG  ? ? ? 1_555 C ZN . ZN ? ? A CYS 1153 A ZN 1302 1_555 ? ? ? ? ? ? ? 2.319 ? ? 
metalc8  metalc ? ? A HIS 54 ND1 ? ? ? 1_555 C ZN . ZN ? ? A HIS 1160 A ZN 1302 1_555 ? ? ? ? ? ? ? 2.061 ? ? 
metalc9  metalc ? ? A HIS 58 NE2 ? ? ? 1_555 B ZN . ZN ? ? A HIS 1164 A ZN 1301 1_555 ? ? ? ? ? ? ? 2.084 ? ? 
metalc10 metalc ? ? A HIS 64 ND1 ? ? ? 1_555 B ZN . ZN ? ? A HIS 1170 A ZN 1301 1_555 ? ? ? ? ? ? ? 2.069 ? ? 
metalc11 metalc ? ? A CYS 77 SG  ? ? ? 1_555 D ZN . ZN ? ? A CYS 1183 A ZN 1303 1_555 ? ? ? ? ? ? ? 2.315 ? ? 
metalc12 metalc ? ? A CYS 80 SG  ? ? ? 1_555 D ZN . ZN ? ? A CYS 1186 A ZN 1303 1_555 ? ? ? ? ? ? ? 2.383 ? ? 
# 
_struct_conn_type.id          metalc 
_struct_conn_type.criteria    ? 
_struct_conn_type.reference   ? 
# 
_struct_sheet.id               AA1 
_struct_sheet.type             ? 
_struct_sheet.number_strands   5 
_struct_sheet.details          ? 
# 
loop_
_struct_sheet_order.sheet_id 
_struct_sheet_order.range_id_1 
_struct_sheet_order.range_id_2 
_struct_sheet_order.offset 
_struct_sheet_order.sense 
AA1 1 2 ? anti-parallel 
AA1 2 3 ? anti-parallel 
AA1 3 4 ? anti-parallel 
AA1 4 5 ? anti-parallel 
# 
loop_
_struct_sheet_range.sheet_id 
_struct_sheet_range.id 
_struct_sheet_range.beg_label_comp_id 
_struct_sheet_range.beg_label_asym_id 
_struct_sheet_range.beg_label_seq_id 
_struct_sheet_range.pdbx_beg_PDB_ins_code 
_struct_sheet_range.end_label_comp_id 
_struct_sheet_range.end_label_asym_id 
_struct_sheet_range.end_label_seq_id 
_struct_sheet_range.pdbx_end_PDB_ins_code 
_struct_sheet_range.beg_auth_comp_id 
_struct_sheet_range.beg_auth_asym_id 
_struct_sheet_range.beg_auth_seq_id 
_struct_sheet_range.end_auth_comp_id 
_struct_sheet_range.end_auth_asym_id 
_struct_sheet_range.end_auth_seq_id 
AA1 1 VAL A 45 ? CYS A 47 ? VAL A 1151 CYS A 1153 
AA1 2 ASN A 36 ? CYS A 39 ? ASN A 1142 CYS A 1145 
AA1 3 LEU A 66 ? SER A 69 ? LEU A 1172 SER A 1175 
AA1 4 ALA A 75 ? CYS A 77 ? ALA A 1181 CYS A 1183 
AA1 5 ALA A 82 ? TYR A 83 ? ALA A 1188 TYR A 1189 
# 
loop_
_pdbx_struct_sheet_hbond.sheet_id 
_pdbx_struct_sheet_hbond.range_id_1 
_pdbx_struct_sheet_hbond.range_id_2 
_pdbx_struct_sheet_hbond.range_1_label_atom_id 
_pdbx_struct_sheet_hbond.range_1_label_comp_id 
_pdbx_struct_sheet_hbond.range_1_label_asym_id 
_pdbx_struct_sheet_hbond.range_1_label_seq_id 
_pdbx_struct_sheet_hbond.range_1_PDB_ins_code 
_pdbx_struct_sheet_hbond.range_1_auth_atom_id 
_pdbx_struct_sheet_hbond.range_1_auth_comp_id 
_pdbx_struct_sheet_hbond.range_1_auth_asym_id 
_pdbx_struct_sheet_hbond.range_1_auth_seq_id 
_pdbx_struct_sheet_hbond.range_2_label_atom_id 
_pdbx_struct_sheet_hbond.range_2_label_comp_id 
_pdbx_struct_sheet_hbond.range_2_label_asym_id 
_pdbx_struct_sheet_hbond.range_2_label_seq_id 
_pdbx_struct_sheet_hbond.range_2_PDB_ins_code 
_pdbx_struct_sheet_hbond.range_2_auth_atom_id 
_pdbx_struct_sheet_hbond.range_2_auth_comp_id 
_pdbx_struct_sheet_hbond.range_2_auth_asym_id 
_pdbx_struct_sheet_hbond.range_2_auth_seq_id 
AA1 1 2 O TYR A 46 ? O TYR A 1152 N TRP A 37 ? N TRP A 1143 
AA1 2 3 N VAL A 38 ? N VAL A 1144 O LEU A 68 ? O LEU A 1174 
AA1 3 4 N VAL A 67 ? N VAL A 1173 O TRP A 76 ? O TRP A 1182 
AA1 4 5 N CYS A 77 ? N CYS A 1183 O ALA A 82 ? O ALA A 1188 
# 
loop_
_struct_site.id 
_struct_site.pdbx_evidence_code 
_struct_site.pdbx_auth_asym_id 
_struct_site.pdbx_auth_comp_id 
_struct_site.pdbx_auth_seq_id 
_struct_site.pdbx_auth_ins_code 
_struct_site.pdbx_num_residues 
_struct_site.details 
AC1 Software A ZN  1301 ? 4 'binding site for residue ZN A 1301'  
AC2 Software A ZN  1302 ? 4 'binding site for residue ZN A 1302'  
AC3 Software A ZN  1303 ? 4 'binding site for residue ZN A 1303'  
AC4 Software A EYA 1304 ? 7 'binding site for residue EYA A 1304' 
# 
loop_
_struct_site_gen.id 
_struct_site_gen.site_id 
_struct_site_gen.pdbx_num_res 
_struct_site_gen.label_comp_id 
_struct_site_gen.label_asym_id 
_struct_site_gen.label_seq_id 
_struct_site_gen.pdbx_auth_ins_code 
_struct_site_gen.auth_comp_id 
_struct_site_gen.auth_asym_id 
_struct_site_gen.auth_seq_id 
_struct_site_gen.label_atom_id 
_struct_site_gen.label_alt_id 
_struct_site_gen.symmetry 
_struct_site_gen.details 
1  AC1 4 CYS A 39 ? CYS A 1145 . ? 1_555 ? 
2  AC1 4 CYS A 42 ? CYS A 1148 . ? 1_555 ? 
3  AC1 4 HIS A 58 ? HIS A 1164 . ? 1_555 ? 
4  AC1 4 HIS A 64 ? HIS A 1170 . ? 1_555 ? 
5  AC2 4 CYS A 27 ? CYS A 1133 . ? 1_555 ? 
6  AC2 4 CYS A 30 ? CYS A 1136 . ? 1_555 ? 
7  AC2 4 CYS A 47 ? CYS A 1153 . ? 1_555 ? 
8  AC2 4 HIS A 54 ? HIS A 1160 . ? 1_555 ? 
9  AC3 4 CYS A 7  ? CYS A 1113 . ? 1_555 ? 
10 AC3 4 HIS A 9  ? HIS A 1115 . ? 1_555 ? 
11 AC3 4 CYS A 77 ? CYS A 1183 . ? 1_555 ? 
12 AC3 4 CYS A 80 ? CYS A 1186 . ? 1_555 ? 
13 AC4 7 TRP A 37 ? TRP A 1143 . ? 1_555 ? 
14 AC4 7 GLY A 48 ? GLY A 1154 . ? 1_555 ? 
15 AC4 7 ARG A 49 ? ARG A 1155 . ? 1_555 ? 
16 AC4 7 TRP A 76 ? TRP A 1182 . ? 1_555 ? 
17 AC4 7 TYR A 78 ? TYR A 1184 . ? 1_555 ? 
18 AC4 7 TYR A 83 ? TYR A 1189 . ? 1_555 ? 
19 AC4 7 HOH G .  ? HOH A 1407 . ? 1_555 ? 
# 
_atom_sites.entry_id                    6CED 
_atom_sites.fract_transf_matrix[1][1]   0.01974524 
_atom_sites.fract_transf_matrix[1][2]   0.01090899 
_atom_sites.fract_transf_matrix[1][3]   -0.00970643 
_atom_sites.fract_transf_matrix[2][1]   0.01292704 
_atom_sites.fract_transf_matrix[2][2]   -0.00918895 
_atom_sites.fract_transf_matrix[2][3]   0.01596934 
_atom_sites.fract_transf_matrix[3][1]   0.00276097 
_atom_sites.fract_transf_matrix[3][2]   -0.01431494 
_atom_sites.fract_transf_matrix[3][3]   -0.01047197 
_atom_sites.fract_transf_vector[1]      0.191150 
_atom_sites.fract_transf_vector[2]      -0.091897 
_atom_sites.fract_transf_vector[3]      0.156564 
# 
loop_
_atom_type.symbol 
C  
N  
O  
S  
X  
ZN 
# 
loop_
_atom_site.group_PDB 
_atom_site.id 
_atom_site.type_symbol 
_atom_site.label_atom_id 
_atom_site.label_alt_id 
_atom_site.label_comp_id 
_atom_site.label_asym_id 
_atom_site.label_entity_id 
_atom_site.label_seq_id 
_atom_site.pdbx_PDB_ins_code 
_atom_site.Cartn_x 
_atom_site.Cartn_y 
_atom_site.Cartn_z 
_atom_site.occupancy 
_atom_site.B_iso_or_equiv 
_atom_site.pdbx_formal_charge 
_atom_site.auth_seq_id 
_atom_site.auth_comp_id 
_atom_site.auth_asym_id 
_atom_site.auth_atom_id 
_atom_site.pdbx_PDB_model_num 
ATOM   1   N  N   . PRO A 1 3   ? -14.975 -4.818  2.761   1.00 24.69 ? 1109 PRO A N   1 
ATOM   2   C  CA  . PRO A 1 3   ? -14.194 -3.637  3.270   1.00 21.43 ? 1109 PRO A CA  1 
ATOM   3   C  C   . PRO A 1 3   ? -15.141 -2.447  3.532   1.00 21.92 ? 1109 PRO A C   1 
ATOM   4   O  O   . PRO A 1 3   ? -16.323 -2.494  3.144   1.00 23.07 ? 1109 PRO A O   1 
ATOM   5   C  CB  . PRO A 1 3   ? -13.344 -3.262  2.051   1.00 23.81 ? 1109 PRO A CB  1 
ATOM   6   C  CG  . PRO A 1 3   ? -14.212 -3.602  0.862   1.00 26.83 ? 1109 PRO A CG  1 
ATOM   7   C  CD  . PRO A 1 3   ? -14.861 -4.922  1.291   1.00 24.04 ? 1109 PRO A CD  1 
ATOM   8   N  N   . LEU A 1 4   ? -14.616 -1.376  4.124   1.00 19.74 ? 1110 LEU A N   1 
ATOM   9   C  CA  . LEU A 1 4   ? -15.365 -0.142  4.311   1.00 18.89 ? 1110 LEU A CA  1 
ATOM   10  C  C   . LEU A 1 4   ? -15.503 0.489   2.970   1.00 18.73 ? 1110 LEU A C   1 
ATOM   11  O  O   . LEU A 1 4   ? -14.582 0.419   2.147   1.00 18.98 ? 1110 LEU A O   1 
ATOM   12  C  CB  . LEU A 1 4   ? -14.672 0.804   5.256   1.00 17.87 ? 1110 LEU A CB  1 
ATOM   13  C  CG  . LEU A 1 4   ? -14.476 0.381   6.693   1.00 21.11 ? 1110 LEU A CG  1 
ATOM   14  C  CD1 . LEU A 1 4   ? -13.477 1.348   7.303   1.00 23.59 ? 1110 LEU A CD1 1 
ATOM   15  C  CD2 . LEU A 1 4   ? -15.821 0.333   7.418   1.00 25.21 ? 1110 LEU A CD2 1 
ATOM   16  N  N   . PRO A 1 5   ? -16.651 1.151   2.702   1.00 19.10 ? 1111 PRO A N   1 
ATOM   17  C  CA  . PRO A 1 5   ? -16.831 1.842   1.405   1.00 18.68 ? 1111 PRO A CA  1 
ATOM   18  C  C   . PRO A 1 5   ? -16.187 3.208   1.344   1.00 17.19 ? 1111 PRO A C   1 
ATOM   19  O  O   . PRO A 1 5   ? -16.129 3.836   0.283   1.00 20.10 ? 1111 PRO A O   1 
ATOM   20  C  CB  . PRO A 1 5   ? -18.350 1.988   1.317   1.00 20.59 ? 1111 PRO A CB  1 
ATOM   21  C  CG  . PRO A 1 5   ? -18.755 2.109   2.773   1.00 18.79 ? 1111 PRO A CG  1 
ATOM   22  C  CD  . PRO A 1 5   ? -17.930 1.069   3.471   1.00 19.61 ? 1111 PRO A CD  1 
ATOM   23  N  N   . TRP A 1 6   ? -15.649 3.682   2.463   1.00 17.54 ? 1112 TRP A N   1 
ATOM   24  C  CA  . TRP A 1 6   ? -15.041 5.013   2.547   1.00 16.28 ? 1112 TRP A CA  1 
ATOM   25  C  C   . TRP A 1 6   ? -14.232 5.066   3.836   1.00 16.42 ? 1112 TRP A C   1 
ATOM   26  O  O   . TRP A 1 6   ? -14.532 4.369   4.809   1.00 17.71 ? 1112 TRP A O   1 
ATOM   27  C  CB  . TRP A 1 6   ? -16.159 6.112   2.589   1.00 17.78 ? 1112 TRP A CB  1 
ATOM   28  C  CG  . TRP A 1 6   ? -15.707 7.513   2.616   1.00 17.38 ? 1112 TRP A CG  1 
ATOM   29  C  CD1 . TRP A 1 6   ? -15.395 8.267   1.558   1.00 16.83 ? 1112 TRP A CD1 1 
ATOM   30  C  CD2 . TRP A 1 6   ? -15.451 8.333   3.783   1.00 16.37 ? 1112 TRP A CD2 1 
ATOM   31  N  NE1 . TRP A 1 6   ? -15.002 9.521   1.948   1.00 18.92 ? 1112 TRP A NE1 1 
ATOM   32  C  CE2 . TRP A 1 6   ? -15.036 9.598   3.312   1.00 17.29 ? 1112 TRP A CE2 1 
ATOM   33  C  CE3 . TRP A 1 6   ? -15.617 8.147   5.164   1.00 17.09 ? 1112 TRP A CE3 1 
ATOM   34  C  CZ2 . TRP A 1 6   ? -14.741 10.654  4.149   1.00 18.47 ? 1112 TRP A CZ2 1 
ATOM   35  C  CZ3 . TRP A 1 6   ? -15.319 9.227   6.018   1.00 16.55 ? 1112 TRP A CZ3 1 
ATOM   36  C  CH2 . TRP A 1 6   ? -14.915 10.459  5.497   1.00 17.87 ? 1112 TRP A CH2 1 
ATOM   37  N  N   . CYS A 1 7   ? -13.264 5.952   3.903   1.00 17.18 ? 1113 CYS A N   1 
ATOM   38  C  CA  . CYS A 1 7   ? -12.682 6.292   5.220   1.00 16.06 ? 1113 CYS A CA  1 
ATOM   39  C  C   . CYS A 1 7   ? -12.163 7.707   5.128   1.00 15.99 ? 1113 CYS A C   1 
ATOM   40  O  O   . CYS A 1 7   ? -11.971 8.222   4.000   1.00 14.79 ? 1113 CYS A O   1 
ATOM   41  C  CB  . CYS A 1 7   ? -11.658 5.262   5.682   1.00 15.79 ? 1113 CYS A CB  1 
ATOM   42  S  SG  . CYS A 1 7   ? -9.881  5.717   5.340   1.00 14.86 ? 1113 CYS A SG  1 
ATOM   43  N  N   . PRO A 1 8   ? -11.985 8.358   6.296   1.00 15.88 ? 1114 PRO A N   1 
ATOM   44  C  CA  . PRO A 1 8   ? -11.604 9.777   6.336   1.00 18.02 ? 1114 PRO A CA  1 
ATOM   45  C  C   . PRO A 1 8   ? -10.160 10.005  5.883   1.00 18.24 ? 1114 PRO A C   1 
ATOM   46  O  O   . PRO A 1 8   ? -9.720  11.152  5.765   1.00 17.53 ? 1114 PRO A O   1 
ATOM   47  C  CB  . PRO A 1 8   ? -11.755 10.167  7.801   1.00 18.86 ? 1114 PRO A CB  1 
ATOM   48  C  CG  . PRO A 1 8   ? -11.864 8.917   8.566   1.00 21.25 ? 1114 PRO A CG  1 
ATOM   49  C  CD  . PRO A 1 8   ? -12.251 7.793   7.636   1.00 17.63 ? 1114 PRO A CD  1 
ATOM   50  N  N   . HIS A 1 9   ? -9.435  8.935   5.561   1.00 15.05 ? 1115 HIS A N   1 
ATOM   51  C  CA  . HIS A 1 9   ? -8.034  9.102   5.099   1.00 17.81 ? 1115 HIS A CA  1 
ATOM   52  C  C   . HIS A 1 9   ? -7.826  9.001   3.605   1.00 17.32 ? 1115 HIS A C   1 
ATOM   53  O  O   . HIS A 1 9   ? -6.693  9.185   3.119   1.00 17.45 ? 1115 HIS A O   1 
ATOM   54  C  CB  . HIS A 1 9   ? -7.149  8.134   5.860   1.00 14.91 ? 1115 HIS A CB  1 
ATOM   55  C  CG  . HIS A 1 9   ? -7.338  8.225   7.325   1.00 16.29 ? 1115 HIS A CG  1 
ATOM   56  N  ND1 . HIS A 1 9   ? -8.098  7.332   8.052   1.00 15.44 ? 1115 HIS A ND1 1 
ATOM   57  C  CD2 . HIS A 1 9   ? -6.877  9.145   8.217   1.00 17.61 ? 1115 HIS A CD2 1 
ATOM   58  C  CE1 . HIS A 1 9   ? -8.154  7.743   9.311   1.00 17.53 ? 1115 HIS A CE1 1 
ATOM   59  N  NE2 . HIS A 1 9   ? -7.380  8.820   9.447   1.00 17.30 ? 1115 HIS A NE2 1 
ATOM   60  N  N   . LEU A 1 10  ? -8.897  8.765   2.839   1.00 15.75 ? 1116 LEU A N   1 
ATOM   61  C  CA  . LEU A 1 10  ? -8.807  8.763   1.354   1.00 17.38 ? 1116 LEU A CA  1 
ATOM   62  C  C   . LEU A 1 10  ? -8.229  10.019  0.751   1.00 18.52 ? 1116 LEU A C   1 
ATOM   63  O  O   . LEU A 1 10  ? -7.600  9.956   -0.322  1.00 17.62 ? 1116 LEU A O   1 
ATOM   64  C  CB  . LEU A 1 10  ? -10.112 8.325   0.716   1.00 17.24 ? 1116 LEU A CB  1 
ATOM   65  C  CG  . LEU A 1 10  ? -10.533 6.879   1.001   1.00 18.47 ? 1116 LEU A CG  1 
ATOM   66  C  CD1 . LEU A 1 10  ? -12.013 6.739   0.656   1.00 19.39 ? 1116 LEU A CD1 1 
ATOM   67  C  CD2 . LEU A 1 10  ? -9.729  5.834   0.238   1.00 18.47 ? 1116 LEU A CD2 1 
ATOM   68  N  N   . VAL A 1 11  ? -8.424  11.133  1.460   1.00 20.26 ? 1117 VAL A N   1 
ATOM   69  C  CA  . VAL A 1 11  ? -7.816  12.426  1.083   1.00 21.16 ? 1117 VAL A CA  1 
ATOM   70  C  C   . VAL A 1 11  ? -6.308  12.400  0.996   1.00 22.15 ? 1117 VAL A C   1 
ATOM   71  O  O   . VAL A 1 11  ? -5.707  13.204  0.292   1.00 21.89 ? 1117 VAL A O   1 
ATOM   72  C  CB  . VAL A 1 11  ? -8.298  13.567  2.013   1.00 23.32 ? 1117 VAL A CB  1 
ATOM   73  C  CG1 . VAL A 1 11  ? -9.772  13.773  1.778   1.00 24.36 ? 1117 VAL A CG1 1 
ATOM   74  C  CG2 . VAL A 1 11  ? -7.977  13.306  3.480   1.00 22.82 ? 1117 VAL A CG2 1 
ATOM   75  N  N   . ALA A 1 12  ? -5.670  11.446  1.702   1.00 19.80 ? 1118 ALA A N   1 
ATOM   76  C  CA  . ALA A 1 12  ? -4.195  11.340  1.673   1.00 18.86 ? 1118 ALA A CA  1 
ATOM   77  C  C   . ALA A 1 12  ? -3.683  10.468  0.537   1.00 18.10 ? 1118 ALA A C   1 
ATOM   78  O  O   . ALA A 1 12  ? -2.461  10.292  0.399   1.00 17.96 ? 1118 ALA A O   1 
ATOM   79  C  CB  . ALA A 1 12  ? -3.689  10.842  3.021   1.00 21.38 ? 1118 ALA A CB  1 
ATOM   80  N  N   . VAL A 1 13  ? -4.565  9.839   -0.239  1.00 16.69 ? 1119 VAL A N   1 
ATOM   81  C  CA  . VAL A 1 13  ? -4.136  9.007   -1.388  1.00 17.06 ? 1119 VAL A CA  1 
ATOM   82  C  C   . VAL A 1 13  ? -3.686  9.964   -2.486  1.00 19.01 ? 1119 VAL A C   1 
ATOM   83  O  O   . VAL A 1 13  ? -4.454  10.834  -2.922  1.00 19.41 ? 1119 VAL A O   1 
ATOM   84  C  CB  . VAL A 1 13  ? -5.252  8.134   -1.910  1.00 17.17 ? 1119 VAL A CB  1 
ATOM   85  C  CG1 . VAL A 1 13  ? -4.833  7.350   -3.179  1.00 19.17 ? 1119 VAL A CG1 1 
ATOM   86  C  CG2 . VAL A 1 13  ? -5.681  7.174   -0.810  1.00 17.62 ? 1119 VAL A CG2 1 
ATOM   87  N  N   . CYS A 1 14  ? -2.458  9.743   -2.934  1.00 16.71 ? 1120 CYS A N   1 
ATOM   88  C  CA  . CYS A 1 14  ? -1.822  10.637  -3.882  1.00 18.60 ? 1120 CYS A CA  1 
ATOM   89  C  C   . CYS A 1 14  ? -1.788  10.024  -5.252  1.00 19.37 ? 1120 CYS A C   1 
ATOM   90  O  O   . CYS A 1 14  ? -1.984  8.823   -5.484  1.00 18.75 ? 1120 CYS A O   1 
ATOM   91  C  CB  . CYS A 1 14  ? -0.451  11.018  -3.362  1.00 17.27 ? 1120 CYS A CB  1 
ATOM   92  S  SG  . CYS A 1 14  ? -0.493  11.964  -1.837  1.00 18.79 ? 1120 CYS A SG  1 
ATOM   93  N  N   . PRO A 1 15  ? -1.568  10.886  -6.259  1.00 22.79 ? 1121 PRO A N   1 
ATOM   94  C  CA  . PRO A 1 15  ? -1.573  10.379  -7.598  1.00 22.57 ? 1121 PRO A CA  1 
ATOM   95  C  C   . PRO A 1 15  ? -0.471  9.381   -7.876  1.00 20.57 ? 1121 PRO A C   1 
ATOM   96  O  O   . PRO A 1 15  ? 0.645   9.455   -7.305  1.00 21.97 ? 1121 PRO A O   1 
ATOM   97  C  CB  . PRO A 1 15  ? -1.322  11.657  -8.443  1.00 22.41 ? 1121 PRO A CB  1 
ATOM   98  C  CG  . PRO A 1 15  ? -1.936  12.700  -7.621  1.00 23.25 ? 1121 PRO A CG  1 
ATOM   99  C  CD  . PRO A 1 15  ? -1.446  12.345  -6.250  1.00 23.61 ? 1121 PRO A CD  1 
ATOM   100 N  N   . ILE A 1 16  ? -0.805  8.473   -8.789  1.00 22.30 ? 1122 ILE A N   1 
ATOM   101 C  CA  . ILE A 1 16  ? 0.041   7.375   -9.097  1.00 24.96 ? 1122 ILE A CA  1 
ATOM   102 C  C   . ILE A 1 16  ? 1.191   7.936   -9.877  1.00 27.05 ? 1122 ILE A C   1 
ATOM   103 O  O   . ILE A 1 16  ? 0.979   8.730   -10.809 1.00 30.31 ? 1122 ILE A O   1 
ATOM   104 C  CB  . ILE A 1 16  ? -0.671  6.278   -9.955  1.00 27.77 ? 1122 ILE A CB  1 
ATOM   105 C  CG1 . ILE A 1 16  ? -1.903  5.698   -9.243  1.00 34.42 ? 1122 ILE A CG1 1 
ATOM   106 C  CG2 . ILE A 1 16  ? 0.313   5.168   -10.246 1.00 33.95 ? 1122 ILE A CG2 1 
ATOM   107 N  N   . PRO A 1 17  ? 2.390   7.549   -9.512  1.00 24.35 ? 1123 PRO A N   1 
ATOM   108 C  CA  . PRO A 1 17  ? 3.528   7.914   -10.358 1.00 26.96 ? 1123 PRO A CA  1 
ATOM   109 C  C   . PRO A 1 17  ? 3.349   7.490   -11.818 1.00 26.05 ? 1123 PRO A C   1 
ATOM   110 O  O   . PRO A 1 17  ? 2.820   6.395   -12.133 1.00 27.42 ? 1123 PRO A O   1 
ATOM   111 C  CB  . PRO A 1 17  ? 4.703   7.185   -9.729  1.00 28.09 ? 1123 PRO A CB  1 
ATOM   112 C  CG  . PRO A 1 17  ? 4.259   6.820   -8.361  1.00 26.10 ? 1123 PRO A CG  1 
ATOM   113 C  CD  . PRO A 1 17  ? 2.784   6.694   -8.380  1.00 25.01 ? 1123 PRO A CD  1 
ATOM   114 N  N   . ALA A 1 18  ? 3.765   8.358   -12.748 1.00 27.74 ? 1124 ALA A N   1 
ATOM   115 C  CA  . ALA A 1 18  ? 3.693   7.976   -14.191 1.00 30.20 ? 1124 ALA A CA  1 
ATOM   116 C  C   . ALA A 1 18  ? 4.646   6.795   -14.479 1.00 28.09 ? 1124 ALA A C   1 
ATOM   117 O  O   . ALA A 1 18  ? 4.410   6.032   -15.424 1.00 33.46 ? 1124 ALA A O   1 
ATOM   118 C  CB  . ALA A 1 18  ? 4.001   9.173   -15.109 1.00 27.27 ? 1124 ALA A CB  1 
ATOM   119 N  N   . ALA A 1 19  ? 5.689   6.633   -13.650 1.00 30.26 ? 1125 ALA A N   1 
ATOM   120 C  CA  . ALA A 1 19  ? 6.562   5.410   -13.691 1.00 34.18 ? 1125 ALA A CA  1 
ATOM   121 C  C   . ALA A 1 19  ? 5.746   4.112   -13.468 1.00 34.86 ? 1125 ALA A C   1 
ATOM   122 O  O   . ALA A 1 19  ? 6.088   3.042   -13.985 1.00 34.41 ? 1125 ALA A O   1 
ATOM   123 C  CB  . ALA A 1 19  ? 7.676   5.528   -12.670 1.00 36.68 ? 1125 ALA A CB  1 
ATOM   124 N  N   . GLY A 1 20  ? 4.600   4.232   -12.779 1.00 28.42 ? 1126 GLY A N   1 
ATOM   125 C  CA  . GLY A 1 20  ? 3.682   3.128   -12.608 1.00 26.99 ? 1126 GLY A CA  1 
ATOM   126 C  C   . GLY A 1 20  ? 4.124   2.395   -11.337 1.00 25.11 ? 1126 GLY A C   1 
ATOM   127 O  O   . GLY A 1 20  ? 4.880   2.927   -10.492 1.00 25.33 ? 1126 GLY A O   1 
ATOM   128 N  N   . LEU A 1 21  ? 3.642   1.181   -11.211 1.00 22.35 ? 1127 LEU A N   1 
ATOM   129 C  CA  . LEU A 1 21  ? 3.894   0.403   -10.008 1.00 21.43 ? 1127 LEU A CA  1 
ATOM   130 C  C   . LEU A 1 21  ? 4.642   -0.851  -10.412 1.00 21.96 ? 1127 LEU A C   1 
ATOM   131 O  O   . LEU A 1 21  ? 4.434   -1.374  -11.500 1.00 22.20 ? 1127 LEU A O   1 
ATOM   132 C  CB  . LEU A 1 21  ? 2.556   0.028   -9.378  1.00 22.18 ? 1127 LEU A CB  1 
ATOM   133 C  CG  . LEU A 1 21  ? 1.678   1.134   -8.860  1.00 23.64 ? 1127 LEU A CG  1 
ATOM   134 C  CD1 . LEU A 1 21  ? 0.407   0.530   -8.337  1.00 24.88 ? 1127 LEU A CD1 1 
ATOM   135 C  CD2 . LEU A 1 21  ? 2.369   1.920   -7.788  1.00 25.54 ? 1127 LEU A CD2 1 
ATOM   136 N  N   . ASP A 1 22  ? 5.482   -1.335  -9.519  1.00 17.33 ? 1128 ASP A N   1 
ATOM   137 C  CA  . ASP A 1 22  ? 6.157   -2.616  -9.738  1.00 18.58 ? 1128 ASP A CA  1 
ATOM   138 C  C   . ASP A 1 22  ? 5.806   -3.524  -8.616  1.00 16.35 ? 1128 ASP A C   1 
ATOM   139 O  O   . ASP A 1 22  ? 6.322   -3.388  -7.515  1.00 16.53 ? 1128 ASP A O   1 
ATOM   140 C  CB  . ASP A 1 22  ? 7.659   -2.427  -9.851  1.00 21.72 ? 1128 ASP A CB  1 
ATOM   141 C  CG  . ASP A 1 22  ? 8.421   -3.739  -9.991  1.00 24.89 ? 1128 ASP A CG  1 
ATOM   142 O  OD1 . ASP A 1 22  ? 7.818   -4.820  -10.061 1.00 21.24 ? 1128 ASP A OD1 1 
ATOM   143 O  OD2 . ASP A 1 22  ? 9.660   -3.684  -9.896  1.00 29.07 ? 1128 ASP A OD2 1 
ATOM   144 N  N   . VAL A 1 23  ? 4.896   -4.470  -8.875  1.00 15.75 ? 1129 VAL A N   1 
ATOM   145 C  CA  . VAL A 1 23  ? 4.410   -5.293  -7.807  1.00 15.53 ? 1129 VAL A CA  1 
ATOM   146 C  C   . VAL A 1 23  ? 5.461   -6.326  -7.311  1.00 15.10 ? 1129 VAL A C   1 
ATOM   147 O  O   . VAL A 1 23  ? 5.199   -6.936  -6.284  1.00 16.28 ? 1129 VAL A O   1 
ATOM   148 C  CB  . VAL A 1 23  ? 3.122   -6.058  -8.140  1.00 17.63 ? 1129 VAL A CB  1 
ATOM   149 C  CG1 . VAL A 1 23  ? 2.083   -5.080  -8.684  1.00 16.63 ? 1129 VAL A CG1 1 
ATOM   150 C  CG2 . VAL A 1 23  ? 3.399   -7.131  -9.198  1.00 20.44 ? 1129 VAL A CG2 1 
ATOM   151 N  N   . THR A 1 24  ? 6.597   -6.459  -8.019  1.00 14.92 ? 1130 THR A N   1 
ATOM   152 C  CA  . THR A 1 24  ? 7.673   -7.295  -7.551  1.00 17.45 ? 1130 THR A CA  1 
ATOM   153 C  C   . THR A 1 24  ? 8.765   -6.484  -6.854  1.00 19.36 ? 1130 THR A C   1 
ATOM   154 O  O   . THR A 1 24  ? 9.808   -7.044  -6.531  1.00 20.49 ? 1130 THR A O   1 
ATOM   155 C  CB  . THR A 1 24  ? 8.327   -8.111  -8.678  1.00 18.25 ? 1130 THR A CB  1 
ATOM   156 O  OG1 . THR A 1 24  ? 8.984   -7.259  -9.607  1.00 18.04 ? 1130 THR A OG1 1 
ATOM   157 C  CG2 . THR A 1 24  ? 7.269   -8.907  -9.355  1.00 19.00 ? 1130 THR A CG2 1 
ATOM   158 N  N   . GLN A 1 25  ? 8.545   -5.190  -6.592  1.00 16.20 ? 1131 GLN A N   1 
ATOM   159 C  CA  . GLN A 1 25  ? 9.550   -4.341  -5.916  1.00 17.12 ? 1131 GLN A CA  1 
ATOM   160 C  C   . GLN A 1 25  ? 9.744   -4.864  -4.517  1.00 18.72 ? 1131 GLN A C   1 
ATOM   161 O  O   . GLN A 1 25  ? 8.762   -5.183  -3.823  1.00 18.19 ? 1131 GLN A O   1 
ATOM   162 C  CB  . GLN A 1 25  ? 9.035   -2.895  -5.845  1.00 18.11 ? 1131 GLN A CB  1 
ATOM   163 C  CG  . GLN A 1 25  ? 10.009  -1.913  -5.210  1.00 18.48 ? 1131 GLN A CG  1 
ATOM   164 C  CD  . GLN A 1 25  ? 9.641   -0.468  -5.522  1.00 19.09 ? 1131 GLN A CD  1 
ATOM   165 O  OE1 . GLN A 1 25  ? 8.897   -0.190  -6.456  1.00 19.04 ? 1131 GLN A OE1 1 
ATOM   166 N  NE2 . GLN A 1 25  ? 10.044  0.419   -4.664  1.00 21.82 ? 1131 GLN A NE2 1 
ATOM   167 N  N   . PRO A 1 26  ? 11.013  -4.956  -4.060  1.00 16.29 ? 1132 PRO A N   1 
ATOM   168 C  CA  . PRO A 1 26  ? 11.250  -5.468  -2.710  1.00 16.02 ? 1132 PRO A CA  1 
ATOM   169 C  C   . PRO A 1 26  ? 11.063  -4.429  -1.609  1.00 14.76 ? 1132 PRO A C   1 
ATOM   170 O  O   . PRO A 1 26  ? 10.987  -3.204  -1.882  1.00 14.91 ? 1132 PRO A O   1 
ATOM   171 C  CB  . PRO A 1 26  ? 12.717  -5.901  -2.771  1.00 17.39 ? 1132 PRO A CB  1 
ATOM   172 C  CG  . PRO A 1 26  ? 13.306  -5.012  -3.766  1.00 20.00 ? 1132 PRO A CG  1 
ATOM   173 C  CD  . PRO A 1 26  ? 12.257  -4.750  -4.806  1.00 18.16 ? 1132 PRO A CD  1 
ATOM   174 N  N   . CYS A 1 27  ? 11.080  -4.883  -0.359  1.00 15.10 ? 1133 CYS A N   1 
ATOM   175 C  CA  . CYS A 1 27  ? 10.948  -3.995  0.751   1.00 14.83 ? 1133 CYS A CA  1 
ATOM   176 C  C   . CYS A 1 27  ? 12.098  -3.052  0.759   1.00 15.38 ? 1133 CYS A C   1 
ATOM   177 O  O   . CYS A 1 27  ? 13.252  -3.490  0.654   1.00 17.36 ? 1133 CYS A O   1 
ATOM   178 C  CB  . CYS A 1 27  ? 10.935  -4.750  2.062   1.00 14.33 ? 1133 CYS A CB  1 
ATOM   179 S  SG  . CYS A 1 27  ? 10.892  -3.742  3.534   1.00 14.79 ? 1133 CYS A SG  1 
ATOM   180 N  N   . GLY A 1 28  ? 11.787  -1.761  0.886   1.00 15.09 ? 1134 GLY A N   1 
ATOM   181 C  CA  . GLY A 1 28  ? 12.836  -0.718  0.913   1.00 18.19 ? 1134 GLY A CA  1 
ATOM   182 C  C   . GLY A 1 28  ? 13.839  -0.797  2.054   1.00 20.80 ? 1134 GLY A C   1 
ATOM   183 O  O   . GLY A 1 28  ? 14.899  -0.193  1.958   1.00 23.48 ? 1134 GLY A O   1 
ATOM   184 N  N   A ASP A 1 29  ? 13.484  -1.459  3.147   0.70 20.14 ? 1135 ASP A N   1 
ATOM   185 N  N   B ASP A 1 29  ? 13.514  -1.534  3.112   0.30 18.90 ? 1135 ASP A N   1 
ATOM   186 C  CA  A ASP A 1 29  ? 14.371  -1.623  4.294   0.70 21.38 ? 1135 ASP A CA  1 
ATOM   187 C  CA  B ASP A 1 29  ? 14.335  -1.614  4.315   0.30 18.44 ? 1135 ASP A CA  1 
ATOM   188 C  C   A ASP A 1 29  ? 15.099  -2.919  4.196   0.70 20.92 ? 1135 ASP A C   1 
ATOM   189 C  C   B ASP A 1 29  ? 15.067  -2.924  4.490   0.30 18.75 ? 1135 ASP A C   1 
ATOM   190 O  O   A ASP A 1 29  ? 16.326  -2.923  4.077   0.70 21.06 ? 1135 ASP A O   1 
ATOM   191 O  O   B ASP A 1 29  ? 16.233  -2.935  4.926   0.30 17.28 ? 1135 ASP A O   1 
ATOM   192 C  CB  A ASP A 1 29  ? 13.617  -1.521  5.618   0.70 23.10 ? 1135 ASP A CB  1 
ATOM   193 C  CB  B ASP A 1 29  ? 13.459  -1.388  5.530   0.30 18.02 ? 1135 ASP A CB  1 
ATOM   194 C  CG  A ASP A 1 29  ? 13.121  -0.109  5.909   0.70 27.94 ? 1135 ASP A CG  1 
ATOM   195 C  CG  B ASP A 1 29  ? 14.256  -1.280  6.784   0.30 18.39 ? 1135 ASP A CG  1 
ATOM   196 O  OD1 A ASP A 1 29  ? 13.731  0.889   5.427   0.70 28.81 ? 1135 ASP A OD1 1 
ATOM   197 O  OD1 B ASP A 1 29  ? 14.850  -2.285  7.207   0.30 18.07 ? 1135 ASP A OD1 1 
ATOM   198 O  OD2 A ASP A 1 29  ? 12.095  0.000   6.636   0.70 29.54 ? 1135 ASP A OD2 1 
ATOM   199 O  OD2 B ASP A 1 29  ? 14.287  -0.191  7.328   0.30 18.33 ? 1135 ASP A OD2 1 
ATOM   200 N  N   . CYS A 1 30  ? 14.381  -4.041  4.242   1.00 18.43 ? 1136 CYS A N   1 
ATOM   201 C  CA  . CYS A 1 30  ? 15.019  -5.362  4.363   1.00 18.70 ? 1136 CYS A CA  1 
ATOM   202 C  C   . CYS A 1 30  ? 15.223  -6.120  3.091   1.00 18.65 ? 1136 CYS A C   1 
ATOM   203 O  O   . CYS A 1 30  ? 15.905  -7.140  3.110   1.00 21.42 ? 1136 CYS A O   1 
ATOM   204 C  CB  . CYS A 1 30  ? 14.285  -6.245  5.365   1.00 18.91 ? 1136 CYS A CB  1 
ATOM   205 S  SG  . CYS A 1 30  ? 12.670  -6.854  4.894   1.00 16.52 ? 1136 CYS A SG  1 
ATOM   206 N  N   . GLY A 1 31  ? 14.651  -5.674  1.974   1.00 17.94 ? 1137 GLY A N   1 
ATOM   207 C  CA  . GLY A 1 31  ? 14.855  -6.312  0.684   1.00 18.66 ? 1137 GLY A CA  1 
ATOM   208 C  C   . GLY A 1 31  ? 14.038  -7.570  0.476   1.00 18.56 ? 1137 GLY A C   1 
ATOM   209 O  O   . GLY A 1 31  ? 14.156  -8.191  -0.579  1.00 19.68 ? 1137 GLY A O   1 
ATOM   210 N  N   . THR A 1 32  ? 13.169  -7.958  1.431   1.00 18.49 ? 1138 THR A N   1 
ATOM   211 C  CA  . THR A 1 32  ? 12.356  -9.140  1.181   1.00 17.59 ? 1138 THR A CA  1 
ATOM   212 C  C   . THR A 1 32  ? 11.472  -8.968  -0.019  1.00 19.09 ? 1138 THR A C   1 
ATOM   213 O  O   . THR A 1 32  ? 10.963  -7.874  -0.294  1.00 16.55 ? 1138 THR A O   1 
ATOM   214 C  CB  . THR A 1 32  ? 11.529  -9.538  2.396   1.00 19.11 ? 1138 THR A CB  1 
ATOM   215 O  OG1 . THR A 1 32  ? 10.861  -10.758 2.121   1.00 19.57 ? 1138 THR A OG1 1 
ATOM   216 C  CG2 . THR A 1 32  ? 10.476  -8.490  2.738   1.00 18.85 ? 1138 THR A CG2 1 
ATOM   217 N  N   . ILE A 1 33  ? 11.219  -10.080 -0.690  1.00 19.69 ? 1139 ILE A N   1 
ATOM   218 C  CA  . ILE A 1 33  ? 10.336  -10.095 -1.812  1.00 19.60 ? 1139 ILE A CA  1 
ATOM   219 C  C   . ILE A 1 33  ? 8.960   -10.536 -1.374  1.00 20.81 ? 1139 ILE A C   1 
ATOM   220 O  O   . ILE A 1 33  ? 8.080   -10.500 -2.207  1.00 24.81 ? 1139 ILE A O   1 
ATOM   221 C  CB  . ILE A 1 33  ? 10.813  -10.995 -2.939  1.00 24.15 ? 1139 ILE A CB  1 
ATOM   222 C  CG1 . ILE A 1 33  ? 10.933  -12.439 -2.427  1.00 26.36 ? 1139 ILE A CG1 1 
ATOM   223 C  CG2 . ILE A 1 33  ? 12.151  -10.499 -3.448  1.00 28.42 ? 1139 ILE A CG2 1 
ATOM   224 C  CD1 . ILE A 1 33  ? 10.924  -13.521 -3.489  1.00 29.31 ? 1139 ILE A CD1 1 
ATOM   225 N  N   . GLN A 1 34  ? 8.773   -10.870 -0.089  1.00 19.44 ? 1140 GLN A N   1 
ATOM   226 C  CA  . GLN A 1 34  ? 7.503   -11.379 0.391   1.00 20.57 ? 1140 GLN A CA  1 
ATOM   227 C  C   . GLN A 1 34  ? 6.585   -10.329 1.061   1.00 18.15 ? 1140 GLN A C   1 
ATOM   228 O  O   . GLN A 1 34  ? 7.075   -9.454  1.765   1.00 19.15 ? 1140 GLN A O   1 
ATOM   229 C  CB  . GLN A 1 34  ? 7.770   -12.440 1.433   1.00 21.00 ? 1140 GLN A CB  1 
ATOM   230 C  CG  . GLN A 1 34  ? 8.638   -13.547 0.961   1.00 24.67 ? 1140 GLN A CG  1 
ATOM   231 C  CD  . GLN A 1 34  ? 8.802   -14.579 2.078   1.00 25.47 ? 1140 GLN A CD  1 
ATOM   232 O  OE1 . GLN A 1 34  ? 7.800   -15.107 2.601   1.00 25.82 ? 1140 GLN A OE1 1 
ATOM   233 N  NE2 . GLN A 1 34  ? 10.047  -14.833 2.455   1.00 25.77 ? 1140 GLN A NE2 1 
ATOM   234 N  N   . GLU A 1 35  ? 5.301   -10.471 0.807   1.00 19.49 ? 1141 GLU A N   1 
ATOM   235 C  CA  . GLU A 1 35  ? 4.249   -9.761  1.477   1.00 19.05 ? 1141 GLU A CA  1 
ATOM   236 C  C   . GLU A 1 35  ? 4.529   -8.238  1.503   1.00 17.08 ? 1141 GLU A C   1 
ATOM   237 O  O   . GLU A 1 35  ? 4.338   -7.606  2.515   1.00 17.81 ? 1141 GLU A O   1 
ATOM   238 C  CB  . GLU A 1 35  ? 4.066   -10.225 2.924   1.00 23.57 ? 1141 GLU A CB  1 
ATOM   239 C  CG  . GLU A 1 35  ? 3.825   -11.691 3.160   1.00 29.17 ? 1141 GLU A CG  1 
ATOM   240 C  CD  . GLU A 1 35  ? 2.333   -12.044 3.293   1.00 29.75 ? 1141 GLU A CD  1 
ATOM   241 O  OE1 . GLU A 1 35  ? 1.668   -11.422 4.147   1.00 27.89 ? 1141 GLU A OE1 1 
ATOM   242 O  OE2 . GLU A 1 35  ? 1.870   -12.971 2.589   1.00 29.21 ? 1141 GLU A OE2 1 
ATOM   243 N  N   . ASN A 1 36  ? 4.856   -7.668  0.369   1.00 14.35 ? 1142 ASN A N   1 
ATOM   244 C  CA  . ASN A 1 36  ? 5.091   -6.216  0.347   1.00 13.33 ? 1142 ASN A CA  1 
ATOM   245 C  C   . ASN A 1 36  ? 3.761   -5.467  0.065   1.00 12.48 ? 1142 ASN A C   1 
ATOM   246 O  O   . ASN A 1 36  ? 2.793   -5.977  -0.548  1.00 14.00 ? 1142 ASN A O   1 
ATOM   247 C  CB  . ASN A 1 36  ? 6.168   -5.912  -0.674  1.00 14.37 ? 1142 ASN A CB  1 
ATOM   248 C  CG  . ASN A 1 36  ? 7.541   -6.353  -0.193  1.00 16.22 ? 1142 ASN A CG  1 
ATOM   249 O  OD1 . ASN A 1 36  ? 7.910   -5.997  0.905   1.00 18.72 ? 1142 ASN A OD1 1 
ATOM   250 N  ND2 . ASN A 1 36  ? 8.280   -7.102  -0.998  1.00 15.77 ? 1142 ASN A ND2 1 
ATOM   251 N  N   . TRP A 1 37  ? 3.803   -4.235  0.501   1.00 12.52 ? 1143 TRP A N   1 
ATOM   252 C  CA  . TRP A 1 37  ? 2.758   -3.239  0.315   1.00 12.18 ? 1143 TRP A CA  1 
ATOM   253 C  C   . TRP A 1 37  ? 3.369   -1.983  -0.229  1.00 12.98 ? 1143 TRP A C   1 
ATOM   254 O  O   . TRP A 1 37  ? 4.547   -1.729  -0.020  1.00 11.92 ? 1143 TRP A O   1 
ATOM   255 C  CB  . TRP A 1 37  ? 2.140   -2.907  1.667   1.00 12.71 ? 1143 TRP A CB  1 
ATOM   256 C  CG  . TRP A 1 37  ? 1.478   -4.036  2.354   1.00 12.82 ? 1143 TRP A CG  1 
ATOM   257 C  CD1 . TRP A 1 37  ? 2.106   -5.100  2.967   1.00 13.56 ? 1143 TRP A CD1 1 
ATOM   258 C  CD2 . TRP A 1 37  ? 0.060   -4.264  2.549   1.00 13.44 ? 1143 TRP A CD2 1 
ATOM   259 N  NE1 . TRP A 1 37  ? 1.196   -5.980  3.499   1.00 15.51 ? 1143 TRP A NE1 1 
ATOM   260 C  CE2 . TRP A 1 37  ? -0.067  -5.492  3.282   1.00 14.76 ? 1143 TRP A CE2 1 
ATOM   261 C  CE3 . TRP A 1 37  ? -1.078  -3.577  2.197   1.00 13.02 ? 1143 TRP A CE3 1 
ATOM   262 C  CZ2 . TRP A 1 37  ? -1.308  -6.007  3.677   1.00 14.60 ? 1143 TRP A CZ2 1 
ATOM   263 C  CZ3 . TRP A 1 37  ? -2.327  -4.092  2.579   1.00 14.34 ? 1143 TRP A CZ3 1 
ATOM   264 C  CH2 . TRP A 1 37  ? -2.422  -5.303  3.300   1.00 14.17 ? 1143 TRP A CH2 1 
ATOM   265 N  N   . VAL A 1 38  ? 2.556   -1.200  -0.948  1.00 12.61 ? 1144 VAL A N   1 
ATOM   266 C  CA  . VAL A 1 38  ? 2.992   0.108   -1.422  1.00 13.32 ? 1144 VAL A CA  1 
ATOM   267 C  C   . VAL A 1 38  ? 2.184   1.166   -0.714  1.00 12.17 ? 1144 VAL A C   1 
ATOM   268 O  O   . VAL A 1 38  ? 0.936   1.053   -0.569  1.00 11.73 ? 1144 VAL A O   1 
ATOM   269 C  CB  . VAL A 1 38  ? 2.885   0.242   -2.963  1.00 13.53 ? 1144 VAL A CB  1 
ATOM   270 C  CG1 . VAL A 1 38  ? 1.469   0.057   -3.528  1.00 14.74 ? 1144 VAL A CG1 1 
ATOM   271 C  CG2 . VAL A 1 38  ? 3.447   1.580   -3.424  1.00 13.60 ? 1144 VAL A CG2 1 
ATOM   272 N  N   . CYS A 1 39  ? 2.860   2.245   -0.316  1.00 11.79 ? 1145 CYS A N   1 
ATOM   273 C  CA  . CYS A 1 39  ? 2.199   3.315   0.457   1.00 12.74 ? 1145 CYS A CA  1 
ATOM   274 C  C   . CYS A 1 39  ? 1.475   4.196   -0.564  1.00 12.56 ? 1145 CYS A C   1 
ATOM   275 O  O   . CYS A 1 39  ? 2.096   4.622   -1.521  1.00 12.35 ? 1145 CYS A O   1 
ATOM   276 C  CB  . CYS A 1 39  ? 3.190   4.148   1.232   1.00 14.69 ? 1145 CYS A CB  1 
ATOM   277 S  SG  . CYS A 1 39  ? 2.355   5.423   2.178   1.00 14.78 ? 1145 CYS A SG  1 
ATOM   278 N  N   . LEU A 1 40  ? 0.208   4.468   -0.381  1.00 11.94 ? 1146 LEU A N   1 
ATOM   279 C  CA  . LEU A 1 40  ? -0.550  5.229   -1.341  1.00 12.91 ? 1146 LEU A CA  1 
ATOM   280 C  C   . LEU A 1 40  ? -0.383  6.741   -1.177  1.00 14.44 ? 1146 LEU A C   1 
ATOM   281 O  O   . LEU A 1 40  ? -1.049  7.511   -1.927  1.00 14.65 ? 1146 LEU A O   1 
ATOM   282 C  CB  . LEU A 1 40  ? -2.047  4.864   -1.259  1.00 14.08 ? 1146 LEU A CB  1 
ATOM   283 C  CG  . LEU A 1 40  ? -2.333  3.341   -1.591  1.00 14.45 ? 1146 LEU A CG  1 
ATOM   284 C  CD1 . LEU A 1 40  ? -3.818  3.056   -1.681  1.00 16.25 ? 1146 LEU A CD1 1 
ATOM   285 C  CD2 . LEU A 1 40  ? -1.685  2.994   -2.908  1.00 16.03 ? 1146 LEU A CD2 1 
ATOM   286 N  N   . SER A 1 41  ? 0.474   7.173   -0.252  1.00 13.16 ? 1147 SER A N   1 
ATOM   287 C  CA  . SER A 1 41  ? 0.808   8.588   -0.162  1.00 13.76 ? 1147 SER A CA  1 
ATOM   288 C  C   . SER A 1 41  ? 2.097   8.815   -0.933  1.00 15.34 ? 1147 SER A C   1 
ATOM   289 O  O   . SER A 1 41  ? 2.099   9.626   -1.830  1.00 17.09 ? 1147 SER A O   1 
ATOM   290 C  CB  . SER A 1 41  ? 0.836   9.052   1.284   1.00 14.98 ? 1147 SER A CB  1 
ATOM   291 O  OG  . SER A 1 41  ? -0.477  8.948   1.875   1.00 15.23 ? 1147 SER A OG  1 
ATOM   292 N  N   . CYS A 1 42  ? 3.190   8.121   -0.568  1.00 14.80 ? 1148 CYS A N   1 
ATOM   293 C  CA  . CYS A 1 42  ? 4.504   8.399   -1.156  1.00 14.62 ? 1148 CYS A CA  1 
ATOM   294 C  C   . CYS A 1 42  ? 5.079   7.268   -1.987  1.00 13.99 ? 1148 CYS A C   1 
ATOM   295 O  O   . CYS A 1 42  ? 6.198   7.379   -2.523  1.00 15.89 ? 1148 CYS A O   1 
ATOM   296 C  CB  . CYS A 1 42  ? 5.488   8.870   -0.074  1.00 16.28 ? 1148 CYS A CB  1 
ATOM   297 S  SG  . CYS A 1 42  ? 6.039   7.483   1.010   1.00 20.56 ? 1148 CYS A SG  1 
ATOM   298 N  N   . TYR A 1 43  ? 4.340   6.155   -2.159  1.00 13.69 ? 1149 TYR A N   1 
ATOM   299 C  CA  . TYR A 1 43  ? 4.680   5.090   -3.114  1.00 13.68 ? 1149 TYR A CA  1 
ATOM   300 C  C   . TYR A 1 43  ? 6.005   4.370   -2.848  1.00 15.22 ? 1149 TYR A C   1 
ATOM   301 O  O   . TYR A 1 43  ? 6.567   3.693   -3.717  1.00 16.92 ? 1149 TYR A O   1 
ATOM   302 C  CB  . TYR A 1 43  ? 4.457   5.585   -4.558  1.00 16.31 ? 1149 TYR A CB  1 
ATOM   303 C  CG  . TYR A 1 43  ? 2.993   5.785   -4.806  1.00 15.81 ? 1149 TYR A CG  1 
ATOM   304 C  CD1 . TYR A 1 43  ? 2.380   7.017   -4.528  1.00 16.54 ? 1149 TYR A CD1 1 
ATOM   305 C  CD2 . TYR A 1 43  ? 2.208   4.743   -5.308  1.00 16.49 ? 1149 TYR A CD2 1 
ATOM   306 C  CE1 . TYR A 1 43  ? 1.002   7.201   -4.698  1.00 15.72 ? 1149 TYR A CE1 1 
ATOM   307 C  CE2 . TYR A 1 43  ? 0.861   4.932   -5.533  1.00 16.34 ? 1149 TYR A CE2 1 
ATOM   308 C  CZ  . TYR A 1 43  ? 0.267   6.158   -5.220  1.00 15.29 ? 1149 TYR A CZ  1 
ATOM   309 O  OH  . TYR A 1 43  ? -1.093  6.291   -5.366  1.00 17.02 ? 1149 TYR A OH  1 
ATOM   310 N  N   . GLN A 1 44  ? 6.437   4.447   -1.583  1.00 13.81 ? 1150 GLN A N   1 
ATOM   311 C  CA  . GLN A 1 44  ? 7.477   3.555   -1.043  1.00 15.17 ? 1150 GLN A CA  1 
ATOM   312 C  C   . GLN A 1 44  ? 6.878   2.178   -0.778  1.00 14.19 ? 1150 GLN A C   1 
ATOM   313 O  O   . GLN A 1 44  ? 5.690   2.044   -0.487  1.00 14.71 ? 1150 GLN A O   1 
ATOM   314 C  CB  . GLN A 1 44  ? 8.176   4.109   0.181   1.00 15.69 ? 1150 GLN A CB  1 
ATOM   315 C  CG  . GLN A 1 44  ? 9.065   5.323   -0.230  1.00 19.16 ? 1150 GLN A CG  1 
ATOM   316 C  CD  . GLN A 1 44  ? 9.546   6.138   0.940   1.00 21.92 ? 1150 GLN A CD  1 
ATOM   317 O  OE1 . GLN A 1 44  ? 9.575   5.693   2.096   1.00 22.73 ? 1150 GLN A OE1 1 
ATOM   318 N  NE2 . GLN A 1 44  ? 9.841   7.421   0.652   1.00 26.03 ? 1150 GLN A NE2 1 
ATOM   319 N  N   . VAL A 1 45  ? 7.734   1.158   -0.888  1.00 13.86 ? 1151 VAL A N   1 
ATOM   320 C  CA  . VAL A 1 45  ? 7.325   -0.238  -0.739  1.00 13.28 ? 1151 VAL A CA  1 
ATOM   321 C  C   . VAL A 1 45  ? 8.020   -0.856  0.470   1.00 13.85 ? 1151 VAL A C   1 
ATOM   322 O  O   . VAL A 1 45  ? 9.265   -0.750  0.587   1.00 13.58 ? 1151 VAL A O   1 
ATOM   323 C  CB  . VAL A 1 45  ? 7.685   -1.044  -2.031  1.00 12.89 ? 1151 VAL A CB  1 
ATOM   324 C  CG1 . VAL A 1 45  ? 7.432   -2.516  -1.858  1.00 12.92 ? 1151 VAL A CG1 1 
ATOM   325 C  CG2 . VAL A 1 45  ? 6.929   -0.488  -3.216  1.00 13.13 ? 1151 VAL A CG2 1 
ATOM   326 N  N   . TYR A 1 46  ? 7.246   -1.448  1.377   1.00 12.48 ? 1152 TYR A N   1 
ATOM   327 C  CA  . TYR A 1 46  ? 7.734   -2.037  2.564   1.00 12.56 ? 1152 TYR A CA  1 
ATOM   328 C  C   . TYR A 1 46  ? 6.952   -3.310  2.907   1.00 12.41 ? 1152 TYR A C   1 
ATOM   329 O  O   . TYR A 1 46  ? 5.800   -3.467  2.519   1.00 11.67 ? 1152 TYR A O   1 
ATOM   330 C  CB  . TYR A 1 46  ? 7.667   -1.092  3.762   1.00 12.78 ? 1152 TYR A CB  1 
ATOM   331 C  CG  . TYR A 1 46  ? 8.501   0.148   3.635   1.00 13.20 ? 1152 TYR A CG  1 
ATOM   332 C  CD1 . TYR A 1 46  ? 9.906   0.060   3.674   1.00 15.94 ? 1152 TYR A CD1 1 
ATOM   333 C  CD2 . TYR A 1 46  ? 7.906   1.366   3.424   1.00 16.22 ? 1152 TYR A CD2 1 
ATOM   334 C  CE1 . TYR A 1 46  ? 10.664  1.180   3.575   1.00 16.23 ? 1152 TYR A CE1 1 
ATOM   335 C  CE2 . TYR A 1 46  ? 8.689   2.540   3.303   1.00 15.85 ? 1152 TYR A CE2 1 
ATOM   336 C  CZ  . TYR A 1 46  ? 10.061  2.416   3.368   1.00 18.65 ? 1152 TYR A CZ  1 
ATOM   337 O  OH  . TYR A 1 46  ? 10.867  3.550   3.196   1.00 20.76 ? 1152 TYR A OH  1 
ATOM   338 N  N   . CYS A 1 47  ? 7.559   -4.206  3.677   1.00 12.45 ? 1153 CYS A N   1 
ATOM   339 C  CA  . CYS A 1 47  ? 6.957   -5.481  3.945   1.00 12.81 ? 1153 CYS A CA  1 
ATOM   340 C  C   . CYS A 1 47  ? 5.863   -5.455  5.057   1.00 13.04 ? 1153 CYS A C   1 
ATOM   341 O  O   . CYS A 1 47  ? 5.828   -4.605  5.955   1.00 12.65 ? 1153 CYS A O   1 
ATOM   342 C  CB  . CYS A 1 47  ? 8.069   -6.528  4.262   1.00 14.17 ? 1153 CYS A CB  1 
ATOM   343 S  SG  . CYS A 1 47  ? 8.956   -6.209  5.828   1.00 14.59 ? 1153 CYS A SG  1 
ATOM   344 N  N   . GLY A 1 48  ? 5.030   -6.480  4.990   1.00 13.05 ? 1154 GLY A N   1 
ATOM   345 C  CA  . GLY A 1 48  ? 3.945   -6.703  5.894   1.00 13.43 ? 1154 GLY A CA  1 
ATOM   346 C  C   . GLY A 1 48  ? 4.305   -7.172  7.277   1.00 15.71 ? 1154 GLY A C   1 
ATOM   347 O  O   . GLY A 1 48  ? 5.430   -7.537  7.555   1.00 16.10 ? 1154 GLY A O   1 
ATOM   348 N  N   A ARG A 1 49  ? 3.280   -7.184  8.127   0.50 15.07 ? 1155 ARG A N   1 
ATOM   349 N  N   B ARG A 1 49  ? 3.302   -7.170  8.152   0.50 16.00 ? 1155 ARG A N   1 
ATOM   350 C  CA  A ARG A 1 49  ? 3.405   -7.485  9.534   0.50 15.26 ? 1155 ARG A CA  1 
ATOM   351 C  CA  B ARG A 1 49  ? 3.516   -7.418  9.562   0.50 16.80 ? 1155 ARG A CA  1 
ATOM   352 C  C   A ARG A 1 49  ? 4.023   -8.845  9.801   0.50 15.67 ? 1155 ARG A C   1 
ATOM   353 C  C   B ARG A 1 49  ? 3.920   -8.864  9.867   0.50 16.72 ? 1155 ARG A C   1 
ATOM   354 O  O   A ARG A 1 49  ? 4.866   -8.976  10.718  0.50 15.88 ? 1155 ARG A O   1 
ATOM   355 O  O   B ARG A 1 49  ? 4.504   -9.082  10.927  0.50 18.36 ? 1155 ARG A O   1 
ATOM   356 C  CB  A ARG A 1 49  ? 2.013   -7.401  10.221  0.50 15.73 ? 1155 ARG A CB  1 
ATOM   357 C  CB  B ARG A 1 49  ? 2.279   -6.979  10.418  0.50 18.67 ? 1155 ARG A CB  1 
ATOM   358 C  CG  A ARG A 1 49  ? 0.959   -8.334  9.651   0.50 16.42 ? 1155 ARG A CG  1 
ATOM   359 C  CG  B ARG A 1 49  ? 1.130   -7.975  10.425  0.50 19.79 ? 1155 ARG A CG  1 
ATOM   360 C  CD  A ARG A 1 49  ? -0.449  -7.806  9.906   0.50 16.91 ? 1155 ARG A CD  1 
ATOM   361 C  CD  B ARG A 1 49  ? -0.248  -7.494  10.883  0.50 22.11 ? 1155 ARG A CD  1 
ATOM   362 N  NE  A ARG A 1 49  ? -1.553  -8.675  9.449   0.50 16.22 ? 1155 ARG A NE  1 
ATOM   363 N  NE  B ARG A 1 49  ? -1.252  -8.173  10.038  0.50 22.54 ? 1155 ARG A NE  1 
ATOM   364 C  CZ  A ARG A 1 49  ? -1.856  -8.887  8.173   0.50 16.98 ? 1155 ARG A CZ  1 
ATOM   365 C  CZ  B ARG A 1 49  ? -2.296  -8.915  10.392  0.50 24.73 ? 1155 ARG A CZ  1 
ATOM   366 N  NH1 A ARG A 1 49  ? -2.882  -9.673  7.827   0.50 18.33 ? 1155 ARG A NH1 1 
ATOM   367 N  NH1 B ARG A 1 49  ? -3.007  -9.449  9.391   0.50 24.42 ? 1155 ARG A NH1 1 
ATOM   368 N  NH2 A ARG A 1 49  ? -1.121  -8.312  7.241   0.50 17.51 ? 1155 ARG A NH2 1 
ATOM   369 N  NH2 B ARG A 1 49  ? -2.661  -9.147  11.658  0.50 23.34 ? 1155 ARG A NH2 1 
ATOM   370 N  N   . TYR A 1 50  ? 3.686   -9.803  8.943   1.00 15.92 ? 1156 TYR A N   1 
ATOM   371 C  CA  . TYR A 1 50  ? 4.122   -11.183 9.110   1.00 17.44 ? 1156 TYR A CA  1 
ATOM   372 C  C   . TYR A 1 50  ? 5.531   -11.426 8.623   1.00 18.01 ? 1156 TYR A C   1 
ATOM   373 O  O   . TYR A 1 50  ? 6.081   -12.492 8.937   1.00 18.76 ? 1156 TYR A O   1 
ATOM   374 C  CB  . TYR A 1 50  ? 3.138   -12.202 8.525   1.00 17.99 ? 1156 TYR A CB  1 
ATOM   375 C  CG  . TYR A 1 50  ? 1.801   -12.194 9.240   1.00 19.45 ? 1156 TYR A CG  1 
ATOM   376 C  CD1 . TYR A 1 50  ? 1.745   -12.341 10.633  1.00 22.20 ? 1156 TYR A CD1 1 
ATOM   377 C  CD2 . TYR A 1 50  ? 0.619   -12.043 8.548   1.00 20.23 ? 1156 TYR A CD2 1 
ATOM   378 C  CE1 . TYR A 1 50  ? 0.530   -12.332 11.317  1.00 21.02 ? 1156 TYR A CE1 1 
ATOM   379 C  CE2 . TYR A 1 50  ? -0.585  -12.046 9.212   1.00 21.14 ? 1156 TYR A CE2 1 
ATOM   380 C  CZ  . TYR A 1 50  ? -0.616  -12.183 10.611  1.00 22.61 ? 1156 TYR A CZ  1 
ATOM   381 O  OH  . TYR A 1 50  ? -1.786  -12.177 11.338  1.00 22.58 ? 1156 TYR A OH  1 
ATOM   382 N  N   . ILE A 1 51  ? 6.167   -10.457 7.959   1.00 16.44 ? 1157 ILE A N   1 
ATOM   383 C  CA  . ILE A 1 51  ? 7.571   -10.560 7.568   1.00 17.31 ? 1157 ILE A CA  1 
ATOM   384 C  C   . ILE A 1 51  ? 8.358   -9.770  8.628   1.00 17.59 ? 1157 ILE A C   1 
ATOM   385 O  O   . ILE A 1 51  ? 8.587   -10.262 9.748   1.00 20.02 ? 1157 ILE A O   1 
ATOM   386 C  CB  . ILE A 1 51  ? 7.784   -10.124 6.090   1.00 18.11 ? 1157 ILE A CB  1 
ATOM   387 C  CG1 . ILE A 1 51  ? 6.826   -10.926 5.195   1.00 19.11 ? 1157 ILE A CG1 1 
ATOM   388 C  CG2 . ILE A 1 51  ? 9.232   -10.344 5.662   1.00 19.25 ? 1157 ILE A CG2 1 
ATOM   389 C  CD1 . ILE A 1 51  ? 6.978   -12.435 5.248   1.00 21.39 ? 1157 ILE A CD1 1 
ATOM   390 N  N   . ASN A 1 52  ? 8.759   -8.538  8.350   1.00 16.46 ? 1158 ASN A N   1 
ATOM   391 C  CA  . ASN A 1 52  ? 9.469   -7.745  9.283   1.00 17.93 ? 1158 ASN A CA  1 
ATOM   392 C  C   . ASN A 1 52  ? 8.755   -6.455  9.717   1.00 18.32 ? 1158 ASN A C   1 
ATOM   393 O  O   . ASN A 1 52  ? 9.355   -5.639  10.404  1.00 18.78 ? 1158 ASN A O   1 
ATOM   394 C  CB  . ASN A 1 52  ? 10.850  -7.460  8.721   1.00 20.59 ? 1158 ASN A CB  1 
ATOM   395 C  CG  . ASN A 1 52  ? 11.692  -8.740  8.623   1.00 21.77 ? 1158 ASN A CG  1 
ATOM   396 O  OD1 . ASN A 1 52  ? 11.751  -9.499  9.596   1.00 21.59 ? 1158 ASN A OD1 1 
ATOM   397 N  ND2 . ASN A 1 52  ? 12.323  -8.973  7.505   1.00 19.57 ? 1158 ASN A ND2 1 
ATOM   398 N  N   . GLY A 1 53  ? 7.503   -6.272  9.278   1.00 17.53 ? 1159 GLY A N   1 
ATOM   399 C  CA  . GLY A 1 53  ? 6.674   -5.125  9.739   1.00 15.38 ? 1159 GLY A CA  1 
ATOM   400 C  C   . GLY A 1 53  ? 7.167   -3.765  9.323   1.00 15.71 ? 1159 GLY A C   1 
ATOM   401 O  O   . GLY A 1 53  ? 6.896   -2.759  9.997   1.00 16.03 ? 1159 GLY A O   1 
ATOM   402 N  N   . HIS A 1 54  ? 7.913   -3.684  8.218   1.00 13.84 ? 1160 HIS A N   1 
ATOM   403 C  CA  . HIS A 1 54  ? 8.459   -2.393  7.806   1.00 13.51 ? 1160 HIS A CA  1 
ATOM   404 C  C   . HIS A 1 54  ? 7.400   -1.391  7.323   1.00 13.66 ? 1160 HIS A C   1 
ATOM   405 O  O   . HIS A 1 54  ? 7.617   -0.179  7.494   1.00 14.35 ? 1160 HIS A O   1 
ATOM   406 C  CB  . HIS A 1 54  ? 9.606   -2.577  6.812   1.00 15.00 ? 1160 HIS A CB  1 
ATOM   407 C  CG  . HIS A 1 54  ? 10.788  -3.170  7.492   1.00 16.42 ? 1160 HIS A CG  1 
ATOM   408 N  ND1 . HIS A 1 54  ? 11.473  -4.279  7.021   1.00 17.31 ? 1160 HIS A ND1 1 
ATOM   409 C  CD2 . HIS A 1 54  ? 11.409  -2.783  8.634   1.00 18.93 ? 1160 HIS A CD2 1 
ATOM   410 C  CE1 . HIS A 1 54  ? 12.472  -4.538  7.864   1.00 19.33 ? 1160 HIS A CE1 1 
ATOM   411 N  NE2 . HIS A 1 54  ? 12.430  -3.675  8.868   1.00 18.28 ? 1160 HIS A NE2 1 
ATOM   412 N  N   . MET A 1 55  ? 6.274   -1.877  6.763   1.00 13.31 ? 1161 MET A N   1 
ATOM   413 C  CA  . MET A 1 55  ? 5.233   -0.933  6.378   1.00 12.36 ? 1161 MET A CA  1 
ATOM   414 C  C   . MET A 1 55  ? 4.549   -0.346  7.619   1.00 12.83 ? 1161 MET A C   1 
ATOM   415 O  O   . MET A 1 55  ? 4.239   0.870   7.634   1.00 13.83 ? 1161 MET A O   1 
ATOM   416 C  CB  . MET A 1 55  ? 4.198   -1.503  5.390   1.00 12.27 ? 1161 MET A CB  1 
ATOM   417 C  CG  . MET A 1 55  ? 3.266   -0.423  4.857   1.00 12.43 ? 1161 MET A CG  1 
ATOM   418 S  SD  . MET A 1 55  ? 4.082   0.941   4.027   1.00 12.11 ? 1161 MET A SD  1 
ATOM   419 C  CE  . MET A 1 55  ? 4.218   0.290   2.404   1.00 12.83 ? 1161 MET A CE  1 
ATOM   420 N  N   . LEU A 1 56  ? 4.342   -1.181  8.638   1.00 14.11 ? 1162 LEU A N   1 
ATOM   421 C  CA  . LEU A 1 56  ? 3.778   -0.701  9.892   1.00 15.42 ? 1162 LEU A CA  1 
ATOM   422 C  C   . LEU A 1 56  ? 4.740   0.327   10.497  1.00 15.83 ? 1162 LEU A C   1 
ATOM   423 O  O   . LEU A 1 56  ? 4.283   1.379   11.019  1.00 16.80 ? 1162 LEU A O   1 
ATOM   424 C  CB  . LEU A 1 56  ? 3.554   -1.917  10.857  1.00 17.47 ? 1162 LEU A CB  1 
ATOM   425 C  CG  . LEU A 1 56  ? 3.008   -1.530  12.221  1.00 23.27 ? 1162 LEU A CG  1 
ATOM   426 C  CD1 . LEU A 1 56  ? 1.718   -0.763  12.127  1.00 23.79 ? 1162 LEU A CD1 1 
ATOM   427 C  CD2 . LEU A 1 56  ? 2.850   -2.798  13.072  1.00 24.47 ? 1162 LEU A CD2 1 
ATOM   428 N  N   . GLN A 1 57  ? 6.064   0.076   10.403  1.00 15.99 ? 1163 GLN A N   1 
ATOM   429 C  CA  . GLN A 1 57  ? 7.055   1.036   10.885  1.00 16.43 ? 1163 GLN A CA  1 
ATOM   430 C  C   . GLN A 1 57  ? 6.958   2.365   10.103  1.00 15.01 ? 1163 GLN A C   1 
ATOM   431 O  O   . GLN A 1 57  ? 6.983   3.467   10.666  1.00 17.28 ? 1163 GLN A O   1 
ATOM   432 C  CB  . GLN A 1 57  ? 8.455   0.461   10.848  1.00 20.30 ? 1163 GLN A CB  1 
ATOM   433 C  CG  . GLN A 1 57  ? 9.542   1.310   11.454  1.00 25.94 ? 1163 GLN A CG  1 
ATOM   434 C  CD  . GLN A 1 57  ? 10.909  0.602   11.397  1.00 32.82 ? 1163 GLN A CD  1 
ATOM   435 O  OE1 . GLN A 1 57  ? 10.983  -0.610  11.269  1.00 37.42 ? 1163 GLN A OE1 1 
ATOM   436 N  NE2 . GLN A 1 57  ? 12.004  1.391   11.444  1.00 43.57 ? 1163 GLN A NE2 1 
ATOM   437 N  N   . HIS A 1 58  ? 6.812   2.260   8.785   1.00 15.46 ? 1164 HIS A N   1 
ATOM   438 C  CA  . HIS A 1 58  ? 6.715   3.411   7.931   1.00 14.22 ? 1164 HIS A CA  1 
ATOM   439 C  C   . HIS A 1 58  ? 5.469   4.232   8.312   1.00 15.18 ? 1164 HIS A C   1 
ATOM   440 O  O   . HIS A 1 58  ? 5.516   5.447   8.344   1.00 15.66 ? 1164 HIS A O   1 
ATOM   441 C  CB  . HIS A 1 58  ? 6.644   2.984   6.506   1.00 14.52 ? 1164 HIS A CB  1 
ATOM   442 C  CG  . HIS A 1 58  ? 6.366   4.116   5.565   1.00 14.52 ? 1164 HIS A CG  1 
ATOM   443 N  ND1 . HIS A 1 58  ? 7.288   5.121   5.371   1.00 15.84 ? 1164 HIS A ND1 1 
ATOM   444 C  CD2 . HIS A 1 58  ? 5.262   4.466   4.858   1.00 14.49 ? 1164 HIS A CD2 1 
ATOM   445 C  CE1 . HIS A 1 58  ? 6.790   6.009   4.528   1.00 16.94 ? 1164 HIS A CE1 1 
ATOM   446 N  NE2 . HIS A 1 58  ? 5.571   5.633   4.169   1.00 15.01 ? 1164 HIS A NE2 1 
ATOM   447 N  N   . HIS A 1 59  ? 4.360   3.557   8.550   1.00 13.63 ? 1165 HIS A N   1 
ATOM   448 C  CA  . HIS A 1 59  ? 3.149   4.254   9.025   1.00 13.81 ? 1165 HIS A CA  1 
ATOM   449 C  C   . HIS A 1 59  ? 3.491   5.045   10.306  1.00 15.35 ? 1165 HIS A C   1 
ATOM   450 O  O   . HIS A 1 59  ? 3.131   6.211   10.443  1.00 16.69 ? 1165 HIS A O   1 
ATOM   451 C  CB  . HIS A 1 59  ? 2.002   3.305   9.286   1.00 15.23 ? 1165 HIS A CB  1 
ATOM   452 C  CG  . HIS A 1 59  ? 0.903   3.918   10.108  1.00 14.38 ? 1165 HIS A CG  1 
ATOM   453 N  ND1 . HIS A 1 59  ? 0.075   4.901   9.613   1.00 15.67 ? 1165 HIS A ND1 1 
ATOM   454 C  CD2 . HIS A 1 59  ? 0.534   3.728   11.405  1.00 16.41 ? 1165 HIS A CD2 1 
ATOM   455 C  CE1 . HIS A 1 59  ? -0.738  5.308   10.586  1.00 16.98 ? 1165 HIS A CE1 1 
ATOM   456 N  NE2 . HIS A 1 59  ? -0.505  4.601   11.675  1.00 16.56 ? 1165 HIS A NE2 1 
ATOM   457 N  N   . GLY A 1 60  ? 4.141   4.376   11.256  1.00 16.00 ? 1166 GLY A N   1 
ATOM   458 C  CA  . GLY A 1 60  ? 4.415   5.012   12.553  1.00 17.89 ? 1166 GLY A CA  1 
ATOM   459 C  C   . GLY A 1 60  ? 5.293   6.214   12.370  1.00 17.77 ? 1166 GLY A C   1 
ATOM   460 O  O   . GLY A 1 60  ? 5.114   7.211   13.092  1.00 20.13 ? 1166 GLY A O   1 
ATOM   461 N  N   . ASN A 1 61  ? 6.252   6.165   11.451  1.00 16.80 ? 1167 ASN A N   1 
ATOM   462 C  CA  . ASN A 1 61  ? 7.174   7.275   11.293  1.00 19.19 ? 1167 ASN A CA  1 
ATOM   463 C  C   . ASN A 1 61  ? 6.782   8.325   10.282  1.00 19.07 ? 1167 ASN A C   1 
ATOM   464 O  O   . ASN A 1 61  ? 7.425   9.385   10.239  1.00 19.45 ? 1167 ASN A O   1 
ATOM   465 C  CB  . ASN A 1 61  ? 8.613   6.836   11.101  1.00 24.21 ? 1167 ASN A CB  1 
ATOM   466 C  CG  . ASN A 1 61  ? 8.893   6.197   9.817   1.00 25.39 ? 1167 ASN A CG  1 
ATOM   467 O  OD1 . ASN A 1 61  ? 8.461   6.675   8.755   1.00 28.36 ? 1167 ASN A OD1 1 
ATOM   468 N  ND2 . ASN A 1 61  ? 9.711   5.100   9.865   1.00 29.14 ? 1167 ASN A ND2 1 
ATOM   469 N  N   . SER A 1 62  ? 5.742   8.054   9.485   1.00 14.96 ? 1168 SER A N   1 
ATOM   470 C  CA  . SER A 1 62  ? 5.268   9.041   8.523   1.00 15.27 ? 1168 SER A CA  1 
ATOM   471 C  C   . SER A 1 62  ? 3.884   9.575   8.788   1.00 15.10 ? 1168 SER A C   1 
ATOM   472 O  O   . SER A 1 62  ? 3.509   10.647  8.265   1.00 15.88 ? 1168 SER A O   1 
ATOM   473 C  CB  . SER A 1 62  ? 5.307   8.458   7.089   1.00 15.71 ? 1168 SER A CB  1 
ATOM   474 O  OG  . SER A 1 62  ? 4.315   7.465   6.932   1.00 14.47 ? 1168 SER A OG  1 
ATOM   475 N  N   . GLY A 1 63  ? 3.079   8.757   9.455   1.00 15.30 ? 1169 GLY A N   1 
ATOM   476 C  CA  . GLY A 1 63  ? 1.641   8.970   9.615   1.00 15.59 ? 1169 GLY A CA  1 
ATOM   477 C  C   . GLY A 1 63  ? 0.838   8.635   8.358   1.00 15.89 ? 1169 GLY A C   1 
ATOM   478 O  O   . GLY A 1 63  ? -0.356  8.869   8.346   1.00 15.58 ? 1169 GLY A O   1 
ATOM   479 N  N   . HIS A 1 64  ? 1.451   8.072   7.323   1.00 13.62 ? 1170 HIS A N   1 
ATOM   480 C  CA  . HIS A 1 64  ? 0.688   7.805   6.090   1.00 12.71 ? 1170 HIS A CA  1 
ATOM   481 C  C   . HIS A 1 64  ? -0.321  6.682   6.335   1.00 12.49 ? 1170 HIS A C   1 
ATOM   482 O  O   . HIS A 1 64  ? -0.003  5.680   6.945   1.00 12.70 ? 1170 HIS A O   1 
ATOM   483 C  CB  . HIS A 1 64  ? 1.561   7.497   4.884   1.00 13.91 ? 1170 HIS A CB  1 
ATOM   484 C  CG  . HIS A 1 64  ? 2.468   8.597   4.504   1.00 13.56 ? 1170 HIS A CG  1 
ATOM   485 N  ND1 . HIS A 1 64  ? 3.601   8.412   3.751   1.00 13.96 ? 1170 HIS A ND1 1 
ATOM   486 C  CD2 . HIS A 1 64  ? 2.408   9.926   4.785   1.00 13.86 ? 1170 HIS A CD2 1 
ATOM   487 C  CE1 . HIS A 1 64  ? 4.228   9.571   3.594   1.00 16.02 ? 1170 HIS A CE1 1 
ATOM   488 N  NE2 . HIS A 1 64  ? 3.516   10.514  4.208   1.00 15.15 ? 1170 HIS A NE2 1 
ATOM   489 N  N   . PRO A 1 65  ? -1.563  6.887   5.911   1.00 12.37 ? 1171 PRO A N   1 
ATOM   490 C  CA  . PRO A 1 65  ? -2.678  6.045   6.348   1.00 12.16 ? 1171 PRO A CA  1 
ATOM   491 C  C   . PRO A 1 65  ? -2.913  4.746   5.612   1.00 11.84 ? 1171 PRO A C   1 
ATOM   492 O  O   . PRO A 1 65  ? -3.225  3.738   6.229   1.00 12.34 ? 1171 PRO A O   1 
ATOM   493 C  CB  . PRO A 1 65  ? -3.895  6.936   6.111   1.00 12.82 ? 1171 PRO A CB  1 
ATOM   494 C  CG  . PRO A 1 65  ? -3.492  7.849   5.006   1.00 13.46 ? 1171 PRO A CG  1 
ATOM   495 C  CD  . PRO A 1 65  ? -2.031  8.091   5.201   1.00 12.93 ? 1171 PRO A CD  1 
ATOM   496 N  N   . LEU A 1 66  ? -2.828  4.799   4.291   1.00 12.47 ? 1172 LEU A N   1 
ATOM   497 C  CA  . LEU A 1 66  ? -3.371  3.779   3.385   1.00 12.47 ? 1172 LEU A CA  1 
ATOM   498 C  C   . LEU A 1 66  ? -2.296  3.115   2.526   1.00 11.79 ? 1172 LEU A C   1 
ATOM   499 O  O   . LEU A 1 66  ? -1.409  3.793   1.949   1.00 12.79 ? 1172 LEU A O   1 
ATOM   500 C  CB  . LEU A 1 66  ? -4.395  4.389   2.444   1.00 13.11 ? 1172 LEU A CB  1 
ATOM   501 C  CG  . LEU A 1 66  ? -5.751  4.468   3.097   1.00 13.65 ? 1172 LEU A CG  1 
ATOM   502 C  CD1 . LEU A 1 66  ? -6.498  5.658   2.586   1.00 14.56 ? 1172 LEU A CD1 1 
ATOM   503 C  CD2 . LEU A 1 66  ? -6.590  3.233   2.925   1.00 13.32 ? 1172 LEU A CD2 1 
ATOM   504 N  N   . VAL A 1 67  ? -2.345  1.767   2.535   1.00 12.01 ? 1173 VAL A N   1 
ATOM   505 C  CA  . VAL A 1 67  ? -1.314  0.956   1.893   1.00 11.99 ? 1173 VAL A CA  1 
ATOM   506 C  C   . VAL A 1 67  ? -2.042  -0.112  1.065   1.00 12.63 ? 1173 VAL A C   1 
ATOM   507 O  O   . VAL A 1 67  ? -3.089  -0.601  1.462   1.00 13.57 ? 1173 VAL A O   1 
ATOM   508 C  CB  . VAL A 1 67  ? -0.293  0.363   2.895   1.00 11.39 ? 1173 VAL A CB  1 
ATOM   509 C  CG1 . VAL A 1 67  ? 0.477   1.497   3.541   1.00 11.94 ? 1173 VAL A CG1 1 
ATOM   510 C  CG2 . VAL A 1 67  ? -0.968  -0.519  3.989   1.00 12.65 ? 1173 VAL A CG2 1 
ATOM   511 N  N   . LEU A 1 68  ? -1.443  -0.478  -0.056  1.00 11.11 ? 1174 LEU A N   1 
ATOM   512 C  CA  . LEU A 1 68  ? -2.011  -1.441  -1.015  1.00 12.36 ? 1174 LEU A CA  1 
ATOM   513 C  C   . LEU A 1 68  ? -1.131  -2.701  -1.083  1.00 12.53 ? 1174 LEU A C   1 
ATOM   514 O  O   . LEU A 1 68  ? 0.106   -2.613  -1.216  1.00 12.07 ? 1174 LEU A O   1 
ATOM   515 C  CB  . LEU A 1 68  ? -2.133  -0.817  -2.404  1.00 13.79 ? 1174 LEU A CB  1 
ATOM   516 C  CG  . LEU A 1 68  ? -2.569  -1.697  -3.547  1.00 15.50 ? 1174 LEU A CG  1 
ATOM   517 C  CD1 . LEU A 1 68  ? -4.028  -1.976  -3.385  1.00 18.04 ? 1174 LEU A CD1 1 
ATOM   518 C  CD2 . LEU A 1 68  ? -2.277  -1.105  -4.897  1.00 18.25 ? 1174 LEU A CD2 1 
ATOM   519 N  N   . SER A 1 69  ? -1.803  -3.862  -0.900  1.00 12.36 ? 1175 SER A N   1 
ATOM   520 C  CA  . SER A 1 69  ? -1.100  -5.140  -0.901  1.00 12.34 ? 1175 SER A CA  1 
ATOM   521 C  C   . SER A 1 69  ? -0.718  -5.583  -2.266  1.00 13.48 ? 1175 SER A C   1 
ATOM   522 O  O   . SER A 1 69  ? -1.570  -5.671  -3.211  1.00 13.61 ? 1175 SER A O   1 
ATOM   523 C  CB  . SER A 1 69  ? -2.004  -6.228  -0.298  1.00 13.17 ? 1175 SER A CB  1 
ATOM   524 O  OG  . SER A 1 69  ? -1.323  -7.505  -0.441  1.00 15.35 ? 1175 SER A OG  1 
ATOM   525 N  N   . TYR A 1 70  ? 0.561   -5.941  -2.440  1.00 13.47 ? 1176 TYR A N   1 
ATOM   526 C  CA  . TYR A 1 70  ? 0.960   -6.538  -3.723  1.00 13.96 ? 1176 TYR A CA  1 
ATOM   527 C  C   . TYR A 1 70  ? 0.636   -8.022  -3.813  1.00 16.22 ? 1176 TYR A C   1 
ATOM   528 O  O   . TYR A 1 70  ? 0.913   -8.633  -4.853  1.00 18.77 ? 1176 TYR A O   1 
ATOM   529 C  CB  . TYR A 1 70  ? 2.433   -6.263  -3.955  1.00 13.90 ? 1176 TYR A CB  1 
ATOM   530 C  CG  . TYR A 1 70  ? 2.769   -4.862  -4.444  1.00 12.95 ? 1176 TYR A CG  1 
ATOM   531 C  CD1 . TYR A 1 70  ? 1.831   -4.049  -5.088  1.00 14.10 ? 1176 TYR A CD1 1 
ATOM   532 C  CD2 . TYR A 1 70  ? 4.065   -4.343  -4.280  1.00 15.26 ? 1176 TYR A CD2 1 
ATOM   533 C  CE1 . TYR A 1 70  ? 2.161   -2.793  -5.572  1.00 14.35 ? 1176 TYR A CE1 1 
ATOM   534 C  CE2 . TYR A 1 70  ? 4.430   -3.091  -4.805  1.00 14.34 ? 1176 TYR A CE2 1 
ATOM   535 C  CZ  . TYR A 1 70  ? 3.466   -2.321  -5.443  1.00 14.75 ? 1176 TYR A CZ  1 
ATOM   536 O  OH  . TYR A 1 70  ? 3.744   -1.093  -5.970  1.00 16.52 ? 1176 TYR A OH  1 
ATOM   537 N  N   . ILE A 1 71  ? 0.076   -8.617  -2.750  1.00 15.25 ? 1177 ILE A N   1 
ATOM   538 C  CA  . ILE A 1 71  ? -0.462  -9.996  -2.810  1.00 17.89 ? 1177 ILE A CA  1 
ATOM   539 C  C   . ILE A 1 71  ? -1.851  -9.999  -3.417  1.00 18.76 ? 1177 ILE A C   1 
ATOM   540 O  O   . ILE A 1 71  ? -2.088  -10.731 -4.417  1.00 20.18 ? 1177 ILE A O   1 
ATOM   541 C  CB  . ILE A 1 71  ? -0.476  -10.694 -1.420  1.00 21.41 ? 1177 ILE A CB  1 
ATOM   542 C  CG1 . ILE A 1 71  ? 0.916   -10.789 -0.812  1.00 27.19 ? 1177 ILE A CG1 1 
ATOM   543 C  CG2 . ILE A 1 71  ? -1.076  -12.101 -1.463  1.00 22.78 ? 1177 ILE A CG2 1 
ATOM   544 C  CD1 . ILE A 1 71  ? 2.005   -11.128 -1.784  1.00 32.12 ? 1177 ILE A CD1 1 
ATOM   545 N  N   . ASP A 1 72  ? -2.776  -9.241  -2.843  1.00 16.13 ? 1178 ASP A N   1 
ATOM   546 C  CA  . ASP A 1 72  ? -4.167  -9.365  -3.253  1.00 19.03 ? 1178 ASP A CA  1 
ATOM   547 C  C   . ASP A 1 72  ? -4.855  -8.040  -3.616  1.00 18.46 ? 1178 ASP A C   1 
ATOM   548 O  O   . ASP A 1 72  ? -6.085  -8.034  -3.883  1.00 17.67 ? 1178 ASP A O   1 
ATOM   549 C  CB  . ASP A 1 72  ? -4.975  -10.087 -2.170  1.00 21.69 ? 1178 ASP A CB  1 
ATOM   550 C  CG  . ASP A 1 72  ? -5.225  -9.241  -0.954  1.00 26.28 ? 1178 ASP A CG  1 
ATOM   551 O  OD1 . ASP A 1 72  ? -4.638  -8.121  -0.803  1.00 19.38 ? 1178 ASP A OD1 1 
ATOM   552 O  OD2 . ASP A 1 72  ? -6.021  -9.695  -0.126  1.00 30.38 ? 1178 ASP A OD2 1 
ATOM   553 N  N   . LEU A 1 73  ? -4.087  -6.946  -3.696  1.00 15.26 ? 1179 LEU A N   1 
ATOM   554 C  CA  . LEU A 1 73  ? -4.568  -5.651  -4.186  1.00 15.90 ? 1179 LEU A CA  1 
ATOM   555 C  C   . LEU A 1 73  ? -5.624  -5.095  -3.235  1.00 16.42 ? 1179 LEU A C   1 
ATOM   556 O  O   . LEU A 1 73  ? -6.383  -4.213  -3.613  1.00 19.58 ? 1179 LEU A O   1 
ATOM   557 C  CB  . LEU A 1 73  ? -5.044  -5.708  -5.642  1.00 17.13 ? 1179 LEU A CB  1 
ATOM   558 C  CG  . LEU A 1 73  ? -4.047  -6.385  -6.643  1.00 18.85 ? 1179 LEU A CG  1 
ATOM   559 C  CD1 . LEU A 1 73  ? -4.643  -6.240  -8.023  1.00 20.34 ? 1179 LEU A CD1 1 
ATOM   560 C  CD2 . LEU A 1 73  ? -2.682  -5.735  -6.564  1.00 18.85 ? 1179 LEU A CD2 1 
ATOM   561 N  N   . SER A 1 74  ? -5.603  -5.520  -1.999  1.00 15.11 ? 1180 SER A N   1 
ATOM   562 C  CA  . SER A 1 74  ? -6.452  -4.918  -0.973  1.00 15.81 ? 1180 SER A CA  1 
ATOM   563 C  C   . SER A 1 74  ? -5.778  -3.659  -0.434  1.00 15.70 ? 1180 SER A C   1 
ATOM   564 O  O   . SER A 1 74  ? -4.577  -3.579  -0.406  1.00 15.83 ? 1180 SER A O   1 
ATOM   565 C  CB  . SER A 1 74  ? -6.779  -5.899  0.126   1.00 17.93 ? 1180 SER A CB  1 
ATOM   566 O  OG  . SER A 1 74  ? -5.681  -6.250  0.898   1.00 22.07 ? 1180 SER A OG  1 
ATOM   567 N  N   . ALA A 1 75  ? -6.572  -2.709  0.021   1.00 14.50 ? 1181 ALA A N   1 
ATOM   568 C  CA  . ALA A 1 75  ? -6.075  -1.467  0.653   1.00 14.09 ? 1181 ALA A CA  1 
ATOM   569 C  C   . ALA A 1 75  ? -6.431  -1.411  2.125   1.00 14.30 ? 1181 ALA A C   1 
ATOM   570 O  O   . ALA A 1 75  ? -7.586  -1.592  2.487   1.00 15.43 ? 1181 ALA A O   1 
ATOM   571 C  CB  . ALA A 1 75  ? -6.633  -0.258  -0.069  1.00 13.93 ? 1181 ALA A CB  1 
ATOM   572 N  N   . TRP A 1 76  ? -5.427  -1.253  2.996   1.00 12.32 ? 1182 TRP A N   1 
ATOM   573 C  CA  . TRP A 1 76  ? -5.552  -1.216  4.406   1.00 12.52 ? 1182 TRP A CA  1 
ATOM   574 C  C   . TRP A 1 76  ? -5.308  0.180   4.916   1.00 12.75 ? 1182 TRP A C   1 
ATOM   575 O  O   . TRP A 1 76  ? -4.359  0.866   4.492   1.00 12.51 ? 1182 TRP A O   1 
ATOM   576 C  CB  . TRP A 1 76  ? -4.544  -2.157  5.090   1.00 13.75 ? 1182 TRP A CB  1 
ATOM   577 C  CG  . TRP A 1 76  ? -4.553  -2.187  6.554   1.00 14.59 ? 1182 TRP A CG  1 
ATOM   578 C  CD1 . TRP A 1 76  ? -3.669  -1.577  7.399   1.00 15.94 ? 1182 TRP A CD1 1 
ATOM   579 C  CD2 . TRP A 1 76  ? -5.505  -2.874  7.390   1.00 15.38 ? 1182 TRP A CD2 1 
ATOM   580 N  NE1 . TRP A 1 76  ? -3.996  -1.875  8.703   1.00 16.19 ? 1182 TRP A NE1 1 
ATOM   581 C  CE2 . TRP A 1 76  ? -5.116  -2.673  8.721   1.00 16.52 ? 1182 TRP A CE2 1 
ATOM   582 C  CE3 . TRP A 1 76  ? -6.597  -3.672  7.133   1.00 16.56 ? 1182 TRP A CE3 1 
ATOM   583 C  CZ2 . TRP A 1 76  ? -5.827  -3.231  9.820   1.00 16.31 ? 1182 TRP A CZ2 1 
ATOM   584 C  CZ3 . TRP A 1 76  ? -7.302  -4.229  8.222   1.00 16.86 ? 1182 TRP A CZ3 1 
ATOM   585 C  CH2 . TRP A 1 76  ? -6.903  -4.015  9.535   1.00 17.22 ? 1182 TRP A CH2 1 
ATOM   586 N  N   . CYS A 1 77  ? -6.187  0.646   5.796   1.00 12.23 ? 1183 CYS A N   1 
ATOM   587 C  CA  . CYS A 1 77  ? -5.945  1.867   6.499   1.00 13.17 ? 1183 CYS A CA  1 
ATOM   588 C  C   . CYS A 1 77  ? -5.496  1.599   7.929   1.00 12.73 ? 1183 CYS A C   1 
ATOM   589 O  O   . CYS A 1 77  ? -6.233  0.972   8.727   1.00 13.47 ? 1183 CYS A O   1 
ATOM   590 C  CB  . CYS A 1 77  ? -7.199  2.752   6.578   1.00 13.61 ? 1183 CYS A CB  1 
ATOM   591 S  SG  . CYS A 1 77  ? -6.899  4.314   7.491   1.00 12.81 ? 1183 CYS A SG  1 
ATOM   592 N  N   . TYR A 1 78  ? -4.336  2.075   8.291   1.00 12.63 ? 1184 TYR A N   1 
ATOM   593 C  CA  . TYR A 1 78  ? -3.806  1.765   9.621   1.00 14.60 ? 1184 TYR A CA  1 
ATOM   594 C  C   . TYR A 1 78  ? -4.555  2.494   10.760  1.00 16.14 ? 1184 TYR A C   1 
ATOM   595 O  O   . TYR A 1 78  ? -4.546  2.021   11.901  1.00 16.40 ? 1184 TYR A O   1 
ATOM   596 C  CB  . TYR A 1 78  ? -2.306  2.102   9.750   1.00 14.38 ? 1184 TYR A CB  1 
ATOM   597 C  CG  . TYR A 1 78  ? -1.348  1.190   9.012   1.00 13.24 ? 1184 TYR A CG  1 
ATOM   598 C  CD1 . TYR A 1 78  ? -1.062  -0.076  9.523   1.00 15.40 ? 1184 TYR A CD1 1 
ATOM   599 C  CD2 . TYR A 1 78  ? -0.715  1.580   7.806   1.00 14.46 ? 1184 TYR A CD2 1 
ATOM   600 C  CE1 . TYR A 1 78  ? -0.183  -0.917  8.875   1.00 14.72 ? 1184 TYR A CE1 1 
ATOM   601 C  CE2 . TYR A 1 78  ? 0.121   0.704   7.133   1.00 14.35 ? 1184 TYR A CE2 1 
ATOM   602 C  CZ  . TYR A 1 78  ? 0.394   -0.522  7.674   1.00 16.03 ? 1184 TYR A CZ  1 
ATOM   603 O  OH  . TYR A 1 78  ? 1.230   -1.346  6.996   1.00 15.05 ? 1184 TYR A OH  1 
ATOM   604 N  N   . TYR A 1 79  ? -5.126  3.640   10.461  1.00 15.57 ? 1185 TYR A N   1 
ATOM   605 C  CA  . TYR A 1 79  ? -5.855  4.418   11.452  1.00 16.00 ? 1185 TYR A CA  1 
ATOM   606 C  C   . TYR A 1 79  ? -7.181  3.810   11.738  1.00 17.35 ? 1185 TYR A C   1 
ATOM   607 O  O   . TYR A 1 79  ? -7.568  3.605   12.902  1.00 16.95 ? 1185 TYR A O   1 
ATOM   608 C  CB  . TYR A 1 79  ? -6.083  5.827   10.954  1.00 16.15 ? 1185 TYR A CB  1 
ATOM   609 C  CG  . TYR A 1 79  ? -4.887  6.711   10.862  1.00 15.63 ? 1185 TYR A CG  1 
ATOM   610 C  CD1 . TYR A 1 79  ? -4.389  7.359   11.994  1.00 19.25 ? 1185 TYR A CD1 1 
ATOM   611 C  CD2 . TYR A 1 79  ? -4.248  6.975   9.641   1.00 15.51 ? 1185 TYR A CD2 1 
ATOM   612 C  CE1 . TYR A 1 79  ? -3.277  8.213   11.896  1.00 19.63 ? 1185 TYR A CE1 1 
ATOM   613 C  CE2 . TYR A 1 79  ? -3.160  7.787   9.539   1.00 15.76 ? 1185 TYR A CE2 1 
ATOM   614 C  CZ  . TYR A 1 79  ? -2.664  8.443   10.672  1.00 17.83 ? 1185 TYR A CZ  1 
ATOM   615 O  OH  . TYR A 1 79  ? -1.583  9.293   10.560  1.00 18.05 ? 1185 TYR A OH  1 
ATOM   616 N  N   . CYS A 1 80  ? -7.912  3.489   10.673  1.00 16.31 ? 1186 CYS A N   1 
ATOM   617 C  CA  . CYS A 1 80  ? -9.266  2.881   10.803  1.00 17.16 ? 1186 CYS A CA  1 
ATOM   618 C  C   . CYS A 1 80  ? -9.174  1.394   11.156  1.00 18.74 ? 1186 CYS A C   1 
ATOM   619 O  O   . CYS A 1 80  ? -10.164 0.811   11.620  1.00 18.84 ? 1186 CYS A O   1 
ATOM   620 C  CB  . CYS A 1 80  ? -10.045 3.095   9.510   1.00 16.84 ? 1186 CYS A CB  1 
ATOM   621 S  SG  . CYS A 1 80  ? -10.392 4.857   9.138   1.00 18.55 ? 1186 CYS A SG  1 
ATOM   622 N  N   . GLN A 1 81  ? -7.994  0.799   10.979  1.00 16.30 ? 1187 GLN A N   1 
ATOM   623 C  CA  . GLN A 1 81  ? -7.745  -0.629  11.219  1.00 20.73 ? 1187 GLN A CA  1 
ATOM   624 C  C   . GLN A 1 81  ? -8.781  -1.446  10.457  1.00 18.75 ? 1187 GLN A C   1 
ATOM   625 O  O   . GLN A 1 81  ? -9.442  -2.369  10.973  1.00 19.75 ? 1187 GLN A O   1 
ATOM   626 C  CB  . GLN A 1 81  ? -7.697  -0.988  12.712  1.00 23.09 ? 1187 GLN A CB  1 
ATOM   627 C  CG  . GLN A 1 81  ? -6.959  0.002   13.575  1.00 27.08 ? 1187 GLN A CG  1 
ATOM   628 C  CD  . GLN A 1 81  ? -7.148  -0.360  15.067  1.00 35.09 ? 1187 GLN A CD  1 
ATOM   629 O  OE1 . GLN A 1 81  ? -7.961  0.226   15.778  1.00 41.70 ? 1187 GLN A OE1 1 
ATOM   630 N  NE2 . GLN A 1 81  ? -6.458  -1.377  15.494  1.00 36.86 ? 1187 GLN A NE2 1 
ATOM   631 N  N   . ALA A 1 82  ? -8.870  -1.142  9.178   1.00 16.75 ? 1188 ALA A N   1 
ATOM   632 C  CA  . ALA A 1 82  ? -9.803  -1.792  8.290   1.00 16.79 ? 1188 ALA A CA  1 
ATOM   633 C  C   . ALA A 1 82  ? -9.349  -1.733  6.875   1.00 17.32 ? 1188 ALA A C   1 
ATOM   634 O  O   . ALA A 1 82  ? -8.596  -0.824  6.511   1.00 15.62 ? 1188 ALA A O   1 
ATOM   635 C  CB  . ALA A 1 82  ? -11.182 -1.176  8.391   1.00 17.84 ? 1188 ALA A CB  1 
ATOM   636 N  N   . TYR A 1 83  ? -9.878  -2.672  6.070   1.00 16.31 ? 1189 TYR A N   1 
ATOM   637 C  CA  . TYR A 1 83  ? -9.740  -2.576  4.607   1.00 15.99 ? 1189 TYR A CA  1 
ATOM   638 C  C   . TYR A 1 83  ? -10.744 -1.582  4.080   1.00 16.26 ? 1189 TYR A C   1 
ATOM   639 O  O   . TYR A 1 83  ? -11.843 -1.432  4.656   1.00 17.57 ? 1189 TYR A O   1 
ATOM   640 C  CB  . TYR A 1 83  ? -9.941  -3.941  3.968   1.00 17.57 ? 1189 TYR A CB  1 
ATOM   641 C  CG  . TYR A 1 83  ? -8.824  -4.863  4.252   1.00 17.68 ? 1189 TYR A CG  1 
ATOM   642 C  CD1 . TYR A 1 83  ? -7.630  -4.733  3.559   1.00 18.70 ? 1189 TYR A CD1 1 
ATOM   643 C  CD2 . TYR A 1 83  ? -8.976  -5.928  5.156   1.00 18.66 ? 1189 TYR A CD2 1 
ATOM   644 C  CE1 . TYR A 1 83  ? -6.573  -5.622  3.803   1.00 20.90 ? 1189 TYR A CE1 1 
ATOM   645 C  CE2 . TYR A 1 83  ? -7.907  -6.775  5.441   1.00 20.49 ? 1189 TYR A CE2 1 
ATOM   646 C  CZ  . TYR A 1 83  ? -6.764  -6.641  4.731   1.00 22.14 ? 1189 TYR A CZ  1 
ATOM   647 O  OH  . TYR A 1 83  ? -5.746  -7.514  5.024   1.00 24.84 ? 1189 TYR A OH  1 
ATOM   648 N  N   . VAL A 1 84  ? -10.384 -0.893  3.011   1.00 14.82 ? 1190 VAL A N   1 
ATOM   649 C  CA  . VAL A 1 84  ? -11.190 0.158   2.414   1.00 14.60 ? 1190 VAL A CA  1 
ATOM   650 C  C   . VAL A 1 84  ? -11.219 -0.046  0.938   1.00 16.01 ? 1190 VAL A C   1 
ATOM   651 O  O   . VAL A 1 84  ? -10.202 -0.346  0.279   1.00 15.68 ? 1190 VAL A O   1 
ATOM   652 C  CB  . VAL A 1 84  ? -10.636 1.571   2.728   1.00 15.39 ? 1190 VAL A CB  1 
ATOM   653 C  CG1 . VAL A 1 84  ? -11.517 2.674   2.118   1.00 16.97 ? 1190 VAL A CG1 1 
ATOM   654 C  CG2 . VAL A 1 84  ? -10.394 1.765   4.219   1.00 17.71 ? 1190 VAL A CG2 1 
ATOM   655 N  N   . HIS A 1 85  ? -12.388 0.125   0.323   1.00 16.16 ? 1191 HIS A N   1 
ATOM   656 C  CA  . HIS A 1 85  ? -12.443 0.193   -1.129  1.00 16.38 ? 1191 HIS A CA  1 
ATOM   657 C  C   . HIS A 1 85  ? -13.333 1.323   -1.557  1.00 17.51 ? 1191 HIS A C   1 
ATOM   658 O  O   . HIS A 1 85  ? -14.422 1.454   -1.012  1.00 18.80 ? 1191 HIS A O   1 
ATOM   659 C  CB  . HIS A 1 85  ? -12.900 -1.142  -1.778  1.00 18.22 ? 1191 HIS A CB  1 
ATOM   660 C  CG  . HIS A 1 85  ? -12.956 -1.075  -3.269  1.00 19.34 ? 1191 HIS A CG  1 
ATOM   661 N  ND1 . HIS A 1 85  ? -11.810 -1.074  -4.054  1.00 19.44 ? 1191 HIS A ND1 1 
ATOM   662 C  CD2 . HIS A 1 85  ? -13.992 -0.831  -4.113  1.00 21.07 ? 1191 HIS A CD2 1 
ATOM   663 C  CE1 . HIS A 1 85  ? -12.148 -0.902  -5.314  1.00 20.03 ? 1191 HIS A CE1 1 
ATOM   664 N  NE2 . HIS A 1 85  ? -13.473 -0.751  -5.384  1.00 21.25 ? 1191 HIS A NE2 1 
ATOM   665 N  N   . HIS A 1 86  ? -12.879 2.097   -2.539  1.00 15.69 ? 1192 HIS A N   1 
ATOM   666 C  CA  . HIS A 1 86  ? -13.602 3.262   -2.967  1.00 19.25 ? 1192 HIS A CA  1 
ATOM   667 C  C   . HIS A 1 86  ? -13.121 3.572   -4.342  1.00 21.55 ? 1192 HIS A C   1 
ATOM   668 O  O   . HIS A 1 86  ? -12.069 3.136   -4.747  1.00 19.17 ? 1192 HIS A O   1 
ATOM   669 C  CB  . HIS A 1 86  ? -13.330 4.385   -1.936  1.00 18.63 ? 1192 HIS A CB  1 
ATOM   670 C  CG  . HIS A 1 86  ? -14.000 5.693   -2.203  1.00 20.62 ? 1192 HIS A CG  1 
ATOM   671 N  ND1 . HIS A 1 86  ? -13.547 6.607   -3.138  1.00 23.41 ? 1192 HIS A ND1 1 
ATOM   672 C  CD2 . HIS A 1 86  ? -15.088 6.258   -1.622  1.00 24.85 ? 1192 HIS A CD2 1 
ATOM   673 C  CE1 . HIS A 1 86  ? -14.323 7.681   -3.114  1.00 24.85 ? 1192 HIS A CE1 1 
ATOM   674 N  NE2 . HIS A 1 86  ? -15.287 7.483   -2.232  1.00 24.77 ? 1192 HIS A NE2 1 
ATOM   675 N  N   . GLN A 1 87  ? -13.889 4.346   -5.100  1.00 23.99 ? 1193 GLN A N   1 
ATOM   676 C  CA  . GLN A 1 87  ? -13.446 4.788   -6.415  1.00 25.92 ? 1193 GLN A CA  1 
ATOM   677 C  C   . GLN A 1 87  ? -12.114 5.554   -6.450  1.00 24.38 ? 1193 GLN A C   1 
ATOM   678 O  O   . GLN A 1 87  ? -11.397 5.499   -7.454  1.00 27.83 ? 1193 GLN A O   1 
ATOM   679 C  CB  . GLN A 1 87  ? -14.563 5.655   -7.037  1.00 33.26 ? 1193 GLN A CB  1 
ATOM   680 C  CG  . GLN A 1 87  ? -15.797 4.863   -7.389  1.00 38.21 ? 1193 GLN A CG  1 
ATOM   681 C  CD  . GLN A 1 87  ? -15.513 3.765   -8.391  1.00 44.16 ? 1193 GLN A CD  1 
ATOM   682 O  OE1 . GLN A 1 87  ? -15.038 4.031   -9.511  1.00 56.87 ? 1193 GLN A OE1 1 
ATOM   683 N  NE2 . GLN A 1 87  ? -15.801 2.525   -8.006  1.00 46.28 ? 1193 GLN A NE2 1 
ATOM   684 N  N   . ALA A 1 88  ? -11.727 6.210   -5.377  1.00 22.45 ? 1194 ALA A N   1 
ATOM   685 C  CA  . ALA A 1 88  ? -10.462 6.923   -5.311  1.00 23.96 ? 1194 ALA A CA  1 
ATOM   686 C  C   . ALA A 1 88  ? -9.297  5.912   -5.409  1.00 22.65 ? 1194 ALA A C   1 
ATOM   687 O  O   . ALA A 1 88  ? -8.176  6.326   -5.686  1.00 25.38 ? 1194 ALA A O   1 
ATOM   688 C  CB  . ALA A 1 88  ? -10.354 7.729   -4.032  1.00 24.31 ? 1194 ALA A CB  1 
ATOM   689 N  N   . LEU A 1 89  ? -9.561  4.637   -5.114  1.00 20.71 ? 1195 LEU A N   1 
ATOM   690 C  CA  . LEU A 1 89  ? -8.527  3.563   -5.199  1.00 19.04 ? 1195 LEU A CA  1 
ATOM   691 C  C   . LEU A 1 89  ? -8.530  2.726   -6.479  1.00 21.64 ? 1195 LEU A C   1 
ATOM   692 O  O   . LEU A 1 89  ? -7.656  1.837   -6.655  1.00 18.36 ? 1195 LEU A O   1 
ATOM   693 C  CB  . LEU A 1 89  ? -8.702  2.626   -4.017  1.00 19.85 ? 1195 LEU A CB  1 
ATOM   694 C  CG  . LEU A 1 89  ? -8.707  3.286   -2.642  1.00 19.51 ? 1195 LEU A CG  1 
ATOM   695 C  CD1 . LEU A 1 89  ? -8.929  2.299   -1.536  1.00 19.64 ? 1195 LEU A CD1 1 
ATOM   696 C  CD2 . LEU A 1 89  ? -7.420  4.047   -2.441  1.00 23.33 ? 1195 LEU A CD2 1 
ATOM   697 N  N   . LEU A 1 90  ? -9.519  2.902   -7.348  1.00 21.01 ? 1196 LEU A N   1 
ATOM   698 C  CA  . LEU A 1 90  ? -9.655  2.044   -8.519  1.00 22.14 ? 1196 LEU A CA  1 
ATOM   699 C  C   . LEU A 1 90  ? -8.465  2.184   -9.442  1.00 21.28 ? 1196 LEU A C   1 
ATOM   700 O  O   . LEU A 1 90  ? -7.971  1.154   -9.935  1.00 21.35 ? 1196 LEU A O   1 
ATOM   701 C  CB  . LEU A 1 90  ? -10.939 2.353   -9.348  1.00 24.12 ? 1196 LEU A CB  1 
ATOM   702 N  N   . ASP A 1 91  ? -8.015  3.428   -9.730  1.00 22.97 ? 1197 ASP A N   1 
ATOM   703 C  CA  . ASP A 1 91  ? -6.877  3.583   -10.682 1.00 25.90 ? 1197 ASP A CA  1 
ATOM   704 C  C   . ASP A 1 91  ? -5.633  2.867   -10.186 1.00 22.64 ? 1197 ASP A C   1 
ATOM   705 O  O   . ASP A 1 91  ? -5.021  2.158   -10.947 1.00 22.78 ? 1197 ASP A O   1 
ATOM   706 C  CB  . ASP A 1 91  ? -6.496  5.051   -10.989 1.00 30.01 ? 1197 ASP A CB  1 
ATOM   707 C  CG  . ASP A 1 91  ? -7.560  5.793   -11.829 1.00 36.51 ? 1197 ASP A CG  1 
ATOM   708 O  OD1 . ASP A 1 91  ? -8.396  5.164   -12.521 1.00 34.89 ? 1197 ASP A OD1 1 
ATOM   709 O  OD2 . ASP A 1 91  ? -7.536  7.038   -11.773 1.00 45.03 ? 1197 ASP A OD2 1 
ATOM   710 N  N   . VAL A 1 92  ? -5.251  3.053   -8.911  1.00 19.83 ? 1198 VAL A N   1 
ATOM   711 C  CA  . VAL A 1 92  ? -4.049  2.409   -8.427  1.00 20.23 ? 1198 VAL A CA  1 
ATOM   712 C  C   . VAL A 1 92  ? -4.221  0.901   -8.398  1.00 17.88 ? 1198 VAL A C   1 
ATOM   713 O  O   . VAL A 1 92  ? -3.295  0.155   -8.726  1.00 18.62 ? 1198 VAL A O   1 
ATOM   714 C  CB  . VAL A 1 92  ? -3.610  3.008   -7.089  1.00 21.26 ? 1198 VAL A CB  1 
ATOM   715 C  CG1 . VAL A 1 92  ? -4.551  2.645   -5.944  1.00 20.24 ? 1198 VAL A CG1 1 
ATOM   716 C  CG2 . VAL A 1 92  ? -2.247  2.594   -6.739  1.00 20.81 ? 1198 VAL A CG2 1 
ATOM   717 N  N   . LYS A 1 93  ? -5.396  0.399   -7.996  1.00 16.76 ? 1199 LYS A N   1 
ATOM   718 C  CA  . LYS A 1 93  ? -5.606  -1.070  -7.998  1.00 16.10 ? 1199 LYS A CA  1 
ATOM   719 C  C   . LYS A 1 93  ? -5.478  -1.630  -9.404  1.00 15.35 ? 1199 LYS A C   1 
ATOM   720 O  O   . LYS A 1 93  ? -4.881  -2.705  -9.628  1.00 18.44 ? 1199 LYS A O   1 
ATOM   721 C  CB  . LYS A 1 93  ? -6.983  -1.484  -7.424  1.00 17.38 ? 1199 LYS A CB  1 
ATOM   722 C  CG  . LYS A 1 93  ? -7.019  -1.288  -5.905  1.00 16.87 ? 1199 LYS A CG  1 
ATOM   723 C  CD  . LYS A 1 93  ? -8.293  -1.780  -5.274  1.00 17.07 ? 1199 LYS A CD  1 
ATOM   724 C  CE  . LYS A 1 93  ? -8.270  -1.690  -3.784  1.00 17.53 ? 1199 LYS A CE  1 
ATOM   725 N  NZ  . LYS A 1 93  ? -9.393  -2.438  -3.169  1.00 17.37 ? 1199 LYS A NZ  1 
ATOM   726 N  N   . ASN A 1 94  ? -6.089  -0.933  -10.357 1.00 17.31 ? 1200 ASN A N   1 
ATOM   727 C  CA  . ASN A 1 94  ? -6.098  -1.422  -11.717 1.00 17.13 ? 1200 ASN A CA  1 
ATOM   728 C  C   . ASN A 1 94  ? -4.681  -1.399  -12.331 1.00 16.20 ? 1200 ASN A C   1 
ATOM   729 O  O   . ASN A 1 94  ? -4.324  -2.314  -13.037 1.00 18.74 ? 1200 ASN A O   1 
ATOM   730 C  CB  . ASN A 1 94  ? -7.007  -0.621  -12.618 1.00 19.22 ? 1200 ASN A CB  1 
ATOM   731 C  CG  . ASN A 1 94  ? -8.495  -0.894  -12.380 1.00 20.60 ? 1200 ASN A CG  1 
ATOM   732 O  OD1 . ASN A 1 94  ? -8.882  -1.910  -11.851 1.00 23.81 ? 1200 ASN A OD1 1 
ATOM   733 N  ND2 . ASN A 1 94  ? -9.306  0.057   -12.764 1.00 25.56 ? 1200 ASN A ND2 1 
ATOM   734 N  N   . ILE A 1 95  ? -3.890  -0.392  -12.030 1.00 17.71 ? 1201 ILE A N   1 
ATOM   735 C  CA  . ILE A 1 95  ? -2.469  -0.347  -12.487 1.00 18.90 ? 1201 ILE A CA  1 
ATOM   736 C  C   . ILE A 1 95  ? -1.669  -1.499  -11.880 1.00 18.08 ? 1201 ILE A C   1 
ATOM   737 O  O   . ILE A 1 95  ? -0.882  -2.190  -12.560 1.00 18.96 ? 1201 ILE A O   1 
ATOM   738 C  CB  . ILE A 1 95  ? -1.822  1.037   -12.149 1.00 19.73 ? 1201 ILE A CB  1 
ATOM   739 C  CG1 . ILE A 1 95  ? -2.439  2.184   -12.961 1.00 22.64 ? 1201 ILE A CG1 1 
ATOM   740 C  CG2 . ILE A 1 95  ? -0.333  1.032   -12.367 1.00 24.23 ? 1201 ILE A CG2 1 
ATOM   741 N  N   . ALA A 1 96  ? -1.825  -1.684  -10.576 1.00 16.19 ? 1202 ALA A N   1 
ATOM   742 C  CA  . ALA A 1 96  ? -1.226  -2.828  -9.897  1.00 16.29 ? 1202 ALA A CA  1 
ATOM   743 C  C   . ALA A 1 96  ? -1.684  -4.174  -10.491 1.00 17.44 ? 1202 ALA A C   1 
ATOM   744 O  O   . ALA A 1 96  ? -0.908  -5.084  -10.725 1.00 18.32 ? 1202 ALA A O   1 
ATOM   745 C  CB  . ALA A 1 96  ? -1.553  -2.775  -8.429  1.00 16.94 ? 1202 ALA A CB  1 
ATOM   746 N  N   . HIS A 1 97  ? -2.979  -4.313  -10.751 1.00 17.32 ? 1203 HIS A N   1 
ATOM   747 C  CA  . HIS A 1 97  ? -3.486  -5.548  -11.370 1.00 19.71 ? 1203 HIS A CA  1 
ATOM   748 C  C   . HIS A 1 97  ? -2.871  -5.778  -12.747 1.00 20.19 ? 1203 HIS A C   1 
ATOM   749 O  O   . HIS A 1 97  ? -2.450  -6.918  -13.053 1.00 19.96 ? 1203 HIS A O   1 
ATOM   750 C  CB  . HIS A 1 97  ? -5.006  -5.466  -11.488 1.00 23.52 ? 1203 HIS A CB  1 
ATOM   751 C  CG  . HIS A 1 97  ? -5.666  -6.748  -11.883 1.00 27.84 ? 1203 HIS A CG  1 
ATOM   752 N  ND1 . HIS A 1 97  ? -5.723  -7.165  -13.196 1.00 30.55 ? 1203 HIS A ND1 1 
ATOM   753 C  CD2 . HIS A 1 97  ? -6.367  -7.659  -11.168 1.00 33.82 ? 1203 HIS A CD2 1 
ATOM   754 C  CE1 . HIS A 1 97  ? -6.385  -8.302  -13.265 1.00 30.56 ? 1203 HIS A CE1 1 
ATOM   755 N  NE2 . HIS A 1 97  ? -6.784  -8.629  -12.053 1.00 35.45 ? 1203 HIS A NE2 1 
ATOM   756 N  N   . GLN A 1 98  ? -2.775  -4.720  -13.535 1.00 19.41 ? 1204 GLN A N   1 
ATOM   757 C  CA  . GLN A 1 98  ? -2.193  -4.839  -14.910 1.00 22.25 ? 1204 GLN A CA  1 
ATOM   758 C  C   . GLN A 1 98  ? -0.717  -5.244  -14.820 1.00 23.32 ? 1204 GLN A C   1 
ATOM   759 O  O   . GLN A 1 98  ? -0.264  -6.088  -15.603 1.00 24.24 ? 1204 GLN A O   1 
ATOM   760 C  CB  . GLN A 1 98  ? -2.321  -3.569  -15.698 1.00 25.64 ? 1204 GLN A CB  1 
ATOM   761 C  CG  . GLN A 1 98  ? -3.733  -3.100  -15.995 1.00 30.45 ? 1204 GLN A CG  1 
ATOM   762 N  N   . ASN A 1 99  ? 0.004   -4.719  -13.824 1.00 20.05 ? 1205 ASN A N   1 
ATOM   763 C  CA  . ASN A 1 99  ? 1.427   -5.055  -13.648 1.00 20.01 ? 1205 ASN A CA  1 
ATOM   764 C  C   . ASN A 1 99  ? 1.586   -6.497  -13.124 1.00 20.62 ? 1205 ASN A C   1 
ATOM   765 O  O   . ASN A 1 99  ? 2.512   -7.260  -13.565 1.00 20.73 ? 1205 ASN A O   1 
ATOM   766 C  CB  . ASN A 1 99  ? 2.135   -4.040  -12.738 1.00 21.22 ? 1205 ASN A CB  1 
ATOM   767 C  CG  . ASN A 1 99  ? 3.648   -4.285  -12.650 1.00 23.44 ? 1205 ASN A CG  1 
ATOM   768 O  OD1 . ASN A 1 99  ? 4.147   -4.798  -11.638 1.00 25.12 ? 1205 ASN A OD1 1 
ATOM   769 N  ND2 . ASN A 1 99  ? 4.361   -4.031  -13.752 1.00 23.40 ? 1205 ASN A ND2 1 
ATOM   770 N  N   . LYS A 1 100 ? 0.701   -6.900  -12.229 1.00 18.66 ? 1206 LYS A N   1 
ATOM   771 C  CA  . LYS A 1 100 ? 0.766   -8.232  -11.609 1.00 19.47 ? 1206 LYS A CA  1 
ATOM   772 C  C   . LYS A 1 100 ? 0.388   -9.376  -12.512 1.00 23.47 ? 1206 LYS A C   1 
ATOM   773 O  O   . LYS A 1 100 ? 1.087   -10.358 -12.606 1.00 20.40 ? 1206 LYS A O   1 
ATOM   774 C  CB  . LYS A 1 100 ? -0.103  -8.299  -10.357 1.00 19.47 ? 1206 LYS A CB  1 
ATOM   775 C  CG  . LYS A 1 100 ? 0.040   -9.570  -9.552  1.00 18.66 ? 1206 LYS A CG  1 
ATOM   776 C  CD  . LYS A 1 100 ? -0.568  -9.492  -8.175  1.00 18.13 ? 1206 LYS A CD  1 
ATOM   777 C  CE  . LYS A 1 100 ? -0.414  -10.723 -7.293  1.00 17.28 ? 1206 LYS A CE  1 
ATOM   778 N  NZ  . LYS A 1 100 ? 0.867   -10.768 -6.598  1.00 18.23 ? 1206 LYS A NZ  1 
ATOM   779 N  N   . PHE A 1 101 ? -0.739  -9.185  -13.200 1.00 26.34 ? 1207 PHE A N   1 
ATOM   780 C  CA  . PHE A 1 101 ? -1.319  -10.185 -14.088 1.00 30.57 ? 1207 PHE A CA  1 
ATOM   781 C  C   . PHE A 1 101 ? -1.200  -9.587  -15.500 1.00 34.54 ? 1207 PHE A C   1 
ATOM   782 O  O   . PHE A 1 101 ? -1.182  -10.325 -16.469 1.00 49.52 ? 1207 PHE A O   1 
ATOM   783 C  CB  . PHE A 1 101 ? -2.801  -10.430 -13.686 1.00 28.19 ? 1207 PHE A CB  1 
ATOM   784 C  CG  . PHE A 1 101 ? -3.007  -10.768 -12.224 1.00 29.54 ? 1207 PHE A CG  1 
ATOM   785 C  CD1 . PHE A 1 101 ? -2.704  -12.039 -11.726 1.00 29.95 ? 1207 PHE A CD1 1 
ATOM   786 C  CD2 . PHE A 1 101 ? -3.499  -9.807  -11.327 1.00 31.02 ? 1207 PHE A CD2 1 
ATOM   787 C  CE1 . PHE A 1 101 ? -2.883  -12.334 -10.369 1.00 30.84 ? 1207 PHE A CE1 1 
ATOM   788 C  CE2 . PHE A 1 101 ? -3.689  -10.092 -9.975  1.00 31.63 ? 1207 PHE A CE2 1 
ATOM   789 C  CZ  . PHE A 1 101 ? -3.392  -11.366 -9.487  1.00 31.32 ? 1207 PHE A CZ  1 
HETATM 790 ZN ZN  . ZN  B 2 .   ? 4.254   6.640   2.907   1.00 17.26 ? 1301 ZN  A ZN  1 
HETATM 791 ZN ZN  . ZN  C 2 .   ? 11.019  -5.297  5.288   1.00 17.54 ? 1302 ZN  A ZN  1 
HETATM 792 ZN ZN  . ZN  D 2 .   ? -8.881  5.510   7.415   1.00 16.53 ? 1303 ZN  A ZN  1 
HETATM 793 C  C1  . EYA E 3 .   ? -2.297  -4.995  8.283   1.00 19.04 ? 1304 EYA A C1  1 
HETATM 794 C  C2  . EYA E 3 .   ? -1.887  -4.873  6.854   1.00 15.60 ? 1304 EYA A C2  1 
HETATM 795 C  C3  . EYA E 3 .   ? -0.604  -4.068  6.674   1.00 15.06 ? 1304 EYA A C3  1 
HETATM 796 C  C4  . EYA E 3 .   ? 0.659   -4.607  7.315   1.00 15.90 ? 1304 EYA A C4  1 
HETATM 797 C  C5  . EYA E 3 .   ? -1.936  -4.531  10.511  1.00 25.20 ? 1304 EYA A C5  1 
HETATM 798 C  C6  . EYA E 3 .   ? -1.162  -3.880  11.474  1.00 26.55 ? 1304 EYA A C6  1 
HETATM 799 C  C7  . EYA E 3 .   ? -1.501  -3.979  12.814  1.00 31.28 ? 1304 EYA A C7  1 
HETATM 800 C  C8  . EYA E 3 .   ? -2.601  -4.715  13.201  1.00 27.78 ? 1304 EYA A C8  1 
HETATM 801 O  O1  . EYA E 3 .   ? 1.530   -3.836  7.728   1.00 15.59 ? 1304 EYA A O1  1 
HETATM 802 N  N1  . EYA E 3 .   ? -1.565  -4.420  9.171   1.00 20.41 ? 1304 EYA A N1  1 
HETATM 803 N  N   . EYA E 3 .   ? -3.436  -5.740  8.586   1.00 20.68 ? 1304 EYA A N   1 
HETATM 804 C  C   . EYA E 3 .   ? -4.230  -6.342  7.529   1.00 19.86 ? 1304 EYA A C   1 
HETATM 805 O  O   . EYA E 3 .   ? 0.751   -5.937  7.306   1.00 17.73 ? 1304 EYA A O   1 
HETATM 806 O  O2  . EYA E 3 .   ? -4.788  -6.634  10.173  1.00 25.92 ? 1304 EYA A O2  1 
HETATM 807 C  C11 . EYA E 3 .   ? -3.843  -5.929  9.911   1.00 23.31 ? 1304 EYA A C11 1 
HETATM 808 C  C10 . EYA E 3 .   ? -3.046  -5.276  10.909  1.00 22.45 ? 1304 EYA A C10 1 
HETATM 809 C  C9  . EYA E 3 .   ? -3.375  -5.370  12.264  1.00 27.05 ? 1304 EYA A C9  1 
HETATM 810 X  UNK . UNX F 4 .   ? -3.160  -10.381 1.525   1.00 29.06 ? 1305 UNX A UNK 1 
HETATM 811 O  O   . HOH G 5 .   ? 6.714   1.989   -15.950 1.00 34.82 ? 1401 HOH A O   1 
HETATM 812 O  O   . HOH G 5 .   ? -17.183 3.354   -1.995  1.00 25.43 ? 1402 HOH A O   1 
HETATM 813 O  O   . HOH G 5 .   ? 6.085   4.074   -8.546  1.00 35.74 ? 1403 HOH A O   1 
HETATM 814 O  O   . HOH G 5 .   ? 0.951   -7.743  0.788   1.00 21.22 ? 1404 HOH A O   1 
HETATM 815 O  O   . HOH G 5 .   ? 6.057   -0.172  -6.843  1.00 17.39 ? 1405 HOH A O   1 
HETATM 816 O  O   . HOH G 5 .   ? 3.481   13.067  4.876   1.00 29.18 ? 1406 HOH A O   1 
HETATM 817 O  O   . HOH G 5 .   ? 4.145   -4.033  8.148   1.00 14.02 ? 1407 HOH A O   1 
HETATM 818 O  O   . HOH G 5 .   ? 15.409  -8.997  -2.782  1.00 25.01 ? 1408 HOH A O   1 
HETATM 819 O  O   . HOH G 5 .   ? 6.806   -6.986  -3.962  1.00 17.33 ? 1409 HOH A O   1 
HETATM 820 O  O   . HOH G 5 .   ? -1.647  6.593   2.308   1.00 17.55 ? 1410 HOH A O   1 
HETATM 821 O  O   . HOH G 5 .   ? -6.974  11.592  -2.493  1.00 36.07 ? 1411 HOH A O   1 
HETATM 822 O  O   . HOH G 5 .   ? 6.292   -10.856 11.965  1.00 31.63 ? 1412 HOH A O   1 
HETATM 823 O  O   . HOH G 5 .   ? 4.662   -12.583 -0.710  1.00 30.50 ? 1413 HOH A O   1 
HETATM 824 O  O   . HOH G 5 .   ? 1.227   11.997  7.869   1.00 29.59 ? 1414 HOH A O   1 
HETATM 825 O  O   . HOH G 5 .   ? 4.251   7.216   -17.828 1.00 29.91 ? 1415 HOH A O   1 
HETATM 826 O  O   . HOH G 5 .   ? 0.794   -8.973  3.463   1.00 36.53 ? 1416 HOH A O   1 
HETATM 827 O  O   . HOH G 5 .   ? -6.047  -9.464  6.863   1.00 36.35 ? 1417 HOH A O   1 
HETATM 828 O  O   . HOH G 5 .   ? -7.563  8.920   -6.147  1.00 33.73 ? 1418 HOH A O   1 
HETATM 829 O  O   . HOH G 5 .   ? -6.227  5.417   -7.329  1.00 24.33 ? 1419 HOH A O   1 
HETATM 830 O  O   . HOH G 5 .   ? -1.343  5.288   14.161  1.00 23.93 ? 1420 HOH A O   1 
HETATM 831 O  O   . HOH G 5 .   ? -8.577  -7.336  -3.062  1.00 32.36 ? 1421 HOH A O   1 
HETATM 832 O  O   . HOH G 5 .   ? -9.287  5.932   -9.111  1.00 26.77 ? 1422 HOH A O   1 
HETATM 833 O  O   . HOH G 5 .   ? 11.620  -0.594  -2.312  1.00 19.24 ? 1423 HOH A O   1 
HETATM 834 O  O   . HOH G 5 .   ? 8.621   8.531   -2.036  1.00 27.18 ? 1424 HOH A O   1 
HETATM 835 O  O   . HOH G 5 .   ? 4.976   9.823   12.313  1.00 21.00 ? 1425 HOH A O   1 
HETATM 836 O  O   . HOH G 5 .   ? -4.575  15.232  1.730   1.00 32.64 ? 1426 HOH A O   1 
HETATM 837 O  O   . HOH G 5 .   ? 2.290   -11.746 -14.640 1.00 25.66 ? 1427 HOH A O   1 
HETATM 838 O  O   . HOH G 5 .   ? 5.259   -9.678  -6.064  1.00 20.79 ? 1428 HOH A O   1 
HETATM 839 O  O   . HOH G 5 .   ? 11.207  3.883   12.297  1.00 42.23 ? 1429 HOH A O   1 
HETATM 840 O  O   . HOH G 5 .   ? 4.782   -8.223  -12.336 1.00 21.61 ? 1430 HOH A O   1 
HETATM 841 O  O   . HOH G 5 .   ? -9.402  -2.915  -0.340  1.00 16.60 ? 1431 HOH A O   1 
HETATM 842 O  O   . HOH G 5 .   ? -9.718  -5.165  -3.491  1.00 23.12 ? 1432 HOH A O   1 
HETATM 843 O  O   . HOH G 5 .   ? 6.742   -2.893  12.774  1.00 28.79 ? 1433 HOH A O   1 
HETATM 844 O  O   . HOH G 5 .   ? 6.593   -6.228  -12.141 1.00 40.00 ? 1434 HOH A O   1 
HETATM 845 O  O   . HOH G 5 .   ? 6.029   2.536   -6.207  1.00 23.43 ? 1435 HOH A O   1 
HETATM 846 O  O   . HOH G 5 .   ? 9.133   3.162   -4.701  1.00 27.50 ? 1436 HOH A O   1 
HETATM 847 O  O   . HOH G 5 .   ? 7.991   -9.861  -4.943  1.00 23.13 ? 1437 HOH A O   1 
HETATM 848 O  O   . HOH G 5 .   ? 0.728   -1.455  -14.774 1.00 29.14 ? 1438 HOH A O   1 
HETATM 849 O  O   . HOH G 5 .   ? 1.944   3.968   5.793   1.00 33.37 ? 1439 HOH A O   1 
HETATM 850 O  O   . HOH G 5 .   ? 2.457   -9.692  6.284   1.00 20.18 ? 1440 HOH A O   1 
HETATM 851 O  O   . HOH G 5 .   ? 3.522   1.844   13.739  1.00 29.17 ? 1441 HOH A O   1 
HETATM 852 O  O   . HOH G 5 .   ? 2.775   0.249   -13.780 1.00 30.64 ? 1442 HOH A O   1 
HETATM 853 O  O   . HOH G 5 .   ? 0.875   -13.074 -4.892  1.00 28.34 ? 1443 HOH A O   1 
HETATM 854 O  O   . HOH G 5 .   ? -16.598 4.861   -4.271  1.00 24.81 ? 1444 HOH A O   1 
HETATM 855 O  O   . HOH G 5 .   ? -7.515  -8.445  1.997   1.00 36.24 ? 1445 HOH A O   1 
HETATM 856 O  O   . HOH G 5 .   ? -11.440 10.809  2.839   1.00 24.51 ? 1446 HOH A O   1 
HETATM 857 O  O   . HOH G 5 .   ? -11.636 13.084  4.781   1.00 31.30 ? 1447 HOH A O   1 
HETATM 858 O  O   . HOH G 5 .   ? -9.604  2.533   14.665  1.00 40.62 ? 1448 HOH A O   1 
HETATM 859 O  O   . HOH G 5 .   ? -4.198  7.531   -6.871  1.00 32.89 ? 1449 HOH A O   1 
HETATM 860 O  O   . HOH G 5 .   ? -8.383  2.569   -13.944 1.00 35.03 ? 1450 HOH A O   1 
HETATM 861 O  O   . HOH G 5 .   ? 10.562  1.861   -1.314  1.00 21.02 ? 1451 HOH A O   1 
HETATM 862 O  O   . HOH G 5 .   ? 5.438   -8.969  -2.211  1.00 18.78 ? 1452 HOH A O   1 
HETATM 863 O  O   . HOH G 5 .   ? -17.793 8.952   -1.668  1.00 33.99 ? 1453 HOH A O   1 
HETATM 864 O  O   . HOH G 5 .   ? -7.310  12.295  7.058   1.00 20.20 ? 1454 HOH A O   1 
HETATM 865 O  O   . HOH G 5 .   ? -11.855 -4.568  7.221   1.00 26.33 ? 1455 HOH A O   1 
HETATM 866 O  O   . HOH G 5 .   ? 0.789   5.240   -14.020 1.00 38.33 ? 1456 HOH A O   1 
HETATM 867 O  O   . HOH G 5 .   ? 12.341  2.861   0.615   1.00 32.08 ? 1457 HOH A O   1 
HETATM 868 O  O   . HOH G 5 .   ? 5.422   0.308   -15.213 1.00 43.16 ? 1458 HOH A O   1 
HETATM 869 O  O   . HOH G 5 .   ? -3.694  8.596   -9.861  1.00 44.63 ? 1459 HOH A O   1 
HETATM 870 O  O   . HOH G 5 .   ? 11.753  -5.737  -8.864  1.00 30.65 ? 1460 HOH A O   1 
HETATM 871 O  O   . HOH G 5 .   ? 13.307  -12.328 0.028   1.00 24.01 ? 1461 HOH A O   1 
HETATM 872 O  O   . HOH G 5 .   ? 10.892  -12.534 9.389   1.00 35.91 ? 1462 HOH A O   1 
HETATM 873 O  O   . HOH G 5 .   ? 3.651   -10.013 -4.081  1.00 34.61 ? 1463 HOH A O   1 
HETATM 874 O  O   . HOH G 5 .   ? -3.745  -1.084  11.871  1.00 29.56 ? 1464 HOH A O   1 
HETATM 875 O  O   . HOH G 5 .   ? 8.683   -7.382  -13.377 1.00 35.19 ? 1465 HOH A O   1 
HETATM 876 O  O   . HOH G 5 .   ? 11.173  3.713   -3.140  1.00 34.87 ? 1466 HOH A O   1 
HETATM 877 O  O   . HOH G 5 .   ? 7.079   11.290  5.462   1.00 34.87 ? 1467 HOH A O   1 
HETATM 878 O  O   . HOH G 5 .   ? -10.340 6.388   12.020  1.00 22.37 ? 1468 HOH A O   1 
HETATM 879 O  O   . HOH G 5 .   ? 1.679   2.800   -15.136 1.00 42.34 ? 1469 HOH A O   1 
HETATM 880 O  O   . HOH G 5 .   ? 8.515   9.067   4.229   1.00 38.29 ? 1470 HOH A O   1 
HETATM 881 O  O   . HOH G 5 .   ? 14.366  -0.741  -2.820  1.00 36.26 ? 1471 HOH A O   1 
HETATM 882 O  O   . HOH G 5 .   ? 8.333   -16.210 10.280  1.00 22.69 ? 1472 HOH A O   1 
# 
loop_
_pdbx_poly_seq_scheme.asym_id 
_pdbx_poly_seq_scheme.entity_id 
_pdbx_poly_seq_scheme.seq_id 
_pdbx_poly_seq_scheme.mon_id 
_pdbx_poly_seq_scheme.ndb_seq_num 
_pdbx_poly_seq_scheme.pdb_seq_num 
_pdbx_poly_seq_scheme.auth_seq_num 
_pdbx_poly_seq_scheme.pdb_mon_id 
_pdbx_poly_seq_scheme.auth_mon_id 
_pdbx_poly_seq_scheme.pdb_strand_id 
_pdbx_poly_seq_scheme.pdb_ins_code 
_pdbx_poly_seq_scheme.hetero 
A 1 1   GLY 1   1107 ?    ?   ?   A . n 
A 1 2   SER 2   1108 ?    ?   ?   A . n 
A 1 3   PRO 3   1109 1109 PRO PRO A . n 
A 1 4   LEU 4   1110 1110 LEU LEU A . n 
A 1 5   PRO 5   1111 1111 PRO PRO A . n 
A 1 6   TRP 6   1112 1112 TRP TRP A . n 
A 1 7   CYS 7   1113 1113 CYS CYS A . n 
A 1 8   PRO 8   1114 1114 PRO PRO A . n 
A 1 9   HIS 9   1115 1115 HIS HIS A . n 
A 1 10  LEU 10  1116 1116 LEU LEU A . n 
A 1 11  VAL 11  1117 1117 VAL VAL A . n 
A 1 12  ALA 12  1118 1118 ALA ALA A . n 
A 1 13  VAL 13  1119 1119 VAL VAL A . n 
A 1 14  CYS 14  1120 1120 CYS CYS A . n 
A 1 15  PRO 15  1121 1121 PRO PRO A . n 
A 1 16  ILE 16  1122 1122 ILE ILE A . n 
A 1 17  PRO 17  1123 1123 PRO PRO A . n 
A 1 18  ALA 18  1124 1124 ALA ALA A . n 
A 1 19  ALA 19  1125 1125 ALA ALA A . n 
A 1 20  GLY 20  1126 1126 GLY GLY A . n 
A 1 21  LEU 21  1127 1127 LEU LEU A . n 
A 1 22  ASP 22  1128 1128 ASP ASP A . n 
A 1 23  VAL 23  1129 1129 VAL VAL A . n 
A 1 24  THR 24  1130 1130 THR THR A . n 
A 1 25  GLN 25  1131 1131 GLN GLN A . n 
A 1 26  PRO 26  1132 1132 PRO PRO A . n 
A 1 27  CYS 27  1133 1133 CYS CYS A . n 
A 1 28  GLY 28  1134 1134 GLY GLY A . n 
A 1 29  ASP 29  1135 1135 ASP ASP A . n 
A 1 30  CYS 30  1136 1136 CYS CYS A . n 
A 1 31  GLY 31  1137 1137 GLY GLY A . n 
A 1 32  THR 32  1138 1138 THR THR A . n 
A 1 33  ILE 33  1139 1139 ILE ILE A . n 
A 1 34  GLN 34  1140 1140 GLN GLN A . n 
A 1 35  GLU 35  1141 1141 GLU GLU A . n 
A 1 36  ASN 36  1142 1142 ASN ASN A . n 
A 1 37  TRP 37  1143 1143 TRP TRP A . n 
A 1 38  VAL 38  1144 1144 VAL VAL A . n 
A 1 39  CYS 39  1145 1145 CYS CYS A . n 
A 1 40  LEU 40  1146 1146 LEU LEU A . n 
A 1 41  SER 41  1147 1147 SER SER A . n 
A 1 42  CYS 42  1148 1148 CYS CYS A . n 
A 1 43  TYR 43  1149 1149 TYR TYR A . n 
A 1 44  GLN 44  1150 1150 GLN GLN A . n 
A 1 45  VAL 45  1151 1151 VAL VAL A . n 
A 1 46  TYR 46  1152 1152 TYR TYR A . n 
A 1 47  CYS 47  1153 1153 CYS CYS A . n 
A 1 48  GLY 48  1154 1154 GLY GLY A . n 
A 1 49  ARG 49  1155 1155 ARG ARG A . n 
A 1 50  TYR 50  1156 1156 TYR TYR A . n 
A 1 51  ILE 51  1157 1157 ILE ILE A . n 
A 1 52  ASN 52  1158 1158 ASN ASN A . n 
A 1 53  GLY 53  1159 1159 GLY GLY A . n 
A 1 54  HIS 54  1160 1160 HIS HIS A . n 
A 1 55  MET 55  1161 1161 MET MET A . n 
A 1 56  LEU 56  1162 1162 LEU LEU A . n 
A 1 57  GLN 57  1163 1163 GLN GLN A . n 
A 1 58  HIS 58  1164 1164 HIS HIS A . n 
A 1 59  HIS 59  1165 1165 HIS HIS A . n 
A 1 60  GLY 60  1166 1166 GLY GLY A . n 
A 1 61  ASN 61  1167 1167 ASN ASN A . n 
A 1 62  SER 62  1168 1168 SER SER A . n 
A 1 63  GLY 63  1169 1169 GLY GLY A . n 
A 1 64  HIS 64  1170 1170 HIS HIS A . n 
A 1 65  PRO 65  1171 1171 PRO PRO A . n 
A 1 66  LEU 66  1172 1172 LEU LEU A . n 
A 1 67  VAL 67  1173 1173 VAL VAL A . n 
A 1 68  LEU 68  1174 1174 LEU LEU A . n 
A 1 69  SER 69  1175 1175 SER SER A . n 
A 1 70  TYR 70  1176 1176 TYR TYR A . n 
A 1 71  ILE 71  1177 1177 ILE ILE A . n 
A 1 72  ASP 72  1178 1178 ASP ASP A . n 
A 1 73  LEU 73  1179 1179 LEU LEU A . n 
A 1 74  SER 74  1180 1180 SER SER A . n 
A 1 75  ALA 75  1181 1181 ALA ALA A . n 
A 1 76  TRP 76  1182 1182 TRP TRP A . n 
A 1 77  CYS 77  1183 1183 CYS CYS A . n 
A 1 78  TYR 78  1184 1184 TYR TYR A . n 
A 1 79  TYR 79  1185 1185 TYR TYR A . n 
A 1 80  CYS 80  1186 1186 CYS CYS A . n 
A 1 81  GLN 81  1187 1187 GLN GLN A . n 
A 1 82  ALA 82  1188 1188 ALA ALA A . n 
A 1 83  TYR 83  1189 1189 TYR TYR A . n 
A 1 84  VAL 84  1190 1190 VAL VAL A . n 
A 1 85  HIS 85  1191 1191 HIS HIS A . n 
A 1 86  HIS 86  1192 1192 HIS HIS A . n 
A 1 87  GLN 87  1193 1193 GLN GLN A . n 
A 1 88  ALA 88  1194 1194 ALA ALA A . n 
A 1 89  LEU 89  1195 1195 LEU LEU A . n 
A 1 90  LEU 90  1196 1196 LEU LEU A . n 
A 1 91  ASP 91  1197 1197 ASP ASP A . n 
A 1 92  VAL 92  1198 1198 VAL VAL A . n 
A 1 93  LYS 93  1199 1199 LYS LYS A . n 
A 1 94  ASN 94  1200 1200 ASN ASN A . n 
A 1 95  ILE 95  1201 1201 ILE ILE A . n 
A 1 96  ALA 96  1202 1202 ALA ALA A . n 
A 1 97  HIS 97  1203 1203 HIS HIS A . n 
A 1 98  GLN 98  1204 1204 GLN GLN A . n 
A 1 99  ASN 99  1205 1205 ASN ASN A . n 
A 1 100 LYS 100 1206 1206 LYS LYS A . n 
A 1 101 PHE 101 1207 1207 PHE PHE A . n 
A 1 102 GLY 102 1208 ?    ?   ?   A . n 
A 1 103 GLU 103 1209 ?    ?   ?   A . n 
A 1 104 ASP 104 1210 ?    ?   ?   A . n 
A 1 105 MET 105 1211 ?    ?   ?   A . n 
A 1 106 PRO 106 1212 ?    ?   ?   A . n 
A 1 107 HIS 107 1213 ?    ?   ?   A . n 
# 
_pdbx_SG_project.id                    1 
_pdbx_SG_project.project_name          ? 
_pdbx_SG_project.full_name_of_center   'Structural Genomics Consortium' 
_pdbx_SG_project.initial_of_center     SGC 
# 
loop_
_pdbx_nonpoly_scheme.asym_id 
_pdbx_nonpoly_scheme.entity_id 
_pdbx_nonpoly_scheme.mon_id 
_pdbx_nonpoly_scheme.ndb_seq_num 
_pdbx_nonpoly_scheme.pdb_seq_num 
_pdbx_nonpoly_scheme.auth_seq_num 
_pdbx_nonpoly_scheme.pdb_mon_id 
_pdbx_nonpoly_scheme.auth_mon_id 
_pdbx_nonpoly_scheme.pdb_strand_id 
_pdbx_nonpoly_scheme.pdb_ins_code 
B 2 ZN  1  1301 1301 ZN  ZN  A . 
C 2 ZN  1  1302 1302 ZN  ZN  A . 
D 2 ZN  1  1303 1303 ZN  ZN  A . 
E 3 EYA 1  1304 1    EYA 108 A . 
F 4 UNX 1  1305 1    UNX UNX A . 
G 5 HOH 1  1401 16   HOH HOH A . 
G 5 HOH 2  1402 1415 HOH HOH A . 
G 5 HOH 3  1403 57   HOH HOH A . 
G 5 HOH 4  1404 1412 HOH HOH A . 
G 5 HOH 5  1405 1421 HOH HOH A . 
G 5 HOH 6  1406 1417 HOH HOH A . 
G 5 HOH 7  1407 1409 HOH HOH A . 
G 5 HOH 8  1408 1410 HOH HOH A . 
G 5 HOH 9  1409 1418 HOH HOH A . 
G 5 HOH 10 1410 1425 HOH HOH A . 
G 5 HOH 11 1411 3    HOH HOH A . 
G 5 HOH 12 1412 1430 HOH HOH A . 
G 5 HOH 13 1413 46   HOH HOH A . 
G 5 HOH 14 1414 1432 HOH HOH A . 
G 5 HOH 15 1415 23   HOH HOH A . 
G 5 HOH 16 1416 51   HOH HOH A . 
G 5 HOH 17 1417 58   HOH HOH A . 
G 5 HOH 18 1418 4    HOH HOH A . 
G 5 HOH 19 1419 1459 HOH HOH A . 
G 5 HOH 20 1420 1413 HOH HOH A . 
G 5 HOH 21 1421 53   HOH HOH A . 
G 5 HOH 22 1422 1435 HOH HOH A . 
G 5 HOH 23 1423 1420 HOH HOH A . 
G 5 HOH 24 1424 1419 HOH HOH A . 
G 5 HOH 25 1425 1443 HOH HOH A . 
G 5 HOH 26 1426 41   HOH HOH A . 
G 5 HOH 27 1427 1407 HOH HOH A . 
G 5 HOH 28 1428 1439 HOH HOH A . 
G 5 HOH 29 1429 1451 HOH HOH A . 
G 5 HOH 30 1430 1428 HOH HOH A . 
G 5 HOH 31 1431 17   HOH HOH A . 
G 5 HOH 32 1432 24   HOH HOH A . 
G 5 HOH 33 1433 1416 HOH HOH A . 
G 5 HOH 34 1434 1411 HOH HOH A . 
G 5 HOH 35 1435 1447 HOH HOH A . 
G 5 HOH 36 1436 1446 HOH HOH A . 
G 5 HOH 37 1437 1444 HOH HOH A . 
G 5 HOH 38 1438 1424 HOH HOH A . 
G 5 HOH 39 1439 50   HOH HOH A . 
G 5 HOH 40 1440 49   HOH HOH A . 
G 5 HOH 41 1441 1427 HOH HOH A . 
G 5 HOH 42 1442 1461 HOH HOH A . 
G 5 HOH 43 1443 1406 HOH HOH A . 
G 5 HOH 44 1444 15   HOH HOH A . 
G 5 HOH 45 1445 59   HOH HOH A . 
G 5 HOH 46 1446 1437 HOH HOH A . 
G 5 HOH 47 1447 1455 HOH HOH A . 
G 5 HOH 48 1448 1429 HOH HOH A . 
G 5 HOH 49 1449 26   HOH HOH A . 
G 5 HOH 50 1450 25   HOH HOH A . 
G 5 HOH 51 1451 1460 HOH HOH A . 
G 5 HOH 52 1452 2    HOH HOH A . 
G 5 HOH 53 1453 52   HOH HOH A . 
G 5 HOH 54 1454 1440 HOH HOH A . 
G 5 HOH 55 1455 1462 HOH HOH A . 
G 5 HOH 56 1456 1463 HOH HOH A . 
G 5 HOH 57 1457 1458 HOH HOH A . 
G 5 HOH 58 1458 56   HOH HOH A . 
G 5 HOH 59 1459 1468 HOH HOH A . 
G 5 HOH 60 1460 1441 HOH HOH A . 
G 5 HOH 61 1461 1469 HOH HOH A . 
G 5 HOH 62 1462 22   HOH HOH A . 
G 5 HOH 63 1463 1    HOH HOH A . 
G 5 HOH 64 1464 1470 HOH HOH A . 
G 5 HOH 65 1465 1476 HOH HOH A . 
G 5 HOH 66 1466 1473 HOH HOH A . 
G 5 HOH 67 1467 54   HOH HOH A . 
G 5 HOH 68 1468 1478 HOH HOH A . 
G 5 HOH 69 1469 1475 HOH HOH A . 
G 5 HOH 70 1470 55   HOH HOH A . 
G 5 HOH 71 1471 1480 HOH HOH A . 
G 5 HOH 72 1472 18   HOH HOH A . 
# 
_pdbx_struct_assembly.id                   1 
_pdbx_struct_assembly.details              author_and_software_defined_assembly 
_pdbx_struct_assembly.method_details       PISA 
_pdbx_struct_assembly.oligomeric_details   monomeric 
_pdbx_struct_assembly.oligomeric_count     1 
# 
_pdbx_struct_assembly_gen.assembly_id       1 
_pdbx_struct_assembly_gen.oper_expression   1 
_pdbx_struct_assembly_gen.asym_id_list      A,B,C,D,E,F,G 
# 
loop_
_pdbx_struct_assembly_prop.biol_id 
_pdbx_struct_assembly_prop.type 
_pdbx_struct_assembly_prop.value 
_pdbx_struct_assembly_prop.details 
1 'ABSA (A^2)' 0    ? 
1 MORE         0    ? 
1 'SSA (A^2)'  5550 ? 
# 
_pdbx_struct_oper_list.id                   1 
_pdbx_struct_oper_list.type                 'identity operation' 
_pdbx_struct_oper_list.name                 1_555 
_pdbx_struct_oper_list.symmetry_operation   x,y,z 
_pdbx_struct_oper_list.matrix[1][1]         1.0000000000 
_pdbx_struct_oper_list.matrix[1][2]         0.0000000000 
_pdbx_struct_oper_list.matrix[1][3]         0.0000000000 
_pdbx_struct_oper_list.vector[1]            0.0000000000 
_pdbx_struct_oper_list.matrix[2][1]         0.0000000000 
_pdbx_struct_oper_list.matrix[2][2]         1.0000000000 
_pdbx_struct_oper_list.matrix[2][3]         0.0000000000 
_pdbx_struct_oper_list.vector[2]            0.0000000000 
_pdbx_struct_oper_list.matrix[3][1]         0.0000000000 
_pdbx_struct_oper_list.matrix[3][2]         0.0000000000 
_pdbx_struct_oper_list.matrix[3][3]         1.0000000000 
_pdbx_struct_oper_list.vector[3]            0.0000000000 
# 
loop_
_pdbx_struct_conn_angle.id 
_pdbx_struct_conn_angle.ptnr1_label_atom_id 
_pdbx_struct_conn_angle.ptnr1_label_alt_id 
_pdbx_struct_conn_angle.ptnr1_label_asym_id 
_pdbx_struct_conn_angle.ptnr1_label_comp_id 
_pdbx_struct_conn_angle.ptnr1_label_seq_id 
_pdbx_struct_conn_angle.ptnr1_auth_atom_id 
_pdbx_struct_conn_angle.ptnr1_auth_asym_id 
_pdbx_struct_conn_angle.ptnr1_auth_comp_id 
_pdbx_struct_conn_angle.ptnr1_auth_seq_id 
_pdbx_struct_conn_angle.ptnr1_PDB_ins_code 
_pdbx_struct_conn_angle.ptnr1_symmetry 
_pdbx_struct_conn_angle.ptnr2_label_atom_id 
_pdbx_struct_conn_angle.ptnr2_label_alt_id 
_pdbx_struct_conn_angle.ptnr2_label_asym_id 
_pdbx_struct_conn_angle.ptnr2_label_comp_id 
_pdbx_struct_conn_angle.ptnr2_label_seq_id 
_pdbx_struct_conn_angle.ptnr2_auth_atom_id 
_pdbx_struct_conn_angle.ptnr2_auth_asym_id 
_pdbx_struct_conn_angle.ptnr2_auth_comp_id 
_pdbx_struct_conn_angle.ptnr2_auth_seq_id 
_pdbx_struct_conn_angle.ptnr2_PDB_ins_code 
_pdbx_struct_conn_angle.ptnr2_symmetry 
_pdbx_struct_conn_angle.ptnr3_label_atom_id 
_pdbx_struct_conn_angle.ptnr3_label_alt_id 
_pdbx_struct_conn_angle.ptnr3_label_asym_id 
_pdbx_struct_conn_angle.ptnr3_label_comp_id 
_pdbx_struct_conn_angle.ptnr3_label_seq_id 
_pdbx_struct_conn_angle.ptnr3_auth_atom_id 
_pdbx_struct_conn_angle.ptnr3_auth_asym_id 
_pdbx_struct_conn_angle.ptnr3_auth_comp_id 
_pdbx_struct_conn_angle.ptnr3_auth_seq_id 
_pdbx_struct_conn_angle.ptnr3_PDB_ins_code 
_pdbx_struct_conn_angle.ptnr3_symmetry 
_pdbx_struct_conn_angle.value 
_pdbx_struct_conn_angle.value_esd 
1  SG  ? A CYS 7  ? A CYS 1113 ? 1_555 ZN ? D ZN . ? A ZN 1303 ? 1_555 ND1 ? A HIS 9  ? A HIS 1115 ? 1_555 111.0 ? 
2  SG  ? A CYS 7  ? A CYS 1113 ? 1_555 ZN ? D ZN . ? A ZN 1303 ? 1_555 SG  ? A CYS 77 ? A CYS 1183 ? 1_555 116.5 ? 
3  ND1 ? A HIS 9  ? A HIS 1115 ? 1_555 ZN ? D ZN . ? A ZN 1303 ? 1_555 SG  ? A CYS 77 ? A CYS 1183 ? 1_555 96.9  ? 
4  SG  ? A CYS 7  ? A CYS 1113 ? 1_555 ZN ? D ZN . ? A ZN 1303 ? 1_555 SG  ? A CYS 80 ? A CYS 1186 ? 1_555 113.5 ? 
5  ND1 ? A HIS 9  ? A HIS 1115 ? 1_555 ZN ? D ZN . ? A ZN 1303 ? 1_555 SG  ? A CYS 80 ? A CYS 1186 ? 1_555 104.9 ? 
6  SG  ? A CYS 77 ? A CYS 1183 ? 1_555 ZN ? D ZN . ? A ZN 1303 ? 1_555 SG  ? A CYS 80 ? A CYS 1186 ? 1_555 112.2 ? 
7  SG  ? A CYS 27 ? A CYS 1133 ? 1_555 ZN ? C ZN . ? A ZN 1302 ? 1_555 SG  ? A CYS 30 ? A CYS 1136 ? 1_555 111.0 ? 
8  SG  ? A CYS 27 ? A CYS 1133 ? 1_555 ZN ? C ZN . ? A ZN 1302 ? 1_555 SG  ? A CYS 47 ? A CYS 1153 ? 1_555 112.7 ? 
9  SG  ? A CYS 30 ? A CYS 1136 ? 1_555 ZN ? C ZN . ? A ZN 1302 ? 1_555 SG  ? A CYS 47 ? A CYS 1153 ? 1_555 114.3 ? 
10 SG  ? A CYS 27 ? A CYS 1133 ? 1_555 ZN ? C ZN . ? A ZN 1302 ? 1_555 ND1 ? A HIS 54 ? A HIS 1160 ? 1_555 108.3 ? 
11 SG  ? A CYS 30 ? A CYS 1136 ? 1_555 ZN ? C ZN . ? A ZN 1302 ? 1_555 ND1 ? A HIS 54 ? A HIS 1160 ? 1_555 108.7 ? 
12 SG  ? A CYS 47 ? A CYS 1153 ? 1_555 ZN ? C ZN . ? A ZN 1302 ? 1_555 ND1 ? A HIS 54 ? A HIS 1160 ? 1_555 101.2 ? 
13 SG  ? A CYS 39 ? A CYS 1145 ? 1_555 ZN ? B ZN . ? A ZN 1301 ? 1_555 SG  ? A CYS 42 ? A CYS 1148 ? 1_555 117.9 ? 
14 SG  ? A CYS 39 ? A CYS 1145 ? 1_555 ZN ? B ZN . ? A ZN 1301 ? 1_555 NE2 ? A HIS 58 ? A HIS 1164 ? 1_555 116.4 ? 
15 SG  ? A CYS 42 ? A CYS 1148 ? 1_555 ZN ? B ZN . ? A ZN 1301 ? 1_555 NE2 ? A HIS 58 ? A HIS 1164 ? 1_555 99.0  ? 
16 SG  ? A CYS 39 ? A CYS 1145 ? 1_555 ZN ? B ZN . ? A ZN 1301 ? 1_555 ND1 ? A HIS 64 ? A HIS 1170 ? 1_555 108.2 ? 
17 SG  ? A CYS 42 ? A CYS 1148 ? 1_555 ZN ? B ZN . ? A ZN 1301 ? 1_555 ND1 ? A HIS 64 ? A HIS 1170 ? 1_555 103.0 ? 
18 NE2 ? A HIS 58 ? A HIS 1164 ? 1_555 ZN ? B ZN . ? A ZN 1301 ? 1_555 ND1 ? A HIS 64 ? A HIS 1170 ? 1_555 111.5 ? 
# 
loop_
_pdbx_audit_revision_history.ordinal 
_pdbx_audit_revision_history.data_content_type 
_pdbx_audit_revision_history.major_revision 
_pdbx_audit_revision_history.minor_revision 
_pdbx_audit_revision_history.revision_date 
1 'Structure model' 1 0 2018-02-28 
2 'Structure model' 1 1 2018-05-16 
3 'Structure model' 1 2 2018-05-30 
4 'Structure model' 1 3 2023-10-04 
# 
_pdbx_audit_revision_details.ordinal             1 
_pdbx_audit_revision_details.revision_ordinal    1 
_pdbx_audit_revision_details.data_content_type   'Structure model' 
_pdbx_audit_revision_details.provider            repository 
_pdbx_audit_revision_details.type                'Initial release' 
_pdbx_audit_revision_details.description         ? 
_pdbx_audit_revision_details.details             ? 
# 
loop_
_pdbx_audit_revision_group.ordinal 
_pdbx_audit_revision_group.revision_ordinal 
_pdbx_audit_revision_group.data_content_type 
_pdbx_audit_revision_group.group 
1 2 'Structure model' 'Data collection'        
2 2 'Structure model' 'Database references'    
3 3 'Structure model' 'Data collection'        
4 3 'Structure model' 'Database references'    
5 4 'Structure model' 'Data collection'        
6 4 'Structure model' 'Database references'    
7 4 'Structure model' 'Refinement description' 
# 
loop_
_pdbx_audit_revision_category.ordinal 
_pdbx_audit_revision_category.revision_ordinal 
_pdbx_audit_revision_category.data_content_type 
_pdbx_audit_revision_category.category 
1 2 'Structure model' citation                      
2 2 'Structure model' citation_author               
3 3 'Structure model' citation                      
4 4 'Structure model' chem_comp_atom                
5 4 'Structure model' chem_comp_bond                
6 4 'Structure model' database_2                    
7 4 'Structure model' pdbx_initial_refinement_model 
# 
loop_
_pdbx_audit_revision_item.ordinal 
_pdbx_audit_revision_item.revision_ordinal 
_pdbx_audit_revision_item.data_content_type 
_pdbx_audit_revision_item.item 
1  2 'Structure model' '_citation.country'                   
2  2 'Structure model' '_citation.journal_abbrev'            
3  2 'Structure model' '_citation.journal_id_ASTM'           
4  2 'Structure model' '_citation.journal_id_CSD'            
5  2 'Structure model' '_citation.journal_id_ISSN'           
6  2 'Structure model' '_citation.pdbx_database_id_DOI'      
7  2 'Structure model' '_citation.pdbx_database_id_PubMed'   
8  2 'Structure model' '_citation.title'                     
9  2 'Structure model' '_citation.year'                      
10 3 'Structure model' '_citation.journal_volume'            
11 3 'Structure model' '_citation.page_first'                
12 3 'Structure model' '_citation.page_last'                 
13 4 'Structure model' '_database_2.pdbx_DOI'                
14 4 'Structure model' '_database_2.pdbx_database_accession' 
# 
loop_
_software.citation_id 
_software.classification 
_software.compiler_name 
_software.compiler_version 
_software.contact_author 
_software.contact_author_email 
_software.date 
_software.description 
_software.dependencies 
_software.hardware 
_software.language 
_software.location 
_software.mods 
_software.name 
_software.os 
_software.os_version 
_software.type 
_software.version 
_software.pdbx_ordinal 
? refinement        ? ? ? ? ? ? ? ? ? ? ? REFMAC      ? ? ? 5.8.0189 1 
? 'data scaling'    ? ? ? ? ? ? ? ? ? ? ? Aimless     ? ? ? 0.6.2    2 
? 'data extraction' ? ? ? ? ? ? ? ? ? ? ? PDB_EXTRACT ? ? ? 3.24     3 
? 'data reduction'  ? ? ? ? ? ? ? ? ? ? ? xia2        ? ? ? .        4 
# 
loop_
_pdbx_validate_rmsd_angle.id 
_pdbx_validate_rmsd_angle.PDB_model_num 
_pdbx_validate_rmsd_angle.auth_atom_id_1 
_pdbx_validate_rmsd_angle.auth_asym_id_1 
_pdbx_validate_rmsd_angle.auth_comp_id_1 
_pdbx_validate_rmsd_angle.auth_seq_id_1 
_pdbx_validate_rmsd_angle.PDB_ins_code_1 
_pdbx_validate_rmsd_angle.label_alt_id_1 
_pdbx_validate_rmsd_angle.auth_atom_id_2 
_pdbx_validate_rmsd_angle.auth_asym_id_2 
_pdbx_validate_rmsd_angle.auth_comp_id_2 
_pdbx_validate_rmsd_angle.auth_seq_id_2 
_pdbx_validate_rmsd_angle.PDB_ins_code_2 
_pdbx_validate_rmsd_angle.label_alt_id_2 
_pdbx_validate_rmsd_angle.auth_atom_id_3 
_pdbx_validate_rmsd_angle.auth_asym_id_3 
_pdbx_validate_rmsd_angle.auth_comp_id_3 
_pdbx_validate_rmsd_angle.auth_seq_id_3 
_pdbx_validate_rmsd_angle.PDB_ins_code_3 
_pdbx_validate_rmsd_angle.label_alt_id_3 
_pdbx_validate_rmsd_angle.angle_value 
_pdbx_validate_rmsd_angle.angle_target_value 
_pdbx_validate_rmsd_angle.angle_deviation 
_pdbx_validate_rmsd_angle.angle_standard_deviation 
_pdbx_validate_rmsd_angle.linker_flag 
1 1 NE A ARG 1155 ? B CZ A ARG 1155 ? B NH1 A ARG 1155 ? B 116.13 120.30 -4.17 0.50 N 
2 1 NE A ARG 1155 ? B CZ A ARG 1155 ? B NH2 A ARG 1155 ? B 124.29 120.30 3.99  0.50 N 
# 
loop_
_pdbx_validate_torsion.id 
_pdbx_validate_torsion.PDB_model_num 
_pdbx_validate_torsion.auth_comp_id 
_pdbx_validate_torsion.auth_asym_id 
_pdbx_validate_torsion.auth_seq_id 
_pdbx_validate_torsion.PDB_ins_code 
_pdbx_validate_torsion.label_alt_id 
_pdbx_validate_torsion.phi 
_pdbx_validate_torsion.psi 
1 1 ASP A 1135 ? A -94.64 -63.86  
2 1 ILE A 1157 ? ? -99.02 -100.23 
# 
loop_
_pdbx_unobs_or_zero_occ_atoms.id 
_pdbx_unobs_or_zero_occ_atoms.PDB_model_num 
_pdbx_unobs_or_zero_occ_atoms.polymer_flag 
_pdbx_unobs_or_zero_occ_atoms.occupancy_flag 
_pdbx_unobs_or_zero_occ_atoms.auth_asym_id 
_pdbx_unobs_or_zero_occ_atoms.auth_comp_id 
_pdbx_unobs_or_zero_occ_atoms.auth_seq_id 
_pdbx_unobs_or_zero_occ_atoms.PDB_ins_code 
_pdbx_unobs_or_zero_occ_atoms.auth_atom_id 
_pdbx_unobs_or_zero_occ_atoms.label_alt_id 
_pdbx_unobs_or_zero_occ_atoms.label_asym_id 
_pdbx_unobs_or_zero_occ_atoms.label_comp_id 
_pdbx_unobs_or_zero_occ_atoms.label_seq_id 
_pdbx_unobs_or_zero_occ_atoms.label_atom_id 
1 1 Y 1 A ILE 1122 ? CD1 ? A ILE 16 CD1 
2 1 Y 1 A LEU 1196 ? CG  ? A LEU 90 CG  
3 1 Y 1 A LEU 1196 ? CD1 ? A LEU 90 CD1 
4 1 Y 1 A LEU 1196 ? CD2 ? A LEU 90 CD2 
5 1 Y 1 A ILE 1201 ? CD1 ? A ILE 95 CD1 
6 1 Y 1 A GLN 1204 ? CD  ? A GLN 98 CD  
7 1 Y 1 A GLN 1204 ? OE1 ? A GLN 98 OE1 
8 1 Y 1 A GLN 1204 ? NE2 ? A GLN 98 NE2 
# 
loop_
_pdbx_unobs_or_zero_occ_residues.id 
_pdbx_unobs_or_zero_occ_residues.PDB_model_num 
_pdbx_unobs_or_zero_occ_residues.polymer_flag 
_pdbx_unobs_or_zero_occ_residues.occupancy_flag 
_pdbx_unobs_or_zero_occ_residues.auth_asym_id 
_pdbx_unobs_or_zero_occ_residues.auth_comp_id 
_pdbx_unobs_or_zero_occ_residues.auth_seq_id 
_pdbx_unobs_or_zero_occ_residues.PDB_ins_code 
_pdbx_unobs_or_zero_occ_residues.label_asym_id 
_pdbx_unobs_or_zero_occ_residues.label_comp_id 
_pdbx_unobs_or_zero_occ_residues.label_seq_id 
1 1 Y 1 A GLY 1107 ? A GLY 1   
2 1 Y 1 A SER 1108 ? A SER 2   
3 1 Y 1 A GLY 1208 ? A GLY 102 
4 1 Y 1 A GLU 1209 ? A GLU 103 
5 1 Y 1 A ASP 1210 ? A ASP 104 
6 1 Y 1 A MET 1211 ? A MET 105 
7 1 Y 1 A PRO 1212 ? A PRO 106 
8 1 Y 1 A HIS 1213 ? A HIS 107 
# 
loop_
_chem_comp_atom.comp_id 
_chem_comp_atom.atom_id 
_chem_comp_atom.type_symbol 
_chem_comp_atom.pdbx_aromatic_flag 
_chem_comp_atom.pdbx_stereo_config 
_chem_comp_atom.pdbx_ordinal 
ALA N    N  N N 1   
ALA CA   C  N S 2   
ALA C    C  N N 3   
ALA O    O  N N 4   
ALA CB   C  N N 5   
ALA OXT  O  N N 6   
ALA H    H  N N 7   
ALA H2   H  N N 8   
ALA HA   H  N N 9   
ALA HB1  H  N N 10  
ALA HB2  H  N N 11  
ALA HB3  H  N N 12  
ALA HXT  H  N N 13  
ARG N    N  N N 14  
ARG CA   C  N S 15  
ARG C    C  N N 16  
ARG O    O  N N 17  
ARG CB   C  N N 18  
ARG CG   C  N N 19  
ARG CD   C  N N 20  
ARG NE   N  N N 21  
ARG CZ   C  N N 22  
ARG NH1  N  N N 23  
ARG NH2  N  N N 24  
ARG OXT  O  N N 25  
ARG H    H  N N 26  
ARG H2   H  N N 27  
ARG HA   H  N N 28  
ARG HB2  H  N N 29  
ARG HB3  H  N N 30  
ARG HG2  H  N N 31  
ARG HG3  H  N N 32  
ARG HD2  H  N N 33  
ARG HD3  H  N N 34  
ARG HE   H  N N 35  
ARG HH11 H  N N 36  
ARG HH12 H  N N 37  
ARG HH21 H  N N 38  
ARG HH22 H  N N 39  
ARG HXT  H  N N 40  
ASN N    N  N N 41  
ASN CA   C  N S 42  
ASN C    C  N N 43  
ASN O    O  N N 44  
ASN CB   C  N N 45  
ASN CG   C  N N 46  
ASN OD1  O  N N 47  
ASN ND2  N  N N 48  
ASN OXT  O  N N 49  
ASN H    H  N N 50  
ASN H2   H  N N 51  
ASN HA   H  N N 52  
ASN HB2  H  N N 53  
ASN HB3  H  N N 54  
ASN HD21 H  N N 55  
ASN HD22 H  N N 56  
ASN HXT  H  N N 57  
ASP N    N  N N 58  
ASP CA   C  N S 59  
ASP C    C  N N 60  
ASP O    O  N N 61  
ASP CB   C  N N 62  
ASP CG   C  N N 63  
ASP OD1  O  N N 64  
ASP OD2  O  N N 65  
ASP OXT  O  N N 66  
ASP H    H  N N 67  
ASP H2   H  N N 68  
ASP HA   H  N N 69  
ASP HB2  H  N N 70  
ASP HB3  H  N N 71  
ASP HD2  H  N N 72  
ASP HXT  H  N N 73  
CYS N    N  N N 74  
CYS CA   C  N R 75  
CYS C    C  N N 76  
CYS O    O  N N 77  
CYS CB   C  N N 78  
CYS SG   S  N N 79  
CYS OXT  O  N N 80  
CYS H    H  N N 81  
CYS H2   H  N N 82  
CYS HA   H  N N 83  
CYS HB2  H  N N 84  
CYS HB3  H  N N 85  
CYS HG   H  N N 86  
CYS HXT  H  N N 87  
EYA C1   C  N N 88  
EYA C2   C  N N 89  
EYA C3   C  N N 90  
EYA C4   C  N N 91  
EYA C5   C  Y N 92  
EYA C6   C  Y N 93  
EYA C7   C  Y N 94  
EYA C8   C  Y N 95  
EYA O1   O  N N 96  
EYA N1   N  N N 97  
EYA N    N  N N 98  
EYA C    C  N N 99  
EYA O    O  N N 100 
EYA O2   O  N N 101 
EYA C11  C  N N 102 
EYA C10  C  Y N 103 
EYA C9   C  Y N 104 
EYA H1   H  N N 105 
EYA H2   H  N N 106 
EYA H3   H  N N 107 
EYA H4   H  N N 108 
EYA H5   H  N N 109 
EYA H6   H  N N 110 
EYA H7   H  N N 111 
EYA H8   H  N N 112 
EYA H9   H  N N 113 
EYA H10  H  N N 114 
EYA H11  H  N N 115 
EYA H12  H  N N 116 
GLN N    N  N N 117 
GLN CA   C  N S 118 
GLN C    C  N N 119 
GLN O    O  N N 120 
GLN CB   C  N N 121 
GLN CG   C  N N 122 
GLN CD   C  N N 123 
GLN OE1  O  N N 124 
GLN NE2  N  N N 125 
GLN OXT  O  N N 126 
GLN H    H  N N 127 
GLN H2   H  N N 128 
GLN HA   H  N N 129 
GLN HB2  H  N N 130 
GLN HB3  H  N N 131 
GLN HG2  H  N N 132 
GLN HG3  H  N N 133 
GLN HE21 H  N N 134 
GLN HE22 H  N N 135 
GLN HXT  H  N N 136 
GLU N    N  N N 137 
GLU CA   C  N S 138 
GLU C    C  N N 139 
GLU O    O  N N 140 
GLU CB   C  N N 141 
GLU CG   C  N N 142 
GLU CD   C  N N 143 
GLU OE1  O  N N 144 
GLU OE2  O  N N 145 
GLU OXT  O  N N 146 
GLU H    H  N N 147 
GLU H2   H  N N 148 
GLU HA   H  N N 149 
GLU HB2  H  N N 150 
GLU HB3  H  N N 151 
GLU HG2  H  N N 152 
GLU HG3  H  N N 153 
GLU HE2  H  N N 154 
GLU HXT  H  N N 155 
GLY N    N  N N 156 
GLY CA   C  N N 157 
GLY C    C  N N 158 
GLY O    O  N N 159 
GLY OXT  O  N N 160 
GLY H    H  N N 161 
GLY H2   H  N N 162 
GLY HA2  H  N N 163 
GLY HA3  H  N N 164 
GLY HXT  H  N N 165 
HIS N    N  N N 166 
HIS CA   C  N S 167 
HIS C    C  N N 168 
HIS O    O  N N 169 
HIS CB   C  N N 170 
HIS CG   C  Y N 171 
HIS ND1  N  Y N 172 
HIS CD2  C  Y N 173 
HIS CE1  C  Y N 174 
HIS NE2  N  Y N 175 
HIS OXT  O  N N 176 
HIS H    H  N N 177 
HIS H2   H  N N 178 
HIS HA   H  N N 179 
HIS HB2  H  N N 180 
HIS HB3  H  N N 181 
HIS HD1  H  N N 182 
HIS HD2  H  N N 183 
HIS HE1  H  N N 184 
HIS HE2  H  N N 185 
HIS HXT  H  N N 186 
HOH O    O  N N 187 
HOH H1   H  N N 188 
HOH H2   H  N N 189 
ILE N    N  N N 190 
ILE CA   C  N S 191 
ILE C    C  N N 192 
ILE O    O  N N 193 
ILE CB   C  N S 194 
ILE CG1  C  N N 195 
ILE CG2  C  N N 196 
ILE CD1  C  N N 197 
ILE OXT  O  N N 198 
ILE H    H  N N 199 
ILE H2   H  N N 200 
ILE HA   H  N N 201 
ILE HB   H  N N 202 
ILE HG12 H  N N 203 
ILE HG13 H  N N 204 
ILE HG21 H  N N 205 
ILE HG22 H  N N 206 
ILE HG23 H  N N 207 
ILE HD11 H  N N 208 
ILE HD12 H  N N 209 
ILE HD13 H  N N 210 
ILE HXT  H  N N 211 
LEU N    N  N N 212 
LEU CA   C  N S 213 
LEU C    C  N N 214 
LEU O    O  N N 215 
LEU CB   C  N N 216 
LEU CG   C  N N 217 
LEU CD1  C  N N 218 
LEU CD2  C  N N 219 
LEU OXT  O  N N 220 
LEU H    H  N N 221 
LEU H2   H  N N 222 
LEU HA   H  N N 223 
LEU HB2  H  N N 224 
LEU HB3  H  N N 225 
LEU HG   H  N N 226 
LEU HD11 H  N N 227 
LEU HD12 H  N N 228 
LEU HD13 H  N N 229 
LEU HD21 H  N N 230 
LEU HD22 H  N N 231 
LEU HD23 H  N N 232 
LEU HXT  H  N N 233 
LYS N    N  N N 234 
LYS CA   C  N S 235 
LYS C    C  N N 236 
LYS O    O  N N 237 
LYS CB   C  N N 238 
LYS CG   C  N N 239 
LYS CD   C  N N 240 
LYS CE   C  N N 241 
LYS NZ   N  N N 242 
LYS OXT  O  N N 243 
LYS H    H  N N 244 
LYS H2   H  N N 245 
LYS HA   H  N N 246 
LYS HB2  H  N N 247 
LYS HB3  H  N N 248 
LYS HG2  H  N N 249 
LYS HG3  H  N N 250 
LYS HD2  H  N N 251 
LYS HD3  H  N N 252 
LYS HE2  H  N N 253 
LYS HE3  H  N N 254 
LYS HZ1  H  N N 255 
LYS HZ2  H  N N 256 
LYS HZ3  H  N N 257 
LYS HXT  H  N N 258 
MET N    N  N N 259 
MET CA   C  N S 260 
MET C    C  N N 261 
MET O    O  N N 262 
MET CB   C  N N 263 
MET CG   C  N N 264 
MET SD   S  N N 265 
MET CE   C  N N 266 
MET OXT  O  N N 267 
MET H    H  N N 268 
MET H2   H  N N 269 
MET HA   H  N N 270 
MET HB2  H  N N 271 
MET HB3  H  N N 272 
MET HG2  H  N N 273 
MET HG3  H  N N 274 
MET HE1  H  N N 275 
MET HE2  H  N N 276 
MET HE3  H  N N 277 
MET HXT  H  N N 278 
PHE N    N  N N 279 
PHE CA   C  N S 280 
PHE C    C  N N 281 
PHE O    O  N N 282 
PHE CB   C  N N 283 
PHE CG   C  Y N 284 
PHE CD1  C  Y N 285 
PHE CD2  C  Y N 286 
PHE CE1  C  Y N 287 
PHE CE2  C  Y N 288 
PHE CZ   C  Y N 289 
PHE OXT  O  N N 290 
PHE H    H  N N 291 
PHE H2   H  N N 292 
PHE HA   H  N N 293 
PHE HB2  H  N N 294 
PHE HB3  H  N N 295 
PHE HD1  H  N N 296 
PHE HD2  H  N N 297 
PHE HE1  H  N N 298 
PHE HE2  H  N N 299 
PHE HZ   H  N N 300 
PHE HXT  H  N N 301 
PRO N    N  N N 302 
PRO CA   C  N S 303 
PRO C    C  N N 304 
PRO O    O  N N 305 
PRO CB   C  N N 306 
PRO CG   C  N N 307 
PRO CD   C  N N 308 
PRO OXT  O  N N 309 
PRO H    H  N N 310 
PRO HA   H  N N 311 
PRO HB2  H  N N 312 
PRO HB3  H  N N 313 
PRO HG2  H  N N 314 
PRO HG3  H  N N 315 
PRO HD2  H  N N 316 
PRO HD3  H  N N 317 
PRO HXT  H  N N 318 
SER N    N  N N 319 
SER CA   C  N S 320 
SER C    C  N N 321 
SER O    O  N N 322 
SER CB   C  N N 323 
SER OG   O  N N 324 
SER OXT  O  N N 325 
SER H    H  N N 326 
SER H2   H  N N 327 
SER HA   H  N N 328 
SER HB2  H  N N 329 
SER HB3  H  N N 330 
SER HG   H  N N 331 
SER HXT  H  N N 332 
THR N    N  N N 333 
THR CA   C  N S 334 
THR C    C  N N 335 
THR O    O  N N 336 
THR CB   C  N R 337 
THR OG1  O  N N 338 
THR CG2  C  N N 339 
THR OXT  O  N N 340 
THR H    H  N N 341 
THR H2   H  N N 342 
THR HA   H  N N 343 
THR HB   H  N N 344 
THR HG1  H  N N 345 
THR HG21 H  N N 346 
THR HG22 H  N N 347 
THR HG23 H  N N 348 
THR HXT  H  N N 349 
TRP N    N  N N 350 
TRP CA   C  N S 351 
TRP C    C  N N 352 
TRP O    O  N N 353 
TRP CB   C  N N 354 
TRP CG   C  Y N 355 
TRP CD1  C  Y N 356 
TRP CD2  C  Y N 357 
TRP NE1  N  Y N 358 
TRP CE2  C  Y N 359 
TRP CE3  C  Y N 360 
TRP CZ2  C  Y N 361 
TRP CZ3  C  Y N 362 
TRP CH2  C  Y N 363 
TRP OXT  O  N N 364 
TRP H    H  N N 365 
TRP H2   H  N N 366 
TRP HA   H  N N 367 
TRP HB2  H  N N 368 
TRP HB3  H  N N 369 
TRP HD1  H  N N 370 
TRP HE1  H  N N 371 
TRP HE3  H  N N 372 
TRP HZ2  H  N N 373 
TRP HZ3  H  N N 374 
TRP HH2  H  N N 375 
TRP HXT  H  N N 376 
TYR N    N  N N 377 
TYR CA   C  N S 378 
TYR C    C  N N 379 
TYR O    O  N N 380 
TYR CB   C  N N 381 
TYR CG   C  Y N 382 
TYR CD1  C  Y N 383 
TYR CD2  C  Y N 384 
TYR CE1  C  Y N 385 
TYR CE2  C  Y N 386 
TYR CZ   C  Y N 387 
TYR OH   O  N N 388 
TYR OXT  O  N N 389 
TYR H    H  N N 390 
TYR H2   H  N N 391 
TYR HA   H  N N 392 
TYR HB2  H  N N 393 
TYR HB3  H  N N 394 
TYR HD1  H  N N 395 
TYR HD2  H  N N 396 
TYR HE1  H  N N 397 
TYR HE2  H  N N 398 
TYR HH   H  N N 399 
TYR HXT  H  N N 400 
VAL N    N  N N 401 
VAL CA   C  N S 402 
VAL C    C  N N 403 
VAL O    O  N N 404 
VAL CB   C  N N 405 
VAL CG1  C  N N 406 
VAL CG2  C  N N 407 
VAL OXT  O  N N 408 
VAL H    H  N N 409 
VAL H2   H  N N 410 
VAL HA   H  N N 411 
VAL HB   H  N N 412 
VAL HG11 H  N N 413 
VAL HG12 H  N N 414 
VAL HG13 H  N N 415 
VAL HG21 H  N N 416 
VAL HG22 H  N N 417 
VAL HG23 H  N N 418 
VAL HXT  H  N N 419 
ZN  ZN   ZN N N 420 
# 
loop_
_chem_comp_bond.comp_id 
_chem_comp_bond.atom_id_1 
_chem_comp_bond.atom_id_2 
_chem_comp_bond.value_order 
_chem_comp_bond.pdbx_aromatic_flag 
_chem_comp_bond.pdbx_stereo_config 
_chem_comp_bond.pdbx_ordinal 
ALA N   CA   sing N N 1   
ALA N   H    sing N N 2   
ALA N   H2   sing N N 3   
ALA CA  C    sing N N 4   
ALA CA  CB   sing N N 5   
ALA CA  HA   sing N N 6   
ALA C   O    doub N N 7   
ALA C   OXT  sing N N 8   
ALA CB  HB1  sing N N 9   
ALA CB  HB2  sing N N 10  
ALA CB  HB3  sing N N 11  
ALA OXT HXT  sing N N 12  
ARG N   CA   sing N N 13  
ARG N   H    sing N N 14  
ARG N   H2   sing N N 15  
ARG CA  C    sing N N 16  
ARG CA  CB   sing N N 17  
ARG CA  HA   sing N N 18  
ARG C   O    doub N N 19  
ARG C   OXT  sing N N 20  
ARG CB  CG   sing N N 21  
ARG CB  HB2  sing N N 22  
ARG CB  HB3  sing N N 23  
ARG CG  CD   sing N N 24  
ARG CG  HG2  sing N N 25  
ARG CG  HG3  sing N N 26  
ARG CD  NE   sing N N 27  
ARG CD  HD2  sing N N 28  
ARG CD  HD3  sing N N 29  
ARG NE  CZ   sing N N 30  
ARG NE  HE   sing N N 31  
ARG CZ  NH1  sing N N 32  
ARG CZ  NH2  doub N N 33  
ARG NH1 HH11 sing N N 34  
ARG NH1 HH12 sing N N 35  
ARG NH2 HH21 sing N N 36  
ARG NH2 HH22 sing N N 37  
ARG OXT HXT  sing N N 38  
ASN N   CA   sing N N 39  
ASN N   H    sing N N 40  
ASN N   H2   sing N N 41  
ASN CA  C    sing N N 42  
ASN CA  CB   sing N N 43  
ASN CA  HA   sing N N 44  
ASN C   O    doub N N 45  
ASN C   OXT  sing N N 46  
ASN CB  CG   sing N N 47  
ASN CB  HB2  sing N N 48  
ASN CB  HB3  sing N N 49  
ASN CG  OD1  doub N N 50  
ASN CG  ND2  sing N N 51  
ASN ND2 HD21 sing N N 52  
ASN ND2 HD22 sing N N 53  
ASN OXT HXT  sing N N 54  
ASP N   CA   sing N N 55  
ASP N   H    sing N N 56  
ASP N   H2   sing N N 57  
ASP CA  C    sing N N 58  
ASP CA  CB   sing N N 59  
ASP CA  HA   sing N N 60  
ASP C   O    doub N N 61  
ASP C   OXT  sing N N 62  
ASP CB  CG   sing N N 63  
ASP CB  HB2  sing N N 64  
ASP CB  HB3  sing N N 65  
ASP CG  OD1  doub N N 66  
ASP CG  OD2  sing N N 67  
ASP OD2 HD2  sing N N 68  
ASP OXT HXT  sing N N 69  
CYS N   CA   sing N N 70  
CYS N   H    sing N N 71  
CYS N   H2   sing N N 72  
CYS CA  C    sing N N 73  
CYS CA  CB   sing N N 74  
CYS CA  HA   sing N N 75  
CYS C   O    doub N N 76  
CYS C   OXT  sing N N 77  
CYS CB  SG   sing N N 78  
CYS CB  HB2  sing N N 79  
CYS CB  HB3  sing N N 80  
CYS SG  HG   sing N N 81  
CYS OXT HXT  sing N N 82  
EYA C7  C8   doub Y N 83  
EYA C7  C6   sing Y N 84  
EYA C8  C9   sing Y N 85  
EYA C6  C5   doub Y N 86  
EYA C9  C10  doub Y N 87  
EYA C5  C10  sing Y N 88  
EYA C5  N1   sing N N 89  
EYA C10 C11  sing N N 90  
EYA N1  C1   doub N N 91  
EYA C11 O2   doub N N 92  
EYA C11 N    sing N N 93  
EYA O1  C4   doub N N 94  
EYA C1  N    sing N N 95  
EYA C1  C2   sing N N 96  
EYA N   C    sing N N 97  
EYA C3  C4   sing N N 98  
EYA C3  C2   sing N N 99  
EYA C4  O    sing N N 100 
EYA C2  H1   sing N N 101 
EYA C2  H2   sing N N 102 
EYA C3  H3   sing N N 103 
EYA C3  H4   sing N N 104 
EYA C6  H5   sing N N 105 
EYA C7  H6   sing N N 106 
EYA C8  H7   sing N N 107 
EYA C   H8   sing N N 108 
EYA C   H9   sing N N 109 
EYA C   H10  sing N N 110 
EYA O   H11  sing N N 111 
EYA C9  H12  sing N N 112 
GLN N   CA   sing N N 113 
GLN N   H    sing N N 114 
GLN N   H2   sing N N 115 
GLN CA  C    sing N N 116 
GLN CA  CB   sing N N 117 
GLN CA  HA   sing N N 118 
GLN C   O    doub N N 119 
GLN C   OXT  sing N N 120 
GLN CB  CG   sing N N 121 
GLN CB  HB2  sing N N 122 
GLN CB  HB3  sing N N 123 
GLN CG  CD   sing N N 124 
GLN CG  HG2  sing N N 125 
GLN CG  HG3  sing N N 126 
GLN CD  OE1  doub N N 127 
GLN CD  NE2  sing N N 128 
GLN NE2 HE21 sing N N 129 
GLN NE2 HE22 sing N N 130 
GLN OXT HXT  sing N N 131 
GLU N   CA   sing N N 132 
GLU N   H    sing N N 133 
GLU N   H2   sing N N 134 
GLU CA  C    sing N N 135 
GLU CA  CB   sing N N 136 
GLU CA  HA   sing N N 137 
GLU C   O    doub N N 138 
GLU C   OXT  sing N N 139 
GLU CB  CG   sing N N 140 
GLU CB  HB2  sing N N 141 
GLU CB  HB3  sing N N 142 
GLU CG  CD   sing N N 143 
GLU CG  HG2  sing N N 144 
GLU CG  HG3  sing N N 145 
GLU CD  OE1  doub N N 146 
GLU CD  OE2  sing N N 147 
GLU OE2 HE2  sing N N 148 
GLU OXT HXT  sing N N 149 
GLY N   CA   sing N N 150 
GLY N   H    sing N N 151 
GLY N   H2   sing N N 152 
GLY CA  C    sing N N 153 
GLY CA  HA2  sing N N 154 
GLY CA  HA3  sing N N 155 
GLY C   O    doub N N 156 
GLY C   OXT  sing N N 157 
GLY OXT HXT  sing N N 158 
HIS N   CA   sing N N 159 
HIS N   H    sing N N 160 
HIS N   H2   sing N N 161 
HIS CA  C    sing N N 162 
HIS CA  CB   sing N N 163 
HIS CA  HA   sing N N 164 
HIS C   O    doub N N 165 
HIS C   OXT  sing N N 166 
HIS CB  CG   sing N N 167 
HIS CB  HB2  sing N N 168 
HIS CB  HB3  sing N N 169 
HIS CG  ND1  sing Y N 170 
HIS CG  CD2  doub Y N 171 
HIS ND1 CE1  doub Y N 172 
HIS ND1 HD1  sing N N 173 
HIS CD2 NE2  sing Y N 174 
HIS CD2 HD2  sing N N 175 
HIS CE1 NE2  sing Y N 176 
HIS CE1 HE1  sing N N 177 
HIS NE2 HE2  sing N N 178 
HIS OXT HXT  sing N N 179 
HOH O   H1   sing N N 180 
HOH O   H2   sing N N 181 
ILE N   CA   sing N N 182 
ILE N   H    sing N N 183 
ILE N   H2   sing N N 184 
ILE CA  C    sing N N 185 
ILE CA  CB   sing N N 186 
ILE CA  HA   sing N N 187 
ILE C   O    doub N N 188 
ILE C   OXT  sing N N 189 
ILE CB  CG1  sing N N 190 
ILE CB  CG2  sing N N 191 
ILE CB  HB   sing N N 192 
ILE CG1 CD1  sing N N 193 
ILE CG1 HG12 sing N N 194 
ILE CG1 HG13 sing N N 195 
ILE CG2 HG21 sing N N 196 
ILE CG2 HG22 sing N N 197 
ILE CG2 HG23 sing N N 198 
ILE CD1 HD11 sing N N 199 
ILE CD1 HD12 sing N N 200 
ILE CD1 HD13 sing N N 201 
ILE OXT HXT  sing N N 202 
LEU N   CA   sing N N 203 
LEU N   H    sing N N 204 
LEU N   H2   sing N N 205 
LEU CA  C    sing N N 206 
LEU CA  CB   sing N N 207 
LEU CA  HA   sing N N 208 
LEU C   O    doub N N 209 
LEU C   OXT  sing N N 210 
LEU CB  CG   sing N N 211 
LEU CB  HB2  sing N N 212 
LEU CB  HB3  sing N N 213 
LEU CG  CD1  sing N N 214 
LEU CG  CD2  sing N N 215 
LEU CG  HG   sing N N 216 
LEU CD1 HD11 sing N N 217 
LEU CD1 HD12 sing N N 218 
LEU CD1 HD13 sing N N 219 
LEU CD2 HD21 sing N N 220 
LEU CD2 HD22 sing N N 221 
LEU CD2 HD23 sing N N 222 
LEU OXT HXT  sing N N 223 
LYS N   CA   sing N N 224 
LYS N   H    sing N N 225 
LYS N   H2   sing N N 226 
LYS CA  C    sing N N 227 
LYS CA  CB   sing N N 228 
LYS CA  HA   sing N N 229 
LYS C   O    doub N N 230 
LYS C   OXT  sing N N 231 
LYS CB  CG   sing N N 232 
LYS CB  HB2  sing N N 233 
LYS CB  HB3  sing N N 234 
LYS CG  CD   sing N N 235 
LYS CG  HG2  sing N N 236 
LYS CG  HG3  sing N N 237 
LYS CD  CE   sing N N 238 
LYS CD  HD2  sing N N 239 
LYS CD  HD3  sing N N 240 
LYS CE  NZ   sing N N 241 
LYS CE  HE2  sing N N 242 
LYS CE  HE3  sing N N 243 
LYS NZ  HZ1  sing N N 244 
LYS NZ  HZ2  sing N N 245 
LYS NZ  HZ3  sing N N 246 
LYS OXT HXT  sing N N 247 
MET N   CA   sing N N 248 
MET N   H    sing N N 249 
MET N   H2   sing N N 250 
MET CA  C    sing N N 251 
MET CA  CB   sing N N 252 
MET CA  HA   sing N N 253 
MET C   O    doub N N 254 
MET C   OXT  sing N N 255 
MET CB  CG   sing N N 256 
MET CB  HB2  sing N N 257 
MET CB  HB3  sing N N 258 
MET CG  SD   sing N N 259 
MET CG  HG2  sing N N 260 
MET CG  HG3  sing N N 261 
MET SD  CE   sing N N 262 
MET CE  HE1  sing N N 263 
MET CE  HE2  sing N N 264 
MET CE  HE3  sing N N 265 
MET OXT HXT  sing N N 266 
PHE N   CA   sing N N 267 
PHE N   H    sing N N 268 
PHE N   H2   sing N N 269 
PHE CA  C    sing N N 270 
PHE CA  CB   sing N N 271 
PHE CA  HA   sing N N 272 
PHE C   O    doub N N 273 
PHE C   OXT  sing N N 274 
PHE CB  CG   sing N N 275 
PHE CB  HB2  sing N N 276 
PHE CB  HB3  sing N N 277 
PHE CG  CD1  doub Y N 278 
PHE CG  CD2  sing Y N 279 
PHE CD1 CE1  sing Y N 280 
PHE CD1 HD1  sing N N 281 
PHE CD2 CE2  doub Y N 282 
PHE CD2 HD2  sing N N 283 
PHE CE1 CZ   doub Y N 284 
PHE CE1 HE1  sing N N 285 
PHE CE2 CZ   sing Y N 286 
PHE CE2 HE2  sing N N 287 
PHE CZ  HZ   sing N N 288 
PHE OXT HXT  sing N N 289 
PRO N   CA   sing N N 290 
PRO N   CD   sing N N 291 
PRO N   H    sing N N 292 
PRO CA  C    sing N N 293 
PRO CA  CB   sing N N 294 
PRO CA  HA   sing N N 295 
PRO C   O    doub N N 296 
PRO C   OXT  sing N N 297 
PRO CB  CG   sing N N 298 
PRO CB  HB2  sing N N 299 
PRO CB  HB3  sing N N 300 
PRO CG  CD   sing N N 301 
PRO CG  HG2  sing N N 302 
PRO CG  HG3  sing N N 303 
PRO CD  HD2  sing N N 304 
PRO CD  HD3  sing N N 305 
PRO OXT HXT  sing N N 306 
SER N   CA   sing N N 307 
SER N   H    sing N N 308 
SER N   H2   sing N N 309 
SER CA  C    sing N N 310 
SER CA  CB   sing N N 311 
SER CA  HA   sing N N 312 
SER C   O    doub N N 313 
SER C   OXT  sing N N 314 
SER CB  OG   sing N N 315 
SER CB  HB2  sing N N 316 
SER CB  HB3  sing N N 317 
SER OG  HG   sing N N 318 
SER OXT HXT  sing N N 319 
THR N   CA   sing N N 320 
THR N   H    sing N N 321 
THR N   H2   sing N N 322 
THR CA  C    sing N N 323 
THR CA  CB   sing N N 324 
THR CA  HA   sing N N 325 
THR C   O    doub N N 326 
THR C   OXT  sing N N 327 
THR CB  OG1  sing N N 328 
THR CB  CG2  sing N N 329 
THR CB  HB   sing N N 330 
THR OG1 HG1  sing N N 331 
THR CG2 HG21 sing N N 332 
THR CG2 HG22 sing N N 333 
THR CG2 HG23 sing N N 334 
THR OXT HXT  sing N N 335 
TRP N   CA   sing N N 336 
TRP N   H    sing N N 337 
TRP N   H2   sing N N 338 
TRP CA  C    sing N N 339 
TRP CA  CB   sing N N 340 
TRP CA  HA   sing N N 341 
TRP C   O    doub N N 342 
TRP C   OXT  sing N N 343 
TRP CB  CG   sing N N 344 
TRP CB  HB2  sing N N 345 
TRP CB  HB3  sing N N 346 
TRP CG  CD1  doub Y N 347 
TRP CG  CD2  sing Y N 348 
TRP CD1 NE1  sing Y N 349 
TRP CD1 HD1  sing N N 350 
TRP CD2 CE2  doub Y N 351 
TRP CD2 CE3  sing Y N 352 
TRP NE1 CE2  sing Y N 353 
TRP NE1 HE1  sing N N 354 
TRP CE2 CZ2  sing Y N 355 
TRP CE3 CZ3  doub Y N 356 
TRP CE3 HE3  sing N N 357 
TRP CZ2 CH2  doub Y N 358 
TRP CZ2 HZ2  sing N N 359 
TRP CZ3 CH2  sing Y N 360 
TRP CZ3 HZ3  sing N N 361 
TRP CH2 HH2  sing N N 362 
TRP OXT HXT  sing N N 363 
TYR N   CA   sing N N 364 
TYR N   H    sing N N 365 
TYR N   H2   sing N N 366 
TYR CA  C    sing N N 367 
TYR CA  CB   sing N N 368 
TYR CA  HA   sing N N 369 
TYR C   O    doub N N 370 
TYR C   OXT  sing N N 371 
TYR CB  CG   sing N N 372 
TYR CB  HB2  sing N N 373 
TYR CB  HB3  sing N N 374 
TYR CG  CD1  doub Y N 375 
TYR CG  CD2  sing Y N 376 
TYR CD1 CE1  sing Y N 377 
TYR CD1 HD1  sing N N 378 
TYR CD2 CE2  doub Y N 379 
TYR CD2 HD2  sing N N 380 
TYR CE1 CZ   doub Y N 381 
TYR CE1 HE1  sing N N 382 
TYR CE2 CZ   sing Y N 383 
TYR CE2 HE2  sing N N 384 
TYR CZ  OH   sing N N 385 
TYR OH  HH   sing N N 386 
TYR OXT HXT  sing N N 387 
VAL N   CA   sing N N 388 
VAL N   H    sing N N 389 
VAL N   H2   sing N N 390 
VAL CA  C    sing N N 391 
VAL CA  CB   sing N N 392 
VAL CA  HA   sing N N 393 
VAL C   O    doub N N 394 
VAL C   OXT  sing N N 395 
VAL CB  CG1  sing N N 396 
VAL CB  CG2  sing N N 397 
VAL CB  HB   sing N N 398 
VAL CG1 HG11 sing N N 399 
VAL CG1 HG12 sing N N 400 
VAL CG1 HG13 sing N N 401 
VAL CG2 HG21 sing N N 402 
VAL CG2 HG22 sing N N 403 
VAL CG2 HG23 sing N N 404 
VAL OXT HXT  sing N N 405 
# 
loop_
_pdbx_entity_nonpoly.entity_id 
_pdbx_entity_nonpoly.name 
_pdbx_entity_nonpoly.comp_id 
2 'ZINC ION'                                                    ZN  
3 '3-(3-methyl-4-oxo-3,4-dihydroquinazolin-2-yl)propanoic acid' EYA 
4 'UNKNOWN ATOM OR ION'                                         UNX 
5 water                                                         HOH 
# 
_pdbx_initial_refinement_model.id               1 
_pdbx_initial_refinement_model.entity_id_list   ? 
_pdbx_initial_refinement_model.type             'experimental model' 
_pdbx_initial_refinement_model.source_name      PDB 
_pdbx_initial_refinement_model.accession_code   5KH3 
_pdbx_initial_refinement_model.details          'pdbid 5KH3' 
# 
_pdbx_struct_assembly_auth_evidence.id                     1 
_pdbx_struct_assembly_auth_evidence.assembly_id            1 
_pdbx_struct_assembly_auth_evidence.experimental_support   'gel filtration' 
_pdbx_struct_assembly_auth_evidence.details                ? 
# 
